data_1UQX
# 
_entry.id   1UQX 
# 
_audit_conform.dict_name       mmcif_pdbx.dic 
_audit_conform.dict_version    5.382 
_audit_conform.dict_location   http://mmcif.pdb.org/dictionaries/ascii/mmcif_pdbx.dic 
# 
loop_
_database_2.database_id 
_database_2.database_code 
_database_2.pdbx_database_accession 
_database_2.pdbx_DOI 
PDB   1UQX         pdb_00001uqx 10.2210/pdb1uqx/pdb 
PDBE  EBI-13804    ?            ?                   
WWPDB D_1290013804 ?            ?                   
# 
_pdbx_database_status.status_code                     REL 
_pdbx_database_status.entry_id                        1UQX 
_pdbx_database_status.deposit_site                    PDBE 
_pdbx_database_status.process_site                    PDBE 
_pdbx_database_status.SG_entry                        . 
_pdbx_database_status.recvd_initial_deposition_date   2003-10-22 
_pdbx_database_status.pdb_format_compatible           Y 
_pdbx_database_status.status_code_sf                  REL 
_pdbx_database_status.status_code_mr                  ? 
_pdbx_database_status.status_code_cs                  ? 
_pdbx_database_status.methods_development_category    ? 
_pdbx_database_status.status_code_nmr_data            ? 
# 
loop_
_audit_author.name 
_audit_author.pdbx_ordinal 
'Mitchell, E.P.' 1 
'Wimmerova, M.'  2 
'Imberty, A.'    3 
# 
_citation.id                        primary 
_citation.title                     
;A New Ralstonia Solanacearum High-Affinity Mannose-Binding Lectin Rs-Iil Structurally Resembling the Pseudomonas Aeruginosa Fucose-Specific Lectin Pa-Iil
;
_citation.journal_abbrev            Mol.Microbiol. 
_citation.journal_volume            52 
_citation.page_first                691 
_citation.page_last                 ? 
_citation.year                      2004 
_citation.journal_id_ASTM           MOMIEE 
_citation.country                   UK 
_citation.journal_id_ISSN           0950-382X 
_citation.journal_id_CSD            2007 
_citation.book_publisher            ? 
_citation.pdbx_database_id_PubMed   15101976 
_citation.pdbx_database_id_DOI      10.1111/J.1365-2958.2004.04020.X 
# 
loop_
_citation_author.citation_id 
_citation_author.name 
_citation_author.ordinal 
_citation_author.identifier_ORCID 
primary 'Sudakevitz, D.'    1 ? 
primary 'Kostlanova, N.'    2 ? 
primary 'Blatman-Jan, G.'   3 ? 
primary 'Mitchell, E.P.'    4 ? 
primary 'Lerrer, B.'        5 ? 
primary 'Wimmerova, M.'     6 ? 
primary 'Katcoff, D.J.'     7 ? 
primary 'Imberty, A.'       8 ? 
primary 'Gilboa-Garber, N.' 9 ? 
# 
_cell.entry_id           1UQX 
_cell.length_a           59.132 
_cell.length_b           61.707 
_cell.length_c           74.788 
_cell.angle_alpha        90.00 
_cell.angle_beta         90.00 
_cell.angle_gamma        90.00 
_cell.Z_PDB              8 
_cell.pdbx_unique_axis   ? 
# 
_symmetry.entry_id                         1UQX 
_symmetry.space_group_name_H-M             'I 2 2 2' 
_symmetry.pdbx_full_space_group_name_H-M   ? 
_symmetry.cell_setting                     ? 
_symmetry.Int_Tables_number                23 
# 
loop_
_entity.id 
_entity.type 
_entity.src_method 
_entity.pdbx_description 
_entity.formula_weight 
_entity.pdbx_number_of_molecules 
_entity.pdbx_ec 
_entity.pdbx_mutation 
_entity.pdbx_fragment 
_entity.details 
1 polymer     nat LECTIN                           11607.798 1   ? ? ? ? 
2 non-polymer syn 'CALCIUM ION'                    40.078    2   ? ? ? ? 
3 non-polymer man 'methyl alpha-D-mannopyranoside' 194.182   1   ? ? ? ? 
4 water       nat water                            18.015    178 ? ? ? ? 
# 
_entity_name_com.entity_id   1 
_entity_name_com.name        'HYPOTHETICAL PROTEIN RSC3288' 
# 
_entity_poly.entity_id                      1 
_entity_poly.type                           'polypeptide(L)' 
_entity_poly.nstd_linkage                   no 
_entity_poly.nstd_monomer                   no 
_entity_poly.pdbx_seq_one_letter_code       
;AQQGVFTLPANTSFGVTAFANAANTQTIQVLVDNVVKATFTGSGTSDKLLGSQVLNSGSGAIKIQVSVNGKPSDLVSNQT
ILANKLNFAMVGSEDGTDNDYNDGIAVLNWPLG
;
_entity_poly.pdbx_seq_one_letter_code_can   
;AQQGVFTLPANTSFGVTAFANAANTQTIQVLVDNVVKATFTGSGTSDKLLGSQVLNSGSGAIKIQVSVNGKPSDLVSNQT
ILANKLNFAMVGSEDGTDNDYNDGIAVLNWPLG
;
_entity_poly.pdbx_strand_id                 A 
_entity_poly.pdbx_target_identifier         ? 
# 
loop_
_entity_poly_seq.entity_id 
_entity_poly_seq.num 
_entity_poly_seq.mon_id 
_entity_poly_seq.hetero 
1 1   ALA n 
1 2   GLN n 
1 3   GLN n 
1 4   GLY n 
1 5   VAL n 
1 6   PHE n 
1 7   THR n 
1 8   LEU n 
1 9   PRO n 
1 10  ALA n 
1 11  ASN n 
1 12  THR n 
1 13  SER n 
1 14  PHE n 
1 15  GLY n 
1 16  VAL n 
1 17  THR n 
1 18  ALA n 
1 19  PHE n 
1 20  ALA n 
1 21  ASN n 
1 22  ALA n 
1 23  ALA n 
1 24  ASN n 
1 25  THR n 
1 26  GLN n 
1 27  THR n 
1 28  ILE n 
1 29  GLN n 
1 30  VAL n 
1 31  LEU n 
1 32  VAL n 
1 33  ASP n 
1 34  ASN n 
1 35  VAL n 
1 36  VAL n 
1 37  LYS n 
1 38  ALA n 
1 39  THR n 
1 40  PHE n 
1 41  THR n 
1 42  GLY n 
1 43  SER n 
1 44  GLY n 
1 45  THR n 
1 46  SER n 
1 47  ASP n 
1 48  LYS n 
1 49  LEU n 
1 50  LEU n 
1 51  GLY n 
1 52  SER n 
1 53  GLN n 
1 54  VAL n 
1 55  LEU n 
1 56  ASN n 
1 57  SER n 
1 58  GLY n 
1 59  SER n 
1 60  GLY n 
1 61  ALA n 
1 62  ILE n 
1 63  LYS n 
1 64  ILE n 
1 65  GLN n 
1 66  VAL n 
1 67  SER n 
1 68  VAL n 
1 69  ASN n 
1 70  GLY n 
1 71  LYS n 
1 72  PRO n 
1 73  SER n 
1 74  ASP n 
1 75  LEU n 
1 76  VAL n 
1 77  SER n 
1 78  ASN n 
1 79  GLN n 
1 80  THR n 
1 81  ILE n 
1 82  LEU n 
1 83  ALA n 
1 84  ASN n 
1 85  LYS n 
1 86  LEU n 
1 87  ASN n 
1 88  PHE n 
1 89  ALA n 
1 90  MET n 
1 91  VAL n 
1 92  GLY n 
1 93  SER n 
1 94  GLU n 
1 95  ASP n 
1 96  GLY n 
1 97  THR n 
1 98  ASP n 
1 99  ASN n 
1 100 ASP n 
1 101 TYR n 
1 102 ASN n 
1 103 ASP n 
1 104 GLY n 
1 105 ILE n 
1 106 ALA n 
1 107 VAL n 
1 108 LEU n 
1 109 ASN n 
1 110 TRP n 
1 111 PRO n 
1 112 LEU n 
1 113 GLY n 
# 
_entity_src_nat.entity_id                  1 
_entity_src_nat.pdbx_src_id                1 
_entity_src_nat.pdbx_alt_source_flag       sample 
_entity_src_nat.pdbx_beg_seq_num           ? 
_entity_src_nat.pdbx_end_seq_num           ? 
_entity_src_nat.common_name                ? 
_entity_src_nat.pdbx_organism_scientific   'RALSTONIA SOLANACEARUM' 
_entity_src_nat.pdbx_ncbi_taxonomy_id      305 
_entity_src_nat.genus                      ? 
_entity_src_nat.species                    ? 
_entity_src_nat.strain                     ? 
_entity_src_nat.tissue                     ? 
_entity_src_nat.tissue_fraction            ? 
_entity_src_nat.pdbx_secretion             ? 
_entity_src_nat.pdbx_fragment              ? 
_entity_src_nat.pdbx_variant               ? 
_entity_src_nat.pdbx_cell_line             ? 
_entity_src_nat.pdbx_atcc                  11696 
_entity_src_nat.pdbx_cellular_location     ? 
_entity_src_nat.pdbx_organ                 ? 
_entity_src_nat.pdbx_organelle             ? 
_entity_src_nat.pdbx_cell                  ? 
_entity_src_nat.pdbx_plasmid_name          ? 
_entity_src_nat.pdbx_plasmid_details       ? 
_entity_src_nat.details                    ? 
# 
_struct_ref.id                         1 
_struct_ref.db_name                    UNP 
_struct_ref.db_code                    Q8XUA5 
_struct_ref.entity_id                  1 
_struct_ref.pdbx_seq_one_letter_code   ? 
_struct_ref.pdbx_align_begin           ? 
_struct_ref.pdbx_db_accession          Q8XUA5 
_struct_ref.pdbx_db_isoform            ? 
# 
_struct_ref_seq.align_id                      1 
_struct_ref_seq.ref_id                        1 
_struct_ref_seq.pdbx_PDB_id_code              1UQX 
_struct_ref_seq.pdbx_strand_id                A 
_struct_ref_seq.seq_align_beg                 1 
_struct_ref_seq.pdbx_seq_align_beg_ins_code   ? 
_struct_ref_seq.seq_align_end                 113 
_struct_ref_seq.pdbx_seq_align_end_ins_code   ? 
_struct_ref_seq.pdbx_db_accession             Q8XUA5 
_struct_ref_seq.db_align_beg                  2 
_struct_ref_seq.pdbx_db_align_beg_ins_code    ? 
_struct_ref_seq.db_align_end                  114 
_struct_ref_seq.pdbx_db_align_end_ins_code    ? 
_struct_ref_seq.pdbx_auth_seq_align_beg       1 
_struct_ref_seq.pdbx_auth_seq_align_end       113 
# 
loop_
_chem_comp.id 
_chem_comp.type 
_chem_comp.mon_nstd_flag 
_chem_comp.name 
_chem_comp.pdbx_synonyms 
_chem_comp.formula 
_chem_comp.formula_weight 
ALA 'L-peptide linking' y ALANINE                          ? 'C3 H7 N O2'     89.093  
ASN 'L-peptide linking' y ASPARAGINE                       ? 'C4 H8 N2 O3'    132.118 
ASP 'L-peptide linking' y 'ASPARTIC ACID'                  ? 'C4 H7 N O4'     133.103 
CA  non-polymer         . 'CALCIUM ION'                    ? 'Ca 2'           40.078  
GLN 'L-peptide linking' y GLUTAMINE                        ? 'C5 H10 N2 O3'   146.144 
GLU 'L-peptide linking' y 'GLUTAMIC ACID'                  ? 'C5 H9 N O4'     147.129 
GLY 'peptide linking'   y GLYCINE                          ? 'C2 H5 N O2'     75.067  
HOH non-polymer         . WATER                            ? 'H2 O'           18.015  
ILE 'L-peptide linking' y ISOLEUCINE                       ? 'C6 H13 N O2'    131.173 
LEU 'L-peptide linking' y LEUCINE                          ? 'C6 H13 N O2'    131.173 
LYS 'L-peptide linking' y LYSINE                           ? 'C6 H15 N2 O2 1' 147.195 
MET 'L-peptide linking' y METHIONINE                       ? 'C5 H11 N O2 S'  149.211 
MMA D-saccharide        n 'methyl alpha-D-mannopyranoside' 
'O1-METHYL-MANNOSE; methyl alpha-D-mannoside; methyl D-mannoside; methyl mannoside' 'C7 H14 O6'      194.182 
PHE 'L-peptide linking' y PHENYLALANINE                    ? 'C9 H11 N O2'    165.189 
PRO 'L-peptide linking' y PROLINE                          ? 'C5 H9 N O2'     115.130 
SER 'L-peptide linking' y SERINE                           ? 'C3 H7 N O3'     105.093 
THR 'L-peptide linking' y THREONINE                        ? 'C4 H9 N O3'     119.119 
TRP 'L-peptide linking' y TRYPTOPHAN                       ? 'C11 H12 N2 O2'  204.225 
TYR 'L-peptide linking' y TYROSINE                         ? 'C9 H11 N O3'    181.189 
VAL 'L-peptide linking' y VALINE                           ? 'C5 H11 N O2'    117.146 
# 
_exptl.entry_id          1UQX 
_exptl.method            'X-RAY DIFFRACTION' 
_exptl.crystals_number   1 
# 
_exptl_crystal.id                    1 
_exptl_crystal.density_meas          ? 
_exptl_crystal.density_Matthews      2.23 
_exptl_crystal.density_percent_sol   44.3 
_exptl_crystal.description           ? 
# 
_exptl_crystal_grow.crystal_id      1 
_exptl_crystal_grow.method          ? 
_exptl_crystal_grow.temp            ? 
_exptl_crystal_grow.temp_details    ? 
_exptl_crystal_grow.pH              8.20 
_exptl_crystal_grow.pdbx_pH_range   ? 
_exptl_crystal_grow.pdbx_details    'PEG 1000, TRIS BUFFER, PH 8.2' 
# 
_diffrn.id                     1 
_diffrn.ambient_temp           100.0 
_diffrn.ambient_temp_details   ? 
_diffrn.crystal_id             1 
# 
_diffrn_detector.diffrn_id              1 
_diffrn_detector.detector               CCD 
_diffrn_detector.type                   'ADSC CCD' 
_diffrn_detector.pdbx_collection_date   2003-07-17 
_diffrn_detector.details                'TOROIDAL MIRROR' 
# 
_diffrn_radiation.diffrn_id                        1 
_diffrn_radiation.wavelength_id                    1 
_diffrn_radiation.pdbx_monochromatic_or_laue_m_l   M 
_diffrn_radiation.monochromator                    'SINGLE CRYSTAL' 
_diffrn_radiation.pdbx_diffrn_protocol             'SINGLE WAVELENGTH' 
_diffrn_radiation.pdbx_scattering_type             x-ray 
# 
_diffrn_radiation_wavelength.id           1 
_diffrn_radiation_wavelength.wavelength   0.933 
_diffrn_radiation_wavelength.wt           1.0 
# 
_diffrn_source.diffrn_id                   1 
_diffrn_source.source                      SYNCHROTRON 
_diffrn_source.type                        'ESRF BEAMLINE ID14-2' 
_diffrn_source.pdbx_synchrotron_site       ESRF 
_diffrn_source.pdbx_synchrotron_beamline   ID14-2 
_diffrn_source.pdbx_wavelength             0.933 
_diffrn_source.pdbx_wavelength_list        ? 
# 
_reflns.pdbx_diffrn_id               1 
_reflns.pdbx_ordinal                 1 
_reflns.entry_id                     1UQX 
_reflns.observed_criterion_sigma_I   ? 
_reflns.observed_criterion_sigma_F   ? 
_reflns.d_resolution_low             28.130 
_reflns.d_resolution_high            1.700 
_reflns.number_obs                   15416 
_reflns.number_all                   ? 
_reflns.percent_possible_obs         96.5 
_reflns.pdbx_Rmerge_I_obs            ? 
_reflns.pdbx_Rsym_value              0.05000 
_reflns.pdbx_netI_over_sigmaI        10.5000 
_reflns.B_iso_Wilson_estimate        ? 
_reflns.pdbx_redundancy              4.300 
# 
_reflns_shell.pdbx_diffrn_id         1 
_reflns_shell.pdbx_ordinal           1 
_reflns_shell.d_res_high             1.70 
_reflns_shell.d_res_low              1.76 
_reflns_shell.percent_possible_all   86.6 
_reflns_shell.Rmerge_I_obs           ? 
_reflns_shell.pdbx_Rsym_value        0.17300 
_reflns_shell.meanI_over_sigI_obs    3.870 
_reflns_shell.pdbx_redundancy        2.36 
# 
_refine.pdbx_refine_id                           'X-RAY DIFFRACTION' 
_refine.entry_id                                 1UQX 
_refine.pdbx_diffrn_id                           1 
_refine.pdbx_TLS_residual_ADP_flag               ? 
_refine.ls_number_reflns_obs                     14127 
_refine.ls_number_reflns_all                     ? 
_refine.pdbx_ls_sigma_I                          ? 
_refine.pdbx_ls_sigma_F                          ? 
_refine.pdbx_data_cutoff_high_absF               ? 
_refine.pdbx_data_cutoff_low_absF                ? 
_refine.pdbx_data_cutoff_high_rms_absF           ? 
_refine.ls_d_res_low                             28.17 
_refine.ls_d_res_high                            1.70 
_refine.ls_percent_reflns_obs                    96.5 
_refine.ls_R_factor_obs                          0.118 
_refine.ls_R_factor_all                          ? 
_refine.ls_R_factor_R_work                       0.116 
_refine.ls_R_factor_R_free                       0.139 
_refine.ls_R_factor_R_free_error                 ? 
_refine.ls_R_factor_R_free_error_details         ? 
_refine.ls_percent_reflns_R_free                 5.000 
_refine.ls_number_reflns_R_free                  745 
_refine.ls_number_parameters                     ? 
_refine.ls_number_restraints                     ? 
_refine.occupancy_min                            ? 
_refine.occupancy_max                            ? 
_refine.correlation_coeff_Fo_to_Fc               0.976 
_refine.correlation_coeff_Fo_to_Fc_free          0.971 
_refine.B_iso_mean                               10.14 
_refine.aniso_B[1][1]                            -0.29000 
_refine.aniso_B[2][2]                            0.49000 
_refine.aniso_B[3][3]                            -0.20000 
_refine.aniso_B[1][2]                            0.00000 
_refine.aniso_B[1][3]                            0.00000 
_refine.aniso_B[2][3]                            0.00000 
_refine.solvent_model_details                    'BABINET MODEL PLUS MASK' 
_refine.solvent_model_param_ksol                 ? 
_refine.solvent_model_param_bsol                 ? 
_refine.pdbx_solvent_vdw_probe_radii             1.40 
_refine.pdbx_solvent_ion_probe_radii             0.80 
_refine.pdbx_solvent_shrinkage_radii             0.80 
_refine.pdbx_ls_cross_valid_method               THROUGHOUT 
_refine.details                                  'HYDROGENS HAVE BEEN ADDED IN THE RIDING POSITIONS' 
_refine.pdbx_starting_model                      'PDB ENTRY 1GZT' 
_refine.pdbx_method_to_determine_struct          'MOLECULAR REPLACEMENT' 
_refine.pdbx_isotropic_thermal_model             ? 
_refine.pdbx_stereochemistry_target_values       'MAXIMUM LIKELIHOOD' 
_refine.pdbx_stereochem_target_val_spec_case     ? 
_refine.pdbx_R_Free_selection_details            RANDOM 
_refine.pdbx_overall_ESU_R                       0.067 
_refine.pdbx_overall_ESU_R_Free                  0.067 
_refine.overall_SU_ML                            0.040 
_refine.pdbx_overall_phase_error                 ? 
_refine.overall_SU_B                             1.201 
_refine.overall_SU_R_Cruickshank_DPI             ? 
_refine.pdbx_overall_SU_R_free_Cruickshank_DPI   ? 
_refine.pdbx_overall_SU_R_Blow_DPI               ? 
_refine.pdbx_overall_SU_R_free_Blow_DPI          ? 
# 
_refine_hist.pdbx_refine_id                   'X-RAY DIFFRACTION' 
_refine_hist.cycle_id                         LAST 
_refine_hist.pdbx_number_atoms_protein        817 
_refine_hist.pdbx_number_atoms_nucleic_acid   0 
_refine_hist.pdbx_number_atoms_ligand         15 
_refine_hist.number_atoms_solvent             178 
_refine_hist.number_atoms_total               1010 
_refine_hist.d_res_high                       1.70 
_refine_hist.d_res_low                        28.17 
# 
loop_
_refine_ls_restr.type 
_refine_ls_restr.dev_ideal 
_refine_ls_restr.dev_ideal_target 
_refine_ls_restr.weight 
_refine_ls_restr.number 
_refine_ls_restr.pdbx_refine_id 
_refine_ls_restr.pdbx_restraint_function 
r_bond_refined_d             0.018 0.021 ? 893  'X-RAY DIFFRACTION' ? 
r_bond_other_d               0.003 0.020 ? 776  'X-RAY DIFFRACTION' ? 
r_angle_refined_deg          1.661 1.950 ? 1225 'X-RAY DIFFRACTION' ? 
r_angle_other_deg            1.592 3.000 ? 1824 'X-RAY DIFFRACTION' ? 
r_dihedral_angle_1_deg       6.663 5.000 ? 124  'X-RAY DIFFRACTION' ? 
r_dihedral_angle_2_deg       ?     ?     ? ?    'X-RAY DIFFRACTION' ? 
r_dihedral_angle_3_deg       ?     ?     ? ?    'X-RAY DIFFRACTION' ? 
r_dihedral_angle_4_deg       ?     ?     ? ?    'X-RAY DIFFRACTION' ? 
r_chiral_restr               0.112 0.200 ? 150  'X-RAY DIFFRACTION' ? 
r_gen_planes_refined         0.007 0.020 ? 1044 'X-RAY DIFFRACTION' ? 
r_gen_planes_other           0.002 0.020 ? 155  'X-RAY DIFFRACTION' ? 
r_nbd_refined                0.238 0.200 ? 144  'X-RAY DIFFRACTION' ? 
r_nbd_other                  0.269 0.200 ? 912  'X-RAY DIFFRACTION' ? 
r_nbtor_refined              ?     ?     ? ?    'X-RAY DIFFRACTION' ? 
r_nbtor_other                0.095 0.200 ? 591  'X-RAY DIFFRACTION' ? 
r_xyhbond_nbd_refined        0.170 0.200 ? 112  'X-RAY DIFFRACTION' ? 
r_xyhbond_nbd_other          ?     ?     ? ?    'X-RAY DIFFRACTION' ? 
r_metal_ion_refined          0.055 0.200 ? 7    'X-RAY DIFFRACTION' ? 
r_metal_ion_other            ?     ?     ? ?    'X-RAY DIFFRACTION' ? 
r_symmetry_vdw_refined       0.263 0.200 ? 12   'X-RAY DIFFRACTION' ? 
r_symmetry_vdw_other         0.225 0.200 ? 40   'X-RAY DIFFRACTION' ? 
r_symmetry_hbond_refined     0.236 0.200 ? 15   'X-RAY DIFFRACTION' ? 
r_symmetry_hbond_other       ?     ?     ? ?    'X-RAY DIFFRACTION' ? 
r_symmetry_metal_ion_refined ?     ?     ? ?    'X-RAY DIFFRACTION' ? 
r_symmetry_metal_ion_other   ?     ?     ? ?    'X-RAY DIFFRACTION' ? 
r_mcbond_it                  0.852 1.500 ? 592  'X-RAY DIFFRACTION' ? 
r_mcbond_other               ?     ?     ? ?    'X-RAY DIFFRACTION' ? 
r_mcangle_it                 1.559 2.000 ? 958  'X-RAY DIFFRACTION' ? 
r_mcangle_other              ?     ?     ? ?    'X-RAY DIFFRACTION' ? 
r_scbond_it                  2.662 3.000 ? 301  'X-RAY DIFFRACTION' ? 
r_scbond_other               ?     ?     ? ?    'X-RAY DIFFRACTION' ? 
r_scangle_it                 4.254 4.500 ? 267  'X-RAY DIFFRACTION' ? 
r_scangle_other              ?     ?     ? ?    'X-RAY DIFFRACTION' ? 
r_long_range_B_refined       ?     ?     ? ?    'X-RAY DIFFRACTION' ? 
r_long_range_B_other         ?     ?     ? ?    'X-RAY DIFFRACTION' ? 
r_rigid_bond_restr           ?     ?     ? ?    'X-RAY DIFFRACTION' ? 
r_sphericity_free            ?     ?     ? ?    'X-RAY DIFFRACTION' ? 
r_sphericity_bonded          ?     ?     ? ?    'X-RAY DIFFRACTION' ? 
# 
_refine_ls_shell.pdbx_refine_id                   'X-RAY DIFFRACTION' 
_refine_ls_shell.pdbx_total_number_of_bins_used   20 
_refine_ls_shell.d_res_high                       1.70 
_refine_ls_shell.d_res_low                        1.74 
_refine_ls_shell.number_reflns_R_work             894 
_refine_ls_shell.R_factor_R_work                  0.1680 
_refine_ls_shell.percent_reflns_obs               ? 
_refine_ls_shell.R_factor_R_free                  0.2020 
_refine_ls_shell.R_factor_R_free_error            ? 
_refine_ls_shell.percent_reflns_R_free            ? 
_refine_ls_shell.number_reflns_R_free             57 
_refine_ls_shell.number_reflns_all                ? 
_refine_ls_shell.R_factor_all                     ? 
# 
_struct.entry_id                  1UQX 
_struct.title                     'Ralstonia solanacearum lectin (RS-IIL) in complex with alpha-methylmannoside' 
_struct.pdbx_model_details        ? 
_struct.pdbx_CASP_flag            ? 
_struct.pdbx_model_type_details   ? 
# 
_struct_keywords.entry_id        1UQX 
_struct_keywords.pdbx_keywords   'SUGAR BINDING PROTEIN' 
_struct_keywords.text            'LECTIN, SUGAR-BINDING PROTEIN, ALPHA-METHYL-MANNOSIDE, SUGAR BINDING PROTEIN' 
# 
loop_
_struct_asym.id 
_struct_asym.pdbx_blank_PDB_chainid_flag 
_struct_asym.pdbx_modified 
_struct_asym.entity_id 
_struct_asym.details 
A N N 1 ? 
B N N 2 ? 
C N N 2 ? 
D N N 3 ? 
E N N 4 ? 
# 
_struct_biol.id   1 
# 
loop_
_struct_conn.id 
_struct_conn.conn_type_id 
_struct_conn.pdbx_leaving_atom_flag 
_struct_conn.pdbx_PDB_id 
_struct_conn.ptnr1_label_asym_id 
_struct_conn.ptnr1_label_comp_id 
_struct_conn.ptnr1_label_seq_id 
_struct_conn.ptnr1_label_atom_id 
_struct_conn.pdbx_ptnr1_label_alt_id 
_struct_conn.pdbx_ptnr1_PDB_ins_code 
_struct_conn.pdbx_ptnr1_standard_comp_id 
_struct_conn.ptnr1_symmetry 
_struct_conn.ptnr2_label_asym_id 
_struct_conn.ptnr2_label_comp_id 
_struct_conn.ptnr2_label_seq_id 
_struct_conn.ptnr2_label_atom_id 
_struct_conn.pdbx_ptnr2_label_alt_id 
_struct_conn.pdbx_ptnr2_PDB_ins_code 
_struct_conn.ptnr1_auth_asym_id 
_struct_conn.ptnr1_auth_comp_id 
_struct_conn.ptnr1_auth_seq_id 
_struct_conn.ptnr2_auth_asym_id 
_struct_conn.ptnr2_auth_comp_id 
_struct_conn.ptnr2_auth_seq_id 
_struct_conn.ptnr2_symmetry 
_struct_conn.pdbx_ptnr3_label_atom_id 
_struct_conn.pdbx_ptnr3_label_seq_id 
_struct_conn.pdbx_ptnr3_label_comp_id 
_struct_conn.pdbx_ptnr3_label_asym_id 
_struct_conn.pdbx_ptnr3_label_alt_id 
_struct_conn.pdbx_ptnr3_PDB_ins_code 
_struct_conn.details 
_struct_conn.pdbx_dist_value 
_struct_conn.pdbx_value_order 
_struct_conn.pdbx_role 
metalc1  metalc ? ? A ASN 21  O   ? ? ? 1_555 B CA  . CA ? ? A ASN 21   A CA  1114 1_555 ? ? ? ? ? ? ? 2.311 ? ? 
metalc2  metalc ? ? A GLU 94  OE1 ? ? ? 1_555 C CA  . CA ? ? A GLU 94   A CA  1115 1_555 ? ? ? ? ? ? ? 2.466 ? ? 
metalc3  metalc ? ? A GLU 94  OE2 ? ? ? 1_555 C CA  . CA ? ? A GLU 94   A CA  1115 1_555 ? ? ? ? ? ? ? 2.386 ? ? 
metalc4  metalc ? ? A ASP 98  OD1 ? ? ? 1_555 C CA  . CA ? ? A ASP 98   A CA  1115 1_555 ? ? ? ? ? ? ? 2.360 ? ? 
metalc5  metalc ? ? A ASP 100 OD1 ? ? ? 1_555 B CA  . CA ? ? A ASP 100  A CA  1114 1_555 ? ? ? ? ? ? ? 3.084 ? ? 
metalc6  metalc ? ? A ASP 100 OD2 ? ? ? 1_555 B CA  . CA ? ? A ASP 100  A CA  1114 1_555 ? ? ? ? ? ? ? 2.437 ? ? 
metalc7  metalc ? ? A ASP 100 OD1 ? ? ? 1_555 C CA  . CA ? ? A ASP 100  A CA  1115 1_555 ? ? ? ? ? ? ? 2.379 ? ? 
metalc8  metalc ? ? A ASN 102 OD1 ? ? ? 1_555 B CA  . CA ? ? A ASN 102  A CA  1114 1_555 ? ? ? ? ? ? ? 2.416 ? ? 
metalc9  metalc ? ? A ASP 103 OD1 ? ? ? 1_555 B CA  . CA ? ? A ASP 103  A CA  1114 1_555 ? ? ? ? ? ? ? 2.371 ? ? 
metalc10 metalc ? ? A ASP 103 OD1 ? ? ? 1_555 C CA  . CA ? ? A ASP 103  A CA  1115 1_555 ? ? ? ? ? ? ? 2.640 ? ? 
metalc11 metalc ? ? A ASP 103 OD2 ? ? ? 1_555 C CA  . CA ? ? A ASP 103  A CA  1115 1_555 ? ? ? ? ? ? ? 2.408 ? ? 
metalc12 metalc ? ? A GLY 113 O   ? ? ? 1_555 B CA  . CA ? ? A GLY 113  A CA  1114 3_555 ? ? ? ? ? ? ? 2.390 ? ? 
metalc13 metalc ? ? B CA  .   CA  ? ? ? 1_555 D MMA . O2 ? ? A CA  1114 A MMA 1116 1_555 ? ? ? ? ? ? ? 2.508 ? ? 
metalc14 metalc ? ? B CA  .   CA  ? ? ? 1_555 D MMA . O3 ? ? A CA  1114 A MMA 1116 1_555 ? ? ? ? ? ? ? 2.501 ? ? 
metalc15 metalc ? ? C CA  .   CA  ? ? ? 1_555 D MMA . O3 ? ? A CA  1115 A MMA 1116 1_555 ? ? ? ? ? ? ? 2.522 ? ? 
metalc16 metalc ? ? C CA  .   CA  ? ? ? 1_555 D MMA . O4 ? ? A CA  1115 A MMA 1116 1_555 ? ? ? ? ? ? ? 2.547 ? ? 
# 
_struct_conn_type.id          metalc 
_struct_conn_type.criteria    ? 
_struct_conn_type.reference   ? 
# 
_struct_mon_prot_cis.pdbx_id                1 
_struct_mon_prot_cis.label_comp_id          TRP 
_struct_mon_prot_cis.label_seq_id           110 
_struct_mon_prot_cis.label_asym_id          A 
_struct_mon_prot_cis.label_alt_id           . 
_struct_mon_prot_cis.pdbx_PDB_ins_code      ? 
_struct_mon_prot_cis.auth_comp_id           TRP 
_struct_mon_prot_cis.auth_seq_id            110 
_struct_mon_prot_cis.auth_asym_id           A 
_struct_mon_prot_cis.pdbx_label_comp_id_2   PRO 
_struct_mon_prot_cis.pdbx_label_seq_id_2    111 
_struct_mon_prot_cis.pdbx_label_asym_id_2   A 
_struct_mon_prot_cis.pdbx_PDB_ins_code_2    ? 
_struct_mon_prot_cis.pdbx_auth_comp_id_2    PRO 
_struct_mon_prot_cis.pdbx_auth_seq_id_2     111 
_struct_mon_prot_cis.pdbx_auth_asym_id_2    A 
_struct_mon_prot_cis.pdbx_PDB_model_num     1 
_struct_mon_prot_cis.pdbx_omega_angle       -4.99 
# 
loop_
_struct_sheet.id 
_struct_sheet.type 
_struct_sheet.number_strands 
_struct_sheet.details 
AA ? 4 ? 
AB ? 5 ? 
# 
loop_
_struct_sheet_order.sheet_id 
_struct_sheet_order.range_id_1 
_struct_sheet_order.range_id_2 
_struct_sheet_order.offset 
_struct_sheet_order.sense 
AA 1 2 ? anti-parallel 
AA 2 3 ? anti-parallel 
AA 3 4 ? anti-parallel 
AB 1 2 ? anti-parallel 
AB 2 3 ? anti-parallel 
AB 3 4 ? anti-parallel 
AB 4 5 ? anti-parallel 
# 
loop_
_struct_sheet_range.sheet_id 
_struct_sheet_range.id 
_struct_sheet_range.beg_label_comp_id 
_struct_sheet_range.beg_label_asym_id 
_struct_sheet_range.beg_label_seq_id 
_struct_sheet_range.pdbx_beg_PDB_ins_code 
_struct_sheet_range.end_label_comp_id 
_struct_sheet_range.end_label_asym_id 
_struct_sheet_range.end_label_seq_id 
_struct_sheet_range.pdbx_end_PDB_ins_code 
_struct_sheet_range.beg_auth_comp_id 
_struct_sheet_range.beg_auth_asym_id 
_struct_sheet_range.beg_auth_seq_id 
_struct_sheet_range.end_auth_comp_id 
_struct_sheet_range.end_auth_asym_id 
_struct_sheet_range.end_auth_seq_id 
AA 1 GLY A 4   ? LEU A 8   ? GLY A 4   LEU A 8   
AA 2 ALA A 61  ? SER A 67  ? ALA A 61  SER A 67  
AA 3 THR A 25  ? VAL A 32  ? THR A 25  VAL A 32  
AA 4 VAL A 36  ? SER A 43  ? VAL A 36  SER A 43  
AB 1 ASP A 47  ? LEU A 55  ? ASP A 47  LEU A 55  
AB 2 SER A 13  ? ASN A 21  ? SER A 13  ASN A 21  
AB 3 ASP A 103 ? TRP A 110 ? ASP A 103 TRP A 110 
AB 4 LEU A 86  ? GLU A 94  ? LEU A 86  GLU A 94  
AB 5 ASP A 74  ? LEU A 82  ? ASP A 74  LEU A 82  
# 
loop_
_pdbx_struct_sheet_hbond.sheet_id 
_pdbx_struct_sheet_hbond.range_id_1 
_pdbx_struct_sheet_hbond.range_id_2 
_pdbx_struct_sheet_hbond.range_1_label_atom_id 
_pdbx_struct_sheet_hbond.range_1_label_comp_id 
_pdbx_struct_sheet_hbond.range_1_label_asym_id 
_pdbx_struct_sheet_hbond.range_1_label_seq_id 
_pdbx_struct_sheet_hbond.range_1_PDB_ins_code 
_pdbx_struct_sheet_hbond.range_1_auth_atom_id 
_pdbx_struct_sheet_hbond.range_1_auth_comp_id 
_pdbx_struct_sheet_hbond.range_1_auth_asym_id 
_pdbx_struct_sheet_hbond.range_1_auth_seq_id 
_pdbx_struct_sheet_hbond.range_2_label_atom_id 
_pdbx_struct_sheet_hbond.range_2_label_comp_id 
_pdbx_struct_sheet_hbond.range_2_label_asym_id 
_pdbx_struct_sheet_hbond.range_2_label_seq_id 
_pdbx_struct_sheet_hbond.range_2_PDB_ins_code 
_pdbx_struct_sheet_hbond.range_2_auth_atom_id 
_pdbx_struct_sheet_hbond.range_2_auth_comp_id 
_pdbx_struct_sheet_hbond.range_2_auth_asym_id 
_pdbx_struct_sheet_hbond.range_2_auth_seq_id 
AA 1 2 N PHE A 6   ? N PHE A 6   O ILE A 62  ? O ILE A 62  
AA 2 3 N SER A 67  ? N SER A 67  O THR A 27  ? O THR A 27  
AA 3 4 N VAL A 30  ? N VAL A 30  O ALA A 38  ? O ALA A 38  
AB 1 2 N GLN A 53  ? N GLN A 53  O VAL A 16  ? O VAL A 16  
AB 2 3 N THR A 17  ? N THR A 17  O VAL A 107 ? O VAL A 107 
AB 3 4 N ALA A 106 ? N ALA A 106 O VAL A 91  ? O VAL A 91  
AB 4 5 N MET A 90  ? N MET A 90  O ASN A 78  ? O ASN A 78  
# 
_atom_sites.entry_id                    1UQX 
_atom_sites.fract_transf_matrix[1][1]   0.01264935 
_atom_sites.fract_transf_matrix[1][2]   -0.00763660 
_atom_sites.fract_transf_matrix[1][3]   0.00822546 
_atom_sites.fract_transf_matrix[2][1]   0.00428106 
_atom_sites.fract_transf_matrix[2][2]   0.01417805 
_atom_sites.fract_transf_matrix[2][3]   0.00657950 
_atom_sites.fract_transf_matrix[3][1]   -0.00814117 
_atom_sites.fract_transf_matrix[3][2]   -0.00234247 
_atom_sites.fract_transf_matrix[3][3]   0.01034494 
_atom_sites.fract_transf_vector[1]      0.070500 
_atom_sites.fract_transf_vector[2]      0.203950 
_atom_sites.fract_transf_vector[3]      0.113865 
# 
loop_
_atom_type.symbol 
C  
CA 
N  
O  
S  
# 
loop_
_atom_site.group_PDB 
_atom_site.id 
_atom_site.type_symbol 
_atom_site.label_atom_id 
_atom_site.label_alt_id 
_atom_site.label_comp_id 
_atom_site.label_asym_id 
_atom_site.label_entity_id 
_atom_site.label_seq_id 
_atom_site.pdbx_PDB_ins_code 
_atom_site.Cartn_x 
_atom_site.Cartn_y 
_atom_site.Cartn_z 
_atom_site.occupancy 
_atom_site.B_iso_or_equiv 
_atom_site.pdbx_formal_charge 
_atom_site.auth_seq_id 
_atom_site.auth_comp_id 
_atom_site.auth_asym_id 
_atom_site.auth_atom_id 
_atom_site.pdbx_PDB_model_num 
ATOM   1    N  N   . ALA A 1 1   ? -10.021 -13.796 0.664   1.00 17.33 ? 1    ALA A N   1 
ATOM   2    C  CA  . ALA A 1 1   ? -8.580  -13.994 0.760   1.00 18.30 ? 1    ALA A CA  1 
ATOM   3    C  C   . ALA A 1 1   ? -7.987  -12.796 1.474   1.00 18.23 ? 1    ALA A C   1 
ATOM   4    O  O   . ALA A 1 1   ? -8.487  -11.673 1.306   1.00 18.53 ? 1    ALA A O   1 
ATOM   5    C  CB  . ALA A 1 1   ? -7.976  -14.064 -0.675  1.00 18.66 ? 1    ALA A CB  1 
ATOM   6    N  N   A GLN A 1 2   ? -6.911  -13.023 2.227   0.50 17.50 ? 2    GLN A N   1 
ATOM   7    N  N   B GLN A 1 2   ? -6.935  -12.998 2.242   0.50 17.65 ? 2    GLN A N   1 
ATOM   8    C  CA  A GLN A 1 2   ? -5.987  -11.953 2.682   0.50 16.83 ? 2    GLN A CA  1 
ATOM   9    C  CA  B GLN A 1 2   ? -6.148  -11.855 2.713   0.50 16.99 ? 2    GLN A CA  1 
ATOM   10   C  C   A GLN A 1 2   ? -5.548  -11.089 1.502   0.50 15.23 ? 2    GLN A C   1 
ATOM   11   C  C   B GLN A 1 2   ? -5.601  -11.084 1.524   0.50 15.35 ? 2    GLN A C   1 
ATOM   12   O  O   A GLN A 1 2   ? -5.184  -11.626 0.459   0.50 16.16 ? 2    GLN A O   1 
ATOM   13   O  O   B GLN A 1 2   ? -5.211  -11.672 0.518   0.50 16.15 ? 2    GLN A O   1 
ATOM   14   C  CB  A GLN A 1 2   ? -4.723  -12.569 3.330   0.50 16.98 ? 2    GLN A CB  1 
ATOM   15   C  CB  B GLN A 1 2   ? -4.980  -12.320 3.559   0.50 17.61 ? 2    GLN A CB  1 
ATOM   16   C  CG  A GLN A 1 2   ? -3.837  -11.550 4.099   0.50 19.45 ? 2    GLN A CG  1 
ATOM   17   C  CG  B GLN A 1 2   ? -4.456  -11.262 4.498   0.50 19.58 ? 2    GLN A CG  1 
ATOM   18   C  CD  A GLN A 1 2   ? -2.834  -12.200 5.111   0.50 19.62 ? 2    GLN A CD  1 
ATOM   19   C  CD  B GLN A 1 2   ? -3.565  -11.879 5.577   0.50 22.91 ? 2    GLN A CD  1 
ATOM   20   O  OE1 A GLN A 1 2   ? -2.280  -13.291 4.876   0.50 15.72 ? 2    GLN A OE1 1 
ATOM   21   O  OE1 B GLN A 1 2   ? -3.485  -11.349 6.682   0.50 25.52 ? 2    GLN A OE1 1 
ATOM   22   N  NE2 A GLN A 1 2   ? -2.611  -11.505 6.242   0.50 22.65 ? 2    GLN A NE2 1 
ATOM   23   N  NE2 B GLN A 1 2   ? -2.897  -13.009 5.253   0.50 24.27 ? 2    GLN A NE2 1 
ATOM   24   N  N   . GLN A 1 3   ? -5.614  -9.775  1.650   1.00 13.07 ? 3    GLN A N   1 
ATOM   25   C  CA  . GLN A 1 3   ? -5.126  -8.855  0.626   1.00 10.57 ? 3    GLN A CA  1 
ATOM   26   C  C   . GLN A 1 3   ? -4.173  -7.879  1.321   1.00 9.19  ? 3    GLN A C   1 
ATOM   27   O  O   . GLN A 1 3   ? -4.200  -7.712  2.560   1.00 10.70 ? 3    GLN A O   1 
ATOM   28   C  CB  . GLN A 1 3   ? -6.307  -8.097  0.009   1.00 9.49  ? 3    GLN A CB  1 
ATOM   29   C  CG  . GLN A 1 3   ? -7.309  -8.965  -0.668  1.00 10.13 ? 3    GLN A CG  1 
ATOM   30   C  CD  . GLN A 1 3   ? -6.849  -9.385  -2.068  1.00 10.26 ? 3    GLN A CD  1 
ATOM   31   O  OE1 . GLN A 1 3   ? -7.115  -8.667  -3.057  1.00 7.09  ? 3    GLN A OE1 1 
ATOM   32   N  NE2 . GLN A 1 3   ? -6.117  -10.504 -2.149  1.00 9.16  ? 3    GLN A NE2 1 
ATOM   33   N  N   . GLY A 1 4   ? -3.319  -7.241  0.535   1.00 7.86  ? 4    GLY A N   1 
ATOM   34   C  CA  . GLY A 1 4   ? -2.304  -6.324  1.050   1.00 7.55  ? 4    GLY A CA  1 
ATOM   35   C  C   . GLY A 1 4   ? -1.032  -6.947  1.592   1.00 8.00  ? 4    GLY A C   1 
ATOM   36   O  O   . GLY A 1 4   ? -0.221  -6.223  2.159   1.00 8.80  ? 4    GLY A O   1 
ATOM   37   N  N   . VAL A 1 5   ? -0.875  -8.276  1.438   1.00 6.87  ? 5    VAL A N   1 
ATOM   38   C  CA  . VAL A 1 5   ? 0.288   -8.999  1.892   1.00 8.47  ? 5    VAL A CA  1 
ATOM   39   C  C   . VAL A 1 5   ? 1.147   -9.384  0.698   1.00 8.91  ? 5    VAL A C   1 
ATOM   40   O  O   . VAL A 1 5   ? 0.652   -9.952  -0.272  1.00 7.71  ? 5    VAL A O   1 
ATOM   41   C  CB  . VAL A 1 5   ? -0.132  -10.226 2.689   1.00 9.65  ? 5    VAL A CB  1 
ATOM   42   C  CG1 . VAL A 1 5   ? 1.041   -11.160 2.957   1.00 11.17 ? 5    VAL A CG1 1 
ATOM   43   C  CG2 . VAL A 1 5   ? -0.737  -9.722  4.046   1.00 12.87 ? 5    VAL A CG2 1 
ATOM   44   N  N   . PHE A 1 6   ? 2.431   -9.052  0.784   1.00 7.83  ? 6    PHE A N   1 
ATOM   45   C  CA  . PHE A 1 6   ? 3.360   -9.326  -0.310  1.00 7.89  ? 6    PHE A CA  1 
ATOM   46   C  C   . PHE A 1 6   ? 4.687   -9.875  0.223   1.00 8.64  ? 6    PHE A C   1 
ATOM   47   O  O   . PHE A 1 6   ? 5.193   -9.399  1.211   1.00 8.86  ? 6    PHE A O   1 
ATOM   48   C  CB  . PHE A 1 6   ? 3.682   -8.052  -1.071  1.00 8.97  ? 6    PHE A CB  1 
ATOM   49   C  CG  . PHE A 1 6   ? 2.454   -7.267  -1.545  1.00 6.61  ? 6    PHE A CG  1 
ATOM   50   C  CD1 . PHE A 1 6   ? 1.644   -7.763  -2.559  1.00 7.55  ? 6    PHE A CD1 1 
ATOM   51   C  CD2 . PHE A 1 6   ? 2.135   -6.046  -0.975  1.00 7.09  ? 6    PHE A CD2 1 
ATOM   52   C  CE1 . PHE A 1 6   ? 0.536   -7.028  -3.019  1.00 7.30  ? 6    PHE A CE1 1 
ATOM   53   C  CE2 . PHE A 1 6   ? 1.000   -5.335  -1.396  1.00 6.88  ? 6    PHE A CE2 1 
ATOM   54   C  CZ  . PHE A 1 6   ? 0.202   -5.827  -2.421  1.00 8.00  ? 6    PHE A CZ  1 
ATOM   55   N  N   . THR A 1 7   ? 5.233   -10.860 -0.484  1.00 8.52  ? 7    THR A N   1 
ATOM   56   C  CA  . THR A 1 7   ? 6.580   -11.343 -0.232  1.00 8.69  ? 7    THR A CA  1 
ATOM   57   C  C   . THR A 1 7   ? 7.522   -10.714 -1.218  1.00 9.47  ? 7    THR A C   1 
ATOM   58   O  O   . THR A 1 7   ? 7.459   -10.950 -2.420  1.00 10.19 ? 7    THR A O   1 
ATOM   59   C  CB  . THR A 1 7   ? 6.637   -12.861 -0.356  1.00 8.83  ? 7    THR A CB  1 
ATOM   60   O  OG1 . THR A 1 7   ? 5.728   -13.432 0.585   1.00 8.78  ? 7    THR A OG1 1 
ATOM   61   C  CG2 . THR A 1 7   ? 8.047   -13.348 -0.007  1.00 11.40 ? 7    THR A CG2 1 
ATOM   62   N  N   . LEU A 1 8   ? 8.388   -9.857  -0.691  1.00 8.46  ? 8    LEU A N   1 
ATOM   63   C  CA  . LEU A 1 8   ? 9.478   -9.258  -1.417  1.00 8.47  ? 8    LEU A CA  1 
ATOM   64   C  C   . LEU A 1 8   ? 10.755  -10.058 -1.248  1.00 9.54  ? 8    LEU A C   1 
ATOM   65   O  O   . LEU A 1 8   ? 10.911  -10.829 -0.294  1.00 10.12 ? 8    LEU A O   1 
ATOM   66   C  CB  . LEU A 1 8   ? 9.675   -7.815  -0.939  1.00 7.34  ? 8    LEU A CB  1 
ATOM   67   C  CG  . LEU A 1 8   ? 8.804   -6.726  -1.566  1.00 7.99  ? 8    LEU A CG  1 
ATOM   68   C  CD1 . LEU A 1 8   ? 7.297   -6.968  -1.291  1.00 11.05 ? 8    LEU A CD1 1 
ATOM   69   C  CD2 . LEU A 1 8   ? 9.269   -5.344  -1.111  1.00 10.27 ? 8    LEU A CD2 1 
ATOM   70   N  N   . PRO A 1 9   ? 11.742  -9.852  -2.131  1.00 11.06 ? 9    PRO A N   1 
ATOM   71   C  CA  . PRO A 1 9   ? 13.076  -10.363 -1.830  1.00 11.05 ? 9    PRO A CA  1 
ATOM   72   C  C   . PRO A 1 9   ? 13.588  -9.754  -0.537  1.00 10.96 ? 9    PRO A C   1 
ATOM   73   O  O   . PRO A 1 9   ? 13.273  -8.611  -0.215  1.00 10.84 ? 9    PRO A O   1 
ATOM   74   C  CB  . PRO A 1 9   ? 13.925  -9.863  -2.999  1.00 11.81 ? 9    PRO A CB  1 
ATOM   75   C  CG  . PRO A 1 9   ? 13.154  -8.741  -3.602  1.00 14.96 ? 9    PRO A CG  1 
ATOM   76   C  CD  . PRO A 1 9   ? 11.707  -9.011  -3.349  1.00 11.63 ? 9    PRO A CD  1 
ATOM   77   N  N   . ALA A 1 10  ? 14.360  -10.516 0.215   1.00 11.37 ? 10   ALA A N   1 
ATOM   78   C  CA  . ALA A 1 10  ? 14.876  -10.071 1.487   1.00 11.45 ? 10   ALA A CA  1 
ATOM   79   C  C   . ALA A 1 10  ? 15.929  -8.965  1.319   1.00 10.57 ? 10   ALA A C   1 
ATOM   80   O  O   . ALA A 1 10  ? 16.628  -8.877  0.275   1.00 11.35 ? 10   ALA A O   1 
ATOM   81   C  CB  . ALA A 1 10  ? 15.478  -11.248 2.244   1.00 12.87 ? 10   ALA A CB  1 
ATOM   82   N  N   . ASN A 1 11  ? 16.016  -8.124  2.318   1.00 10.84 ? 11   ASN A N   1 
ATOM   83   C  CA  . ASN A 1 11  ? 17.051  -7.090  2.417   1.00 11.17 ? 11   ASN A CA  1 
ATOM   84   C  C   . ASN A 1 11  ? 17.190  -6.262  1.133   1.00 11.33 ? 11   ASN A C   1 
ATOM   85   O  O   . ASN A 1 11  ? 18.283  -6.053  0.606   1.00 10.75 ? 11   ASN A O   1 
ATOM   86   C  CB  . ASN A 1 11  ? 18.375  -7.737  2.828   1.00 12.86 ? 11   ASN A CB  1 
ATOM   87   C  CG  . ASN A 1 11  ? 19.430  -6.716  3.185   1.00 15.22 ? 11   ASN A CG  1 
ATOM   88   O  OD1 . ASN A 1 11  ? 19.119  -5.618  3.712   1.00 20.07 ? 11   ASN A OD1 1 
ATOM   89   N  ND2 . ASN A 1 11  ? 20.700  -7.051  2.910   1.00 18.20 ? 11   ASN A ND2 1 
ATOM   90   N  N   . THR A 1 12  ? 16.045  -5.803  0.629   1.00 10.01 ? 12   THR A N   1 
ATOM   91   C  CA  . THR A 1 12  ? 15.963  -5.108  -0.640  1.00 10.40 ? 12   THR A CA  1 
ATOM   92   C  C   . THR A 1 12  ? 15.227  -3.803  -0.430  1.00 9.90  ? 12   THR A C   1 
ATOM   93   O  O   . THR A 1 12  ? 14.166  -3.776  0.220   1.00 10.95 ? 12   THR A O   1 
ATOM   94   C  CB  . THR A 1 12  ? 15.200  -5.991  -1.630  1.00 11.44 ? 12   THR A CB  1 
ATOM   95   O  OG1 . THR A 1 12  ? 15.979  -7.169  -1.924  1.00 11.54 ? 12   THR A OG1 1 
ATOM   96   C  CG2 . THR A 1 12  ? 14.967  -5.241  -2.973  1.00 14.44 ? 12   THR A CG2 1 
ATOM   97   N  N   . SER A 1 13  ? 15.792  -2.704  -0.924  1.00 9.46  ? 13   SER A N   1 
ATOM   98   C  CA  . SER A 1 13  ? 15.112  -1.408  -0.870  1.00 8.98  ? 13   SER A CA  1 
ATOM   99   C  C   . SER A 1 13  ? 13.905  -1.416  -1.796  1.00 9.45  ? 13   SER A C   1 
ATOM   100  O  O   . SER A 1 13  ? 13.996  -1.899  -2.921  1.00 8.19  ? 13   SER A O   1 
ATOM   101  C  CB  . SER A 1 13  ? 16.053  -0.274  -1.257  1.00 10.59 ? 13   SER A CB  1 
ATOM   102  O  OG  . SER A 1 13  ? 17.093  -0.139  -0.274  1.00 14.08 ? 13   SER A OG  1 
ATOM   103  N  N   . PHE A 1 14  ? 12.791  -0.847  -1.326  1.00 7.95  ? 14   PHE A N   1 
ATOM   104  C  CA  . PHE A 1 14  ? 11.618  -0.653  -2.164  1.00 8.17  ? 14   PHE A CA  1 
ATOM   105  C  C   . PHE A 1 14  ? 10.992  0.692   -1.872  1.00 7.71  ? 14   PHE A C   1 
ATOM   106  O  O   . PHE A 1 14  ? 11.157  1.232   -0.797  1.00 8.70  ? 14   PHE A O   1 
ATOM   107  C  CB  . PHE A 1 14  ? 10.570  -1.781  -1.977  1.00 7.38  ? 14   PHE A CB  1 
ATOM   108  C  CG  . PHE A 1 14  ? 9.893   -1.800  -0.610  1.00 8.20  ? 14   PHE A CG  1 
ATOM   109  C  CD1 . PHE A 1 14  ? 10.539  -2.366  0.484   1.00 8.24  ? 14   PHE A CD1 1 
ATOM   110  C  CD2 . PHE A 1 14  ? 8.635   -1.263  -0.444  1.00 8.41  ? 14   PHE A CD2 1 
ATOM   111  C  CE1 . PHE A 1 14  ? 9.917   -2.411  1.744   1.00 8.60  ? 14   PHE A CE1 1 
ATOM   112  C  CE2 . PHE A 1 14  ? 8.005   -1.251  0.828   1.00 8.07  ? 14   PHE A CE2 1 
ATOM   113  C  CZ  . PHE A 1 14  ? 8.616   -1.862  1.914   1.00 7.79  ? 14   PHE A CZ  1 
ATOM   114  N  N   . GLY A 1 15  ? 10.308  1.246   -2.869  1.00 7.64  ? 15   GLY A N   1 
ATOM   115  C  CA  . GLY A 1 15  ? 9.550   2.459   -2.711  1.00 7.61  ? 15   GLY A CA  1 
ATOM   116  C  C   . GLY A 1 15  ? 8.096   2.134   -2.439  1.00 7.24  ? 15   GLY A C   1 
ATOM   117  O  O   . GLY A 1 15  ? 7.580   1.164   -2.923  1.00 7.39  ? 15   GLY A O   1 
ATOM   118  N  N   . VAL A 1 16  ? 7.486   2.959   -1.596  1.00 7.45  ? 16   VAL A N   1 
ATOM   119  C  CA  . VAL A 1 16  ? 6.063   2.906   -1.348  1.00 7.68  ? 16   VAL A CA  1 
ATOM   120  C  C   . VAL A 1 16  ? 5.496   4.312   -1.391  1.00 8.25  ? 16   VAL A C   1 
ATOM   121  O  O   . VAL A 1 16  ? 6.008   5.223   -0.748  1.00 7.72  ? 16   VAL A O   1 
ATOM   122  C  CB  . VAL A 1 16  ? 5.751   2.154   -0.070  1.00 8.64  ? 16   VAL A CB  1 
ATOM   123  C  CG1 . VAL A 1 16  ? 6.427   2.751   1.159   1.00 9.49  ? 16   VAL A CG1 1 
ATOM   124  C  CG2 . VAL A 1 16  ? 4.239   2.073   0.135   1.00 8.63  ? 16   VAL A CG2 1 
ATOM   125  N  N   . THR A 1 17  ? 4.415   4.470   -2.149  1.00 8.33  ? 17   THR A N   1 
ATOM   126  C  CA  . THR A 1 17  ? 3.785   5.743   -2.387  1.00 8.55  ? 17   THR A CA  1 
ATOM   127  C  C   . THR A 1 17  ? 2.307   5.590   -2.120  1.00 8.23  ? 17   THR A C   1 
ATOM   128  O  O   . THR A 1 17  ? 1.713   4.592   -2.539  1.00 8.45  ? 17   THR A O   1 
ATOM   129  C  CB  . THR A 1 17  ? 4.042   6.158   -3.829  1.00 9.49  ? 17   THR A CB  1 
ATOM   130  O  OG1 . THR A 1 17  ? 5.464   6.257   -4.039  1.00 8.40  ? 17   THR A OG1 1 
ATOM   131  C  CG2 . THR A 1 17  ? 3.494   7.541   -4.122  1.00 9.89  ? 17   THR A CG2 1 
ATOM   132  N  N   . ALA A 1 18  ? 1.753   6.527   -1.353  1.00 7.59  ? 18   ALA A N   1 
ATOM   133  C  CA  . ALA A 1 18  ? 0.367   6.427   -0.900  1.00 7.54  ? 18   ALA A CA  1 
ATOM   134  C  C   . ALA A 1 18  ? -0.481  7.605   -1.378  1.00 7.46  ? 18   ALA A C   1 
ATOM   135  O  O   . ALA A 1 18  ? 0.010   8.749   -1.471  1.00 7.93  ? 18   ALA A O   1 
ATOM   136  C  CB  . ALA A 1 18  ? 0.307   6.349   0.585   1.00 8.07  ? 18   ALA A CB  1 
ATOM   137  N  N   . PHE A 1 19  ? -1.748  7.304   -1.665  1.00 7.13  ? 19   PHE A N   1 
ATOM   138  C  CA  . PHE A 1 19  ? -2.738  8.278   -2.142  1.00 7.77  ? 19   PHE A CA  1 
ATOM   139  C  C   . PHE A 1 19  ? -4.072  8.139   -1.443  1.00 7.65  ? 19   PHE A C   1 
ATOM   140  O  O   . PHE A 1 19  ? -4.460  7.081   -0.991  1.00 7.75  ? 19   PHE A O   1 
ATOM   141  C  CB  . PHE A 1 19  ? -3.059  8.104   -3.633  1.00 8.49  ? 19   PHE A CB  1 
ATOM   142  C  CG  . PHE A 1 19  ? -1.848  8.077   -4.529  1.00 7.55  ? 19   PHE A CG  1 
ATOM   143  C  CD1 . PHE A 1 19  ? -1.129  6.889   -4.715  1.00 8.13  ? 19   PHE A CD1 1 
ATOM   144  C  CD2 . PHE A 1 19  ? -1.416  9.230   -5.167  1.00 10.17 ? 19   PHE A CD2 1 
ATOM   145  C  CE1 . PHE A 1 19  ? -0.005  6.862   -5.535  1.00 11.44 ? 19   PHE A CE1 1 
ATOM   146  C  CE2 . PHE A 1 19  ? -0.281  9.190   -6.024  1.00 11.14 ? 19   PHE A CE2 1 
ATOM   147  C  CZ  . PHE A 1 19  ? 0.421   8.014   -6.181  1.00 10.10 ? 19   PHE A CZ  1 
ATOM   148  N  N   . ALA A 1 20  ? -4.799  9.257   -1.380  1.00 8.20  ? 20   ALA A N   1 
ATOM   149  C  CA  . ALA A 1 20  ? -6.213  9.254   -1.024  1.00 7.91  ? 20   ALA A CA  1 
ATOM   150  C  C   . ALA A 1 20  ? -7.104  9.684   -2.169  1.00 8.51  ? 20   ALA A C   1 
ATOM   151  O  O   . ALA A 1 20  ? -6.767  10.553  -2.994  1.00 9.49  ? 20   ALA A O   1 
ATOM   152  C  CB  . ALA A 1 20  ? -6.468  10.173  0.169   1.00 9.02  ? 20   ALA A CB  1 
ATOM   153  N  N   . ASN A 1 21  ? -8.267  9.077   -2.218  1.00 7.82  ? 21   ASN A N   1 
ATOM   154  C  CA  . ASN A 1 21  ? -9.407  9.517   -3.061  1.00 7.20  ? 21   ASN A CA  1 
ATOM   155  C  C   . ASN A 1 21  ? -10.658 9.325   -2.186  1.00 7.94  ? 21   ASN A C   1 
ATOM   156  O  O   . ASN A 1 21  ? -11.464 8.396   -2.360  1.00 7.61  ? 21   ASN A O   1 
ATOM   157  C  CB  . ASN A 1 21  ? -9.538  8.733   -4.347  1.00 7.12  ? 21   ASN A CB  1 
ATOM   158  C  CG  . ASN A 1 21  ? -8.379  8.968   -5.277  1.00 7.97  ? 21   ASN A CG  1 
ATOM   159  O  OD1 . ASN A 1 21  ? -8.366  9.933   -6.019  1.00 9.51  ? 21   ASN A OD1 1 
ATOM   160  N  ND2 . ASN A 1 21  ? -7.395  8.069   -5.241  1.00 8.23  ? 21   ASN A ND2 1 
ATOM   161  N  N   . ALA A 1 22  ? -10.767 10.184  -1.197  1.00 8.58  ? 22   ALA A N   1 
ATOM   162  C  CA  . ALA A 1 22  ? -11.732 9.980   -0.100  1.00 8.48  ? 22   ALA A CA  1 
ATOM   163  C  C   . ALA A 1 22  ? -12.050 11.245  0.646   1.00 8.39  ? 22   ALA A C   1 
ATOM   164  O  O   . ALA A 1 22  ? -11.169 12.078  0.860   1.00 8.77  ? 22   ALA A O   1 
ATOM   165  C  CB  . ALA A 1 22  ? -11.172 8.948   0.917   1.00 8.50  ? 22   ALA A CB  1 
ATOM   166  N  N   . ALA A 1 23  ? -13.295 11.374  1.120   1.00 9.64  ? 23   ALA A N   1 
ATOM   167  C  CA  . ALA A 1 23  ? -13.616 12.444  2.054   1.00 9.44  ? 23   ALA A CA  1 
ATOM   168  C  C   . ALA A 1 23  ? -13.084 12.181  3.451   1.00 10.80 ? 23   ALA A C   1 
ATOM   169  O  O   . ALA A 1 23  ? -12.766 13.124  4.181   1.00 10.17 ? 23   ALA A O   1 
ATOM   170  C  CB  . ALA A 1 23  ? -15.135 12.695  2.123   1.00 10.94 ? 23   ALA A CB  1 
ATOM   171  N  N   . ASN A 1 24  ? -13.015 10.925  3.850   1.00 9.27  ? 24   ASN A N   1 
ATOM   172  C  CA  . ASN A 1 24  ? -12.512 10.535  5.161   1.00 9.33  ? 24   ASN A CA  1 
ATOM   173  C  C   . ASN A 1 24  ? -10.993 10.388  5.218   1.00 9.72  ? 24   ASN A C   1 
ATOM   174  O  O   . ASN A 1 24  ? -10.345 10.049  4.213   1.00 9.10  ? 24   ASN A O   1 
ATOM   175  C  CB  . ASN A 1 24  ? -13.187 9.258   5.644   1.00 9.63  ? 24   ASN A CB  1 
ATOM   176  C  CG  . ASN A 1 24  ? -14.670 9.457   5.955   1.00 12.26 ? 24   ASN A CG  1 
ATOM   177  O  OD1 . ASN A 1 24  ? -15.085 10.562  6.287   1.00 13.05 ? 24   ASN A OD1 1 
ATOM   178  N  ND2 . ASN A 1 24  ? -15.437 8.395   5.872   1.00 11.42 ? 24   ASN A ND2 1 
ATOM   179  N  N   . THR A 1 25  ? -10.435 10.736  6.382   1.00 10.77 ? 25   THR A N   1 
ATOM   180  C  CA  . THR A 1 25  ? -9.002  10.586  6.618   1.00 10.09 ? 25   THR A CA  1 
ATOM   181  C  C   . THR A 1 25  ? -8.576  9.132   6.564   1.00 10.27 ? 25   THR A C   1 
ATOM   182  O  O   . THR A 1 25  ? -9.028  8.303   7.369   1.00 10.45 ? 25   THR A O   1 
ATOM   183  C  CB  . THR A 1 25  ? -8.653  11.188  7.974   1.00 12.38 ? 25   THR A CB  1 
ATOM   184  O  OG1 . THR A 1 25  ? -9.041  12.570  7.924   1.00 12.14 ? 25   THR A OG1 1 
ATOM   185  C  CG2 . THR A 1 25  ? -7.169  11.152  8.193   1.00 10.86 ? 25   THR A CG2 1 
ATOM   186  N  N   . GLN A 1 26  ? -7.669  8.852   5.635   1.00 8.78  ? 26   GLN A N   1 
ATOM   187  C  CA  . GLN A 1 26  ? -7.089  7.530   5.492   1.00 8.70  ? 26   GLN A CA  1 
ATOM   188  C  C   . GLN A 1 26  ? -5.834  7.413   6.350   1.00 8.64  ? 26   GLN A C   1 
ATOM   189  O  O   . GLN A 1 26  ? -5.024  8.334   6.375   1.00 9.72  ? 26   GLN A O   1 
ATOM   190  C  CB  . GLN A 1 26  ? -6.714  7.296   4.025   1.00 8.25  ? 26   GLN A CB  1 
ATOM   191  C  CG  . GLN A 1 26  ? -7.833  7.594   3.046   1.00 9.62  ? 26   GLN A CG  1 
ATOM   192  C  CD  . GLN A 1 26  ? -8.963  6.622   3.181   1.00 9.81  ? 26   GLN A CD  1 
ATOM   193  O  OE1 . GLN A 1 26  ? -8.736  5.412   3.054   1.00 9.88  ? 26   GLN A OE1 1 
ATOM   194  N  NE2 . GLN A 1 26  ? -10.180 7.126   3.446   1.00 8.62  ? 26   GLN A NE2 1 
ATOM   195  N  N   . THR A 1 27  ? -5.623  6.232   6.914   1.00 9.33  ? 27   THR A N   1 
ATOM   196  C  CA  . THR A 1 27  ? -4.387  5.857   7.599   1.00 8.91  ? 27   THR A CA  1 
ATOM   197  C  C   . THR A 1 27  ? -3.832  4.626   6.886   1.00 9.56  ? 27   THR A C   1 
ATOM   198  O  O   . THR A 1 27  ? -4.471  3.577   6.889   1.00 9.89  ? 27   THR A O   1 
ATOM   199  C  CB  . THR A 1 27  ? -4.671  5.515   9.036   1.00 11.05 ? 27   THR A CB  1 
ATOM   200  O  OG1 . THR A 1 27  ? -5.132  6.685   9.750   1.00 11.86 ? 27   THR A OG1 1 
ATOM   201  C  CG2 . THR A 1 27  ? -3.386  5.083   9.734   1.00 11.66 ? 27   THR A CG2 1 
ATOM   202  N  N   . ILE A 1 28  ? -2.692  4.786   6.220   1.00 8.30  ? 28   ILE A N   1 
ATOM   203  C  CA  . ILE A 1 28  ? -2.116  3.721   5.420   1.00 8.29  ? 28   ILE A CA  1 
ATOM   204  C  C   . ILE A 1 28  ? -0.792  3.369   6.063   1.00 8.88  ? 28   ILE A C   1 
ATOM   205  O  O   . ILE A 1 28  ? 0.105   4.214   6.160   1.00 9.09  ? 28   ILE A O   1 
ATOM   206  C  CB  . ILE A 1 28  ? -1.916  4.187   3.960   1.00 8.14  ? 28   ILE A CB  1 
ATOM   207  C  CG1 . ILE A 1 28  ? -3.268  4.508   3.319   1.00 11.08 ? 28   ILE A CG1 1 
ATOM   208  C  CG2 . ILE A 1 28  ? -1.224  3.090   3.167   1.00 9.14  ? 28   ILE A CG2 1 
ATOM   209  C  CD1 . ILE A 1 28  ? -3.163  5.262   2.014   1.00 13.86 ? 28   ILE A CD1 1 
ATOM   210  N  N   . GLN A 1 29  ? -0.694  2.150   6.570   1.00 8.63  ? 29   GLN A N   1 
ATOM   211  C  CA  . GLN A 1 29  ? 0.495   1.679   7.256   1.00 9.03  ? 29   GLN A CA  1 
ATOM   212  C  C   . GLN A 1 29  ? 1.236   0.623   6.448   1.00 8.87  ? 29   GLN A C   1 
ATOM   213  O  O   . GLN A 1 29  ? 0.617   -0.275  5.837   1.00 9.64  ? 29   GLN A O   1 
ATOM   214  C  CB  . GLN A 1 29  ? 0.087   1.037   8.574   1.00 8.81  ? 29   GLN A CB  1 
ATOM   215  C  CG  . GLN A 1 29  ? -0.470  2.007   9.560   1.00 12.41 ? 29   GLN A CG  1 
ATOM   216  C  CD  . GLN A 1 29  ? -1.269  1.278   10.647  1.00 13.42 ? 29   GLN A CD  1 
ATOM   217  O  OE1 . GLN A 1 29  ? -2.203  0.527   10.352  1.00 14.54 ? 29   GLN A OE1 1 
ATOM   218  N  NE2 . GLN A 1 29  ? -0.894  1.503   11.899  1.00 14.93 ? 29   GLN A NE2 1 
ATOM   219  N  N   . VAL A 1 30  ? 2.557   0.705   6.478   1.00 8.59  ? 30   VAL A N   1 
ATOM   220  C  CA  . VAL A 1 30  ? 3.410   -0.249  5.797   1.00 8.21  ? 30   VAL A CA  1 
ATOM   221  C  C   . VAL A 1 30  ? 4.178   -1.023  6.858   1.00 8.57  ? 30   VAL A C   1 
ATOM   222  O  O   . VAL A 1 30  ? 4.984   -0.426  7.573   1.00 9.61  ? 30   VAL A O   1 
ATOM   223  C  CB  . VAL A 1 30  ? 4.409   0.451   4.840   1.00 8.55  ? 30   VAL A CB  1 
ATOM   224  C  CG1 . VAL A 1 30  ? 5.241   -0.576  4.118   1.00 9.43  ? 30   VAL A CG1 1 
ATOM   225  C  CG2 . VAL A 1 30  ? 3.673   1.411   3.896   1.00 9.20  ? 30   VAL A CG2 1 
ATOM   226  N  N   . LEU A 1 31  ? 3.907   -2.336  6.982   1.00 8.50  ? 31   LEU A N   1 
ATOM   227  C  CA  . LEU A 1 31  ? 4.583   -3.186  7.950   1.00 8.39  ? 31   LEU A CA  1 
ATOM   228  C  C   . LEU A 1 31  ? 5.617   -4.031  7.250   1.00 8.05  ? 31   LEU A C   1 
ATOM   229  O  O   . LEU A 1 31  ? 5.384   -4.571  6.178   1.00 9.59  ? 31   LEU A O   1 
ATOM   230  C  CB  . LEU A 1 31  ? 3.608   -4.095  8.691   1.00 8.92  ? 31   LEU A CB  1 
ATOM   231  C  CG  . LEU A 1 31  ? 2.611   -3.437  9.652   1.00 10.63 ? 31   LEU A CG  1 
ATOM   232  C  CD1 . LEU A 1 31  ? 1.517   -2.719  8.887   1.00 10.98 ? 31   LEU A CD1 1 
ATOM   233  C  CD2 . LEU A 1 31  ? 1.990   -4.455  10.572  1.00 13.32 ? 31   LEU A CD2 1 
ATOM   234  N  N   . VAL A 1 32  ? 6.784   -4.134  7.872   1.00 7.95  ? 32   VAL A N   1 
ATOM   235  C  CA  . VAL A 1 32  ? 7.845   -5.001  7.402   1.00 7.54  ? 32   VAL A CA  1 
ATOM   236  C  C   . VAL A 1 32  ? 8.074   -5.953  8.578   1.00 8.74  ? 32   VAL A C   1 
ATOM   237  O  O   . VAL A 1 32  ? 8.358   -5.466  9.706   1.00 8.72  ? 32   VAL A O   1 
ATOM   238  C  CB  . VAL A 1 32  ? 9.112   -4.243  7.066   1.00 7.95  ? 32   VAL A CB  1 
ATOM   239  C  CG1 . VAL A 1 32  ? 10.267  -5.172  6.725   1.00 8.59  ? 32   VAL A CG1 1 
ATOM   240  C  CG2 . VAL A 1 32  ? 8.857   -3.242  5.926   1.00 9.99  ? 32   VAL A CG2 1 
ATOM   241  N  N   . ASP A 1 33  ? 7.945   -7.266  8.347   1.00 8.60  ? 33   ASP A N   1 
ATOM   242  C  CA  . ASP A 1 33  ? 8.056   -8.241  9.447   1.00 8.82  ? 33   ASP A CA  1 
ATOM   243  C  C   . ASP A 1 33  ? 7.217   -7.843  10.671  1.00 8.63  ? 33   ASP A C   1 
ATOM   244  O  O   . ASP A 1 33  ? 7.705   -7.852  11.794  1.00 9.03  ? 33   ASP A O   1 
ATOM   245  C  CB  . ASP A 1 33  ? 9.530   -8.351  9.814   1.00 8.88  ? 33   ASP A CB  1 
ATOM   246  C  CG  . ASP A 1 33  ? 10.345  -8.993  8.700   1.00 12.75 ? 33   ASP A CG  1 
ATOM   247  O  OD1 . ASP A 1 33  ? 9.825   -9.924  8.081   1.00 16.08 ? 33   ASP A OD1 1 
ATOM   248  O  OD2 . ASP A 1 33  ? 11.486  -8.621  8.398   1.00 12.11 ? 33   ASP A OD2 1 
ATOM   249  N  N   . ASN A 1 34  ? 5.976   -7.447  10.399  1.00 9.28  ? 34   ASN A N   1 
ATOM   250  C  CA  . ASN A 1 34  ? 4.939   -7.138  11.365  1.00 8.87  ? 34   ASN A CA  1 
ATOM   251  C  C   . ASN A 1 34  ? 5.194   -5.876  12.178  1.00 9.63  ? 34   ASN A C   1 
ATOM   252  O  O   . ASN A 1 34  ? 4.499   -5.634  13.166  1.00 9.61  ? 34   ASN A O   1 
ATOM   253  C  CB  . ASN A 1 34  ? 4.661   -8.316  12.305  1.00 9.31  ? 34   ASN A CB  1 
ATOM   254  C  CG  . ASN A 1 34  ? 4.054   -9.524  11.587  1.00 11.49 ? 34   ASN A CG  1 
ATOM   255  O  OD1 . ASN A 1 34  ? 4.501   -10.676 11.779  1.00 15.03 ? 34   ASN A OD1 1 
ATOM   256  N  ND2 . ASN A 1 34  ? 3.040   -9.280  10.795  1.00 8.02  ? 34   ASN A ND2 1 
ATOM   257  N  N   . VAL A 1 35  ? 6.122   -5.056  11.714  1.00 9.20  ? 35   VAL A N   1 
ATOM   258  C  CA  . VAL A 1 35  ? 6.477   -3.810  12.398  1.00 8.81  ? 35   VAL A CA  1 
ATOM   259  C  C   . VAL A 1 35  ? 6.132   -2.661  11.480  1.00 9.31  ? 35   VAL A C   1 
ATOM   260  O  O   . VAL A 1 35  ? 6.677   -2.553  10.355  1.00 8.81  ? 35   VAL A O   1 
ATOM   261  C  CB  . VAL A 1 35  ? 7.957   -3.777  12.787  1.00 8.92  ? 35   VAL A CB  1 
ATOM   262  C  CG1 . VAL A 1 35  ? 8.331   -2.376  13.340  1.00 9.86  ? 35   VAL A CG1 1 
ATOM   263  C  CG2 . VAL A 1 35  ? 8.214   -4.851  13.824  1.00 10.39 ? 35   VAL A CG2 1 
ATOM   264  N  N   . VAL A 1 36  ? 5.344   -1.703  11.980  1.00 8.99  ? 36   VAL A N   1 
ATOM   265  C  CA  . VAL A 1 36  ? 5.000   -0.528  11.149  1.00 7.95  ? 36   VAL A CA  1 
ATOM   266  C  C   . VAL A 1 36  ? 6.265   0.319   10.947  1.00 9.36  ? 36   VAL A C   1 
ATOM   267  O  O   . VAL A 1 36  ? 6.895   0.782   11.920  1.00 8.48  ? 36   VAL A O   1 
ATOM   268  C  CB  . VAL A 1 36  ? 3.893   0.318   11.768  1.00 8.89  ? 36   VAL A CB  1 
ATOM   269  C  CG1 . VAL A 1 36  ? 3.672   1.592   10.957  1.00 9.05  ? 36   VAL A CG1 1 
ATOM   270  C  CG2 . VAL A 1 36  ? 2.602   -0.457  11.919  1.00 10.09 ? 36   VAL A CG2 1 
ATOM   271  N  N   . LYS A 1 37  ? 6.640   0.525   9.676   1.00 8.79  ? 37   LYS A N   1 
ATOM   272  C  CA  . LYS A 1 37  ? 7.797   1.286   9.298   1.00 9.10  ? 37   LYS A CA  1 
ATOM   273  C  C   . LYS A 1 37  ? 7.460   2.589   8.629   1.00 9.67  ? 37   LYS A C   1 
ATOM   274  O  O   . LYS A 1 37  ? 8.329   3.433   8.489   1.00 10.53 ? 37   LYS A O   1 
ATOM   275  C  CB  . LYS A 1 37  ? 8.704   0.472   8.383   1.00 9.69  ? 37   LYS A CB  1 
ATOM   276  C  CG  . LYS A 1 37  ? 9.255   -0.804  8.998   1.00 14.07 ? 37   LYS A CG  1 
ATOM   277  C  CD  . LYS A 1 37  ? 10.055  -0.581  10.240  1.00 19.06 ? 37   LYS A CD  1 
ATOM   278  C  CE  . LYS A 1 37  ? 11.380  0.023   9.975   1.00 24.97 ? 37   LYS A CE  1 
ATOM   279  N  NZ  . LYS A 1 37  ? 12.156  0.188   11.311  1.00 31.49 ? 37   LYS A NZ  1 
ATOM   280  N  N   . ALA A 1 38  ? 6.233   2.750   8.161   1.00 9.98  ? 38   ALA A N   1 
ATOM   281  C  CA  . ALA A 1 38  ? 5.799   4.033   7.580   1.00 10.47 ? 38   ALA A CA  1 
ATOM   282  C  C   . ALA A 1 38  ? 4.315   4.149   7.763   1.00 10.41 ? 38   ALA A C   1 
ATOM   283  O  O   . ALA A 1 38  ? 3.594   3.160   7.707   1.00 10.15 ? 38   ALA A O   1 
ATOM   284  C  CB  . ALA A 1 38  ? 6.121   4.097   6.084   1.00 11.21 ? 38   ALA A CB  1 
ATOM   285  N  N   . THR A 1 39  ? 3.851   5.378   7.970   1.00 10.13 ? 39   THR A N   1 
ATOM   286  C  CA  . THR A 1 39  ? 2.444   5.653   8.084   1.00 10.28 ? 39   THR A CA  1 
ATOM   287  C  C   . THR A 1 39  ? 2.140   6.897   7.261   1.00 10.33 ? 39   THR A C   1 
ATOM   288  O  O   . THR A 1 39  ? 2.841   7.918   7.380   1.00 11.21 ? 39   THR A O   1 
ATOM   289  C  CB  . THR A 1 39  ? 2.053   5.909   9.551   1.00 11.43 ? 39   THR A CB  1 
ATOM   290  O  OG1 . THR A 1 39  ? 2.360   4.758   10.344  1.00 11.46 ? 39   THR A OG1 1 
ATOM   291  C  CG2 . THR A 1 39  ? 0.557   6.072   9.675   1.00 10.77 ? 39   THR A CG2 1 
ATOM   292  N  N   . PHE A 1 40  ? 1.118   6.802   6.426   1.00 9.40  ? 40   PHE A N   1 
ATOM   293  C  CA  . PHE A 1 40  ? 0.685   7.921   5.590   1.00 9.68  ? 40   PHE A CA  1 
ATOM   294  C  C   . PHE A 1 40  ? -0.736  8.284   5.964   1.00 10.42 ? 40   PHE A C   1 
ATOM   295  O  O   . PHE A 1 40  ? -1.560  7.392   6.133   1.00 11.27 ? 40   PHE A O   1 
ATOM   296  C  CB  . PHE A 1 40  ? 0.709   7.507   4.116   1.00 9.89  ? 40   PHE A CB  1 
ATOM   297  C  CG  . PHE A 1 40  ? 2.063   7.044   3.637   1.00 9.68  ? 40   PHE A CG  1 
ATOM   298  C  CD1 . PHE A 1 40  ? 3.020   7.972   3.222   1.00 10.35 ? 40   PHE A CD1 1 
ATOM   299  C  CD2 . PHE A 1 40  ? 2.363   5.691   3.556   1.00 10.11 ? 40   PHE A CD2 1 
ATOM   300  C  CE1 . PHE A 1 40  ? 4.269   7.544   2.780   1.00 12.02 ? 40   PHE A CE1 1 
ATOM   301  C  CE2 . PHE A 1 40  ? 3.616   5.258   3.108   1.00 11.43 ? 40   PHE A CE2 1 
ATOM   302  C  CZ  . PHE A 1 40  ? 4.568   6.196   2.738   1.00 12.56 ? 40   PHE A CZ  1 
ATOM   303  N  N   . THR A 1 41  ? -1.025  9.578   6.132   1.00 10.39 ? 41   THR A N   1 
ATOM   304  C  CA  . THR A 1 41  ? -2.337  9.981   6.648   1.00 11.04 ? 41   THR A CA  1 
ATOM   305  C  C   . THR A 1 41  ? -2.854  11.171  5.874   1.00 12.10 ? 41   THR A C   1 
ATOM   306  O  O   . THR A 1 41  ? -2.099  12.114  5.606   1.00 12.68 ? 41   THR A O   1 
ATOM   307  C  CB  . THR A 1 41  ? -2.197  10.416  8.127   1.00 12.88 ? 41   THR A CB  1 
ATOM   308  O  OG1 . THR A 1 41  ? -1.704  9.310   8.904   1.00 14.27 ? 41   THR A OG1 1 
ATOM   309  C  CG2 . THR A 1 41  ? -3.566  10.787  8.706   1.00 15.86 ? 41   THR A CG2 1 
ATOM   310  N  N   . GLY A 1 42  ? -4.128  11.129  5.488   1.00 11.51 ? 42   GLY A N   1 
ATOM   311  C  CA  . GLY A 1 42  ? -4.761  12.271  4.865   1.00 11.71 ? 42   GLY A CA  1 
ATOM   312  C  C   . GLY A 1 42  ? -6.002  11.931  4.076   1.00 11.41 ? 42   GLY A C   1 
ATOM   313  O  O   . GLY A 1 42  ? -6.455  10.816  4.017   1.00 10.36 ? 42   GLY A O   1 
ATOM   314  N  N   . SER A 1 43  ? -6.576  12.972  3.500   1.00 11.74 ? 43   SER A N   1 
ATOM   315  C  CA  . SER A 1 43  ? -7.815  12.866  2.745   1.00 11.98 ? 43   SER A CA  1 
ATOM   316  C  C   . SER A 1 43  ? -7.715  13.772  1.527   1.00 11.45 ? 43   SER A C   1 
ATOM   317  O  O   . SER A 1 43  ? -6.758  14.536  1.356   1.00 13.08 ? 43   SER A O   1 
ATOM   318  C  CB  . SER A 1 43  ? -9.013  13.265  3.599   1.00 13.03 ? 43   SER A CB  1 
ATOM   319  O  OG  . SER A 1 43  ? -8.923  14.626  3.962   1.00 12.35 ? 43   SER A OG  1 
ATOM   320  N  N   . GLY A 1 44  ? -8.708  13.681  0.666   1.00 11.17 ? 44   GLY A N   1 
ATOM   321  C  CA  . GLY A 1 44  ? -8.759  14.450  -0.561  1.00 11.49 ? 44   GLY A CA  1 
ATOM   322  C  C   . GLY A 1 44  ? -9.269  13.540  -1.647  1.00 11.86 ? 44   GLY A C   1 
ATOM   323  O  O   . GLY A 1 44  ? -8.968  12.337  -1.634  1.00 10.04 ? 44   GLY A O   1 
ATOM   324  N  N   . THR A 1 45  ? -10.043 14.084  -2.578  1.00 12.41 ? 45   THR A N   1 
ATOM   325  C  CA  . THR A 1 45  ? -10.720 13.242  -3.557  1.00 12.51 ? 45   THR A CA  1 
ATOM   326  C  C   . THR A 1 45  ? -10.093 13.277  -4.935  1.00 12.73 ? 45   THR A C   1 
ATOM   327  O  O   . THR A 1 45  ? -10.625 12.628  -5.840  1.00 13.49 ? 45   THR A O   1 
ATOM   328  C  CB  . THR A 1 45  ? -12.222 13.589  -3.660  1.00 14.25 ? 45   THR A CB  1 
ATOM   329  O  OG1 . THR A 1 45  ? -12.357 15.018  -3.845  1.00 14.30 ? 45   THR A OG1 1 
ATOM   330  C  CG2 . THR A 1 45  ? -12.930 13.254  -2.381  1.00 15.29 ? 45   THR A CG2 1 
ATOM   331  N  N   A SER A 1 46  ? -8.984  14.009  -5.093  0.70 11.92 ? 46   SER A N   1 
ATOM   332  N  N   B SER A 1 46  ? -8.983  13.993  -5.122  0.30 11.94 ? 46   SER A N   1 
ATOM   333  C  CA  A SER A 1 46  ? -8.266  14.059  -6.363  0.70 12.07 ? 46   SER A CA  1 
ATOM   334  C  CA  B SER A 1 46  ? -8.309  14.009  -6.423  0.30 11.53 ? 46   SER A CA  1 
ATOM   335  C  C   A SER A 1 46  ? -6.851  13.491  -6.263  0.70 11.42 ? 46   SER A C   1 
ATOM   336  C  C   B SER A 1 46  ? -6.873  13.474  -6.337  0.30 11.32 ? 46   SER A C   1 
ATOM   337  O  O   A SER A 1 46  ? -5.881  14.202  -6.463  0.70 10.11 ? 46   SER A O   1 
ATOM   338  O  O   B SER A 1 46  ? -5.914  14.191  -6.613  0.30 10.76 ? 46   SER A O   1 
ATOM   339  C  CB  A SER A 1 46  ? -8.195  15.502  -6.863  0.70 13.89 ? 46   SER A CB  1 
ATOM   340  C  CB  B SER A 1 46  ? -8.340  15.418  -7.024  0.30 12.28 ? 46   SER A CB  1 
ATOM   341  O  OG  A SER A 1 46  ? -9.485  15.959  -7.221  0.70 15.57 ? 46   SER A OG  1 
ATOM   342  O  OG  B SER A 1 46  ? -8.035  15.406  -8.409  0.30 10.98 ? 46   SER A OG  1 
ATOM   343  N  N   . ASP A 1 47  ? -6.748  12.195  -5.979  1.00 11.23 ? 47   ASP A N   1 
ATOM   344  C  CA  . ASP A 1 47  ? -5.458  11.522  -5.913  1.00 10.51 ? 47   ASP A CA  1 
ATOM   345  C  C   . ASP A 1 47  ? -4.456  12.291  -5.077  1.00 11.24 ? 47   ASP A C   1 
ATOM   346  O  O   . ASP A 1 47  ? -3.330  12.574  -5.508  1.00 10.89 ? 47   ASP A O   1 
ATOM   347  C  CB  . ASP A 1 47  ? -4.910  11.243  -7.317  1.00 10.56 ? 47   ASP A CB  1 
ATOM   348  C  CG  . ASP A 1 47  ? -4.399  9.845   -7.481  1.00 11.62 ? 47   ASP A CG  1 
ATOM   349  O  OD1 . ASP A 1 47  ? -4.844  8.937   -6.729  1.00 9.32  ? 47   ASP A OD1 1 
ATOM   350  O  OD2 . ASP A 1 47  ? -3.583  9.557   -8.415  1.00 10.06 ? 47   ASP A OD2 1 
ATOM   351  N  N   . LYS A 1 48  ? -4.883  12.678  -3.883  1.00 10.76 ? 48   LYS A N   1 
ATOM   352  C  CA  . LYS A 1 48  ? -3.995  13.389  -2.966  1.00 12.05 ? 48   LYS A CA  1 
ATOM   353  C  C   . LYS A 1 48  ? -2.794  12.501  -2.672  1.00 11.03 ? 48   LYS A C   1 
ATOM   354  O  O   . LYS A 1 48  ? -2.942  11.392  -2.153  1.00 11.09 ? 48   LYS A O   1 
ATOM   355  C  CB  . LYS A 1 48  ? -4.712  13.724  -1.654  1.00 14.13 ? 48   LYS A CB  1 
ATOM   356  C  CG  . LYS A 1 48  ? -3.853  14.504  -0.647  1.00 19.14 ? 48   LYS A CG  1 
ATOM   357  C  CD  . LYS A 1 48  ? -3.920  15.994  -0.805  1.00 26.04 ? 48   LYS A CD  1 
ATOM   358  C  CE  . LYS A 1 48  ? -5.324  16.573  -0.464  1.00 29.85 ? 48   LYS A CE  1 
ATOM   359  N  NZ  . LYS A 1 48  ? -5.668  16.944  1.006   1.00 31.32 ? 48   LYS A NZ  1 
ATOM   360  N  N   . LEU A 1 49  ? -1.603  12.979  -3.024  1.00 11.18 ? 49   LEU A N   1 
ATOM   361  C  CA  . LEU A 1 49  ? -0.363  12.275  -2.673  1.00 11.33 ? 49   LEU A CA  1 
ATOM   362  C  C   . LEU A 1 49  ? -0.059  12.460  -1.176  1.00 11.66 ? 49   LEU A C   1 
ATOM   363  O  O   . LEU A 1 49  ? 0.191   13.590  -0.676  1.00 12.67 ? 49   LEU A O   1 
ATOM   364  C  CB  . LEU A 1 49  ? 0.746   12.783  -3.580  1.00 12.62 ? 49   LEU A CB  1 
ATOM   365  C  CG  . LEU A 1 49  ? 2.119   12.257  -3.193  1.00 16.72 ? 49   LEU A CG  1 
ATOM   366  C  CD1 . LEU A 1 49  ? 2.241   10.871  -3.582  1.00 18.75 ? 49   LEU A CD1 1 
ATOM   367  C  CD2 . LEU A 1 49  ? 3.155   13.150  -3.899  1.00 20.85 ? 49   LEU A CD2 1 
ATOM   368  N  N   . LEU A 1 50  ? -0.131  11.362  -0.424  1.00 9.76  ? 50   LEU A N   1 
ATOM   369  C  CA  . LEU A 1 50  ? 0.092   11.377  0.992   1.00 10.39 ? 50   LEU A CA  1 
ATOM   370  C  C   . LEU A 1 50  ? 1.563   11.254  1.354   1.00 11.52 ? 50   LEU A C   1 
ATOM   371  O  O   . LEU A 1 50  ? 1.960   11.640  2.464   1.00 12.82 ? 50   LEU A O   1 
ATOM   372  C  CB  . LEU A 1 50  ? -0.737  10.307  1.675   1.00 10.23 ? 50   LEU A CB  1 
ATOM   373  C  CG  . LEU A 1 50  ? -2.228  10.308  1.405   1.00 11.57 ? 50   LEU A CG  1 
ATOM   374  C  CD1 . LEU A 1 50  ? -2.863  9.117   2.132   1.00 12.22 ? 50   LEU A CD1 1 
ATOM   375  C  CD2 . LEU A 1 50  ? -2.870  11.604  1.801   1.00 15.08 ? 50   LEU A CD2 1 
ATOM   376  N  N   . GLY A 1 51  ? 2.369   10.715  0.469   1.00 10.75 ? 51   GLY A N   1 
ATOM   377  C  CA  . GLY A 1 51  ? 3.804   10.648  0.716   1.00 10.99 ? 51   GLY A CA  1 
ATOM   378  C  C   . GLY A 1 51  ? 4.414   9.515   -0.086  1.00 10.16 ? 51   GLY A C   1 
ATOM   379  O  O   . GLY A 1 51  ? 3.696   8.707   -0.717  1.00 9.50  ? 51   GLY A O   1 
ATOM   380  N  N   . SER A 1 52  ? 5.740   9.474   -0.080  1.00 9.83  ? 52   SER A N   1 
ATOM   381  C  CA  . SER A 1 52  ? 6.482   8.413   -0.760  1.00 10.35 ? 52   SER A CA  1 
ATOM   382  C  C   . SER A 1 52  ? 7.767   8.209   0.042   1.00 10.79 ? 52   SER A C   1 
ATOM   383  O  O   . SER A 1 52  ? 8.427   9.198   0.441   1.00 12.41 ? 52   SER A O   1 
ATOM   384  C  CB  . SER A 1 52  ? 6.803   8.806   -2.196  1.00 10.26 ? 52   SER A CB  1 
ATOM   385  O  OG  . SER A 1 52  ? 7.467   7.758   -2.919  1.00 11.91 ? 52   SER A OG  1 
ATOM   386  N  N   . GLN A 1 53  ? 8.089   6.958   0.322   1.00 11.11 ? 53   GLN A N   1 
ATOM   387  C  CA  . GLN A 1 53  ? 9.243   6.602   1.152   1.00 11.75 ? 53   GLN A CA  1 
ATOM   388  C  C   . GLN A 1 53  ? 9.926   5.367   0.635   1.00 10.72 ? 53   GLN A C   1 
ATOM   389  O  O   . GLN A 1 53  ? 9.310   4.527   -0.003  1.00 10.68 ? 53   GLN A O   1 
ATOM   390  C  CB  . GLN A 1 53  ? 8.832   6.322   2.589   1.00 13.01 ? 53   GLN A CB  1 
ATOM   391  C  CG  . GLN A 1 53  ? 8.333   7.550   3.307   1.00 18.60 ? 53   GLN A CG  1 
ATOM   392  C  CD  . GLN A 1 53  ? 8.042   7.237   4.761   1.00 21.55 ? 53   GLN A CD  1 
ATOM   393  O  OE1 . GLN A 1 53  ? 8.817   6.494   5.412   1.00 25.19 ? 53   GLN A OE1 1 
ATOM   394  N  NE2 . GLN A 1 53  ? 6.935   7.800   5.275   1.00 24.57 ? 53   GLN A NE2 1 
ATOM   395  N  N   . VAL A 1 54  ? 11.227  5.262   0.928   1.00 9.90  ? 54   VAL A N   1 
ATOM   396  C  CA  . VAL A 1 54  ? 12.005  4.068   0.607   1.00 10.05 ? 54   VAL A CA  1 
ATOM   397  C  C   . VAL A 1 54  ? 12.340  3.326   1.887   1.00 9.71  ? 54   VAL A C   1 
ATOM   398  O  O   . VAL A 1 54  ? 12.762  3.943   2.875   1.00 9.74  ? 54   VAL A O   1 
ATOM   399  C  CB  . VAL A 1 54  ? 13.261  4.441   -0.168  1.00 10.52 ? 54   VAL A CB  1 
ATOM   400  C  CG1 . VAL A 1 54  ? 14.188  3.243   -0.381  1.00 10.85 ? 54   VAL A CG1 1 
ATOM   401  C  CG2 . VAL A 1 54  ? 12.885  5.004   -1.512  1.00 10.71 ? 54   VAL A CG2 1 
ATOM   402  N  N   . LEU A 1 55  ? 12.031  2.036   1.901   1.00 8.34  ? 55   LEU A N   1 
ATOM   403  C  CA  . LEU A 1 55  ? 12.220  1.175   3.050   1.00 9.17  ? 55   LEU A CA  1 
ATOM   404  C  C   . LEU A 1 55  ? 12.993  -0.082  2.659   1.00 9.60  ? 55   LEU A C   1 
ATOM   405  O  O   . LEU A 1 55  ? 13.046  -0.474  1.511   1.00 10.00 ? 55   LEU A O   1 
ATOM   406  C  CB  . LEU A 1 55  ? 10.856  0.730   3.541   1.00 9.63  ? 55   LEU A CB  1 
ATOM   407  C  CG  . LEU A 1 55  ? 9.922   1.843   4.015   1.00 11.98 ? 55   LEU A CG  1 
ATOM   408  C  CD1 . LEU A 1 55  ? 8.571   1.210   4.273   1.00 11.89 ? 55   LEU A CD1 1 
ATOM   409  C  CD2 . LEU A 1 55  ? 10.456  2.485   5.257   1.00 14.52 ? 55   LEU A CD2 1 
ATOM   410  N  N   . ASN A 1 56  ? 13.587  -0.719  3.655   1.00 9.89  ? 56   ASN A N   1 
ATOM   411  C  CA  . ASN A 1 56  ? 14.209  -2.000  3.474   1.00 10.26 ? 56   ASN A CA  1 
ATOM   412  C  C   . ASN A 1 56  ? 13.154  -3.088  3.734   1.00 9.96  ? 56   ASN A C   1 
ATOM   413  O  O   . ASN A 1 56  ? 12.352  -2.972  4.671   1.00 8.95  ? 56   ASN A O   1 
ATOM   414  C  CB  . ASN A 1 56  ? 15.333  -2.164  4.481   1.00 11.16 ? 56   ASN A CB  1 
ATOM   415  C  CG  . ASN A 1 56  ? 16.153  -3.424  4.249   1.00 13.52 ? 56   ASN A CG  1 
ATOM   416  O  OD1 . ASN A 1 56  ? 15.846  -4.473  4.791   1.00 13.89 ? 56   ASN A OD1 1 
ATOM   417  N  ND2 . ASN A 1 56  ? 17.238  -3.304  3.477   1.00 15.20 ? 56   ASN A ND2 1 
ATOM   418  N  N   . SER A 1 57  ? 13.196  -4.147  2.942   1.00 9.12  ? 57   SER A N   1 
ATOM   419  C  CA  . SER A 1 57  ? 12.183  -5.193  3.008   1.00 9.02  ? 57   SER A CA  1 
ATOM   420  C  C   . SER A 1 57  ? 12.369  -6.211  4.154   1.00 8.29  ? 57   SER A C   1 
ATOM   421  O  O   . SER A 1 57  ? 11.551  -7.098  4.334   1.00 9.60  ? 57   SER A O   1 
ATOM   422  C  CB  . SER A 1 57  ? 12.151  -5.978  1.699   1.00 9.36  ? 57   SER A CB  1 
ATOM   423  O  OG  . SER A 1 57  ? 13.344  -6.693  1.572   1.00 10.33 ? 57   SER A OG  1 
ATOM   424  N  N   . GLY A 1 58  ? 13.453  -6.112  4.906   1.00 9.71  ? 58   GLY A N   1 
ATOM   425  C  CA  . GLY A 1 58  ? 13.685  -7.051  5.999   1.00 10.74 ? 58   GLY A CA  1 
ATOM   426  C  C   . GLY A 1 58  ? 13.744  -8.478  5.492   1.00 9.95  ? 58   GLY A C   1 
ATOM   427  O  O   . GLY A 1 58  ? 14.483  -8.744  4.540   1.00 10.08 ? 58   GLY A O   1 
ATOM   428  N  N   . SER A 1 59  ? 12.972  -9.399  6.096   1.00 10.44 ? 59   SER A N   1 
ATOM   429  C  CA  . SER A 1 59  ? 12.921  -10.780 5.616   1.00 10.21 ? 59   SER A CA  1 
ATOM   430  C  C   . SER A 1 59  ? 12.233  -10.920 4.300   1.00 10.01 ? 59   SER A C   1 
ATOM   431  O  O   . SER A 1 59  ? 12.280  -11.973 3.653   1.00 10.83 ? 59   SER A O   1 
ATOM   432  C  CB  . SER A 1 59  ? 12.254  -11.701 6.643   1.00 11.68 ? 59   SER A CB  1 
ATOM   433  O  OG  . SER A 1 59  ? 10.836  -11.569 6.561   1.00 13.08 ? 59   SER A OG  1 
ATOM   434  N  N   . GLY A 1 60  ? 11.492  -9.865  3.942   1.00 10.61 ? 60   GLY A N   1 
ATOM   435  C  CA  . GLY A 1 60  ? 10.667  -9.833  2.734   1.00 10.51 ? 60   GLY A CA  1 
ATOM   436  C  C   . GLY A 1 60  ? 9.174   -9.831  3.019   1.00 9.83  ? 60   GLY A C   1 
ATOM   437  O  O   . GLY A 1 60  ? 8.375   -9.689  2.108   1.00 9.02  ? 60   GLY A O   1 
ATOM   438  N  N   . ALA A 1 61  ? 8.760   -9.942  4.293   1.00 10.12 ? 61   ALA A N   1 
ATOM   439  C  CA  . ALA A 1 61  ? 7.352   -9.974  4.622   1.00 8.25  ? 61   ALA A CA  1 
ATOM   440  C  C   . ALA A 1 61  ? 6.740   -8.609  4.778   1.00 9.20  ? 61   ALA A C   1 
ATOM   441  O  O   . ALA A 1 61  ? 6.928   -7.956  5.804   1.00 9.39  ? 61   ALA A O   1 
ATOM   442  C  CB  . ALA A 1 61  ? 7.127   -10.815 5.883   1.00 9.68  ? 61   ALA A CB  1 
ATOM   443  N  N   . ILE A 1 62  ? 6.000   -8.169  3.755   1.00 8.38  ? 62   ILE A N   1 
ATOM   444  C  CA  . ILE A 1 62  ? 5.384   -6.815  3.753   1.00 9.22  ? 62   ILE A CA  1 
ATOM   445  C  C   . ILE A 1 62  ? 3.872   -6.984  3.922   1.00 9.36  ? 62   ILE A C   1 
ATOM   446  O  O   . ILE A 1 62  ? 3.233   -7.918  3.360   1.00 9.83  ? 62   ILE A O   1 
ATOM   447  C  CB  . ILE A 1 62  ? 5.711   -6.102  2.424   1.00 8.77  ? 62   ILE A CB  1 
ATOM   448  C  CG1 . ILE A 1 62  ? 7.063   -5.414  2.465   1.00 13.85 ? 62   ILE A CG1 1 
ATOM   449  C  CG2 . ILE A 1 62  ? 4.670   -5.001  2.106   1.00 13.98 ? 62   ILE A CG2 1 
ATOM   450  C  CD1 . ILE A 1 62  ? 8.173   -6.141  2.931   1.00 13.13 ? 62   ILE A CD1 1 
ATOM   451  N  N   A LYS A 1 63  ? 3.274   -6.127  4.742   0.60 9.09  ? 63   LYS A N   1 
ATOM   452  N  N   B LYS A 1 63  ? 3.301   -6.101  4.727   0.40 8.53  ? 63   LYS A N   1 
ATOM   453  C  CA  A LYS A 1 63  ? 1.821   -6.059  4.854   0.60 9.31  ? 63   LYS A CA  1 
ATOM   454  C  CA  B LYS A 1 63  ? 1.863   -6.001  4.877   0.40 8.18  ? 63   LYS A CA  1 
ATOM   455  C  C   A LYS A 1 63  ? 1.382   -4.593  4.879   0.60 8.97  ? 63   LYS A C   1 
ATOM   456  C  C   B LYS A 1 63  ? 1.480   -4.523  4.765   0.40 8.23  ? 63   LYS A C   1 
ATOM   457  O  O   A LYS A 1 63  ? 1.924   -3.804  5.650   0.60 7.31  ? 63   LYS A O   1 
ATOM   458  O  O   B LYS A 1 63  ? 2.180   -3.647  5.286   0.40 7.29  ? 63   LYS A O   1 
ATOM   459  C  CB  A LYS A 1 63  ? 1.321   -6.777  6.122   0.60 10.36 ? 63   LYS A CB  1 
ATOM   460  C  CB  B LYS A 1 63  ? 1.432   -6.583  6.228   0.40 8.39  ? 63   LYS A CB  1 
ATOM   461  C  CG  A LYS A 1 63  ? -0.202  -6.761  6.258   0.60 13.36 ? 63   LYS A CG  1 
ATOM   462  C  CG  B LYS A 1 63  ? -0.028  -6.362  6.568   0.40 8.59  ? 63   LYS A CG  1 
ATOM   463  C  CD  A LYS A 1 63  ? -0.752  -7.976  7.037   0.60 19.10 ? 63   LYS A CD  1 
ATOM   464  C  CD  B LYS A 1 63  ? -0.451  -7.131  7.809   0.40 8.36  ? 63   LYS A CD  1 
ATOM   465  C  CE  A LYS A 1 63  ? -0.344  -7.972  8.483   0.60 20.43 ? 63   LYS A CE  1 
ATOM   466  C  CE  B LYS A 1 63  ? -1.967  -7.461  7.760   0.40 11.17 ? 63   LYS A CE  1 
ATOM   467  N  NZ  A LYS A 1 63  ? -1.138  -8.966  9.316   0.60 18.66 ? 63   LYS A NZ  1 
ATOM   468  N  NZ  B LYS A 1 63  ? -2.435  -8.053  9.050   0.40 13.99 ? 63   LYS A NZ  1 
ATOM   469  N  N   . ILE A 1 64  ? 0.386   -4.247  4.049   1.00 7.60  ? 64   ILE A N   1 
ATOM   470  C  CA  . ILE A 1 64  ? -0.176  -2.921  3.976   1.00 8.26  ? 64   ILE A CA  1 
ATOM   471  C  C   . ILE A 1 64  ? -1.541  -2.984  4.672   1.00 9.38  ? 64   ILE A C   1 
ATOM   472  O  O   . ILE A 1 64  ? -2.343  -3.880  4.406   1.00 10.10 ? 64   ILE A O   1 
ATOM   473  C  CB  . ILE A 1 64  ? -0.374  -2.480  2.514   1.00 8.30  ? 64   ILE A CB  1 
ATOM   474  C  CG1 . ILE A 1 64  ? 0.941   -2.602  1.732   1.00 10.34 ? 64   ILE A CG1 1 
ATOM   475  C  CG2 . ILE A 1 64  ? -0.956  -1.113  2.435   1.00 8.77  ? 64   ILE A CG2 1 
ATOM   476  C  CD1 . ILE A 1 64  ? 2.103   -1.760  2.267   1.00 11.89 ? 64   ILE A CD1 1 
ATOM   477  N  N   . GLN A 1 65  ? -1.804  -2.003  5.532   1.00 9.47  ? 65   GLN A N   1 
ATOM   478  C  CA  . GLN A 1 65  ? -3.067  -1.869  6.236   1.00 9.69  ? 65   GLN A CA  1 
ATOM   479  C  C   . GLN A 1 65  ? -3.626  -0.509  5.911   1.00 9.22  ? 65   GLN A C   1 
ATOM   480  O  O   . GLN A 1 65  ? -2.898  0.475   5.814   1.00 9.84  ? 65   GLN A O   1 
ATOM   481  C  CB  . GLN A 1 65  ? -2.866  -1.982  7.768   1.00 10.89 ? 65   GLN A CB  1 
ATOM   482  C  CG  . GLN A 1 65  ? -2.353  -3.310  8.134   1.00 14.31 ? 65   GLN A CG  1 
ATOM   483  C  CD  . GLN A 1 65  ? -2.102  -3.543  9.629   1.00 16.36 ? 65   GLN A CD  1 
ATOM   484  O  OE1 . GLN A 1 65  ? -1.957  -4.711  10.019  1.00 19.29 ? 65   GLN A OE1 1 
ATOM   485  N  NE2 . GLN A 1 65  ? -1.993  -2.469  10.442  1.00 15.37 ? 65   GLN A NE2 1 
ATOM   486  N  N   . VAL A 1 66  ? -4.922  -0.457  5.742   1.00 8.62  ? 66   VAL A N   1 
ATOM   487  C  CA  . VAL A 1 66  ? -5.611  0.822   5.552   1.00 8.13  ? 66   VAL A CA  1 
ATOM   488  C  C   . VAL A 1 66  ? -6.813  0.859   6.484   1.00 9.19  ? 66   VAL A C   1 
ATOM   489  O  O   . VAL A 1 66  ? -7.557  -0.119  6.588   1.00 9.21  ? 66   VAL A O   1 
ATOM   490  C  CB  . VAL A 1 66  ? -6.119  1.015   4.095   1.00 8.55  ? 66   VAL A CB  1 
ATOM   491  C  CG1 . VAL A 1 66  ? -6.701  2.418   3.961   1.00 9.34  ? 66   VAL A CG1 1 
ATOM   492  C  CG2 . VAL A 1 66  ? -4.986  0.792   3.067   1.00 10.13 ? 66   VAL A CG2 1 
ATOM   493  N  N   . SER A 1 67  ? -6.966  1.981   7.170   1.00 9.76  ? 67   SER A N   1 
ATOM   494  C  CA  . SER A 1 67  ? -8.057  2.153   8.127   1.00 10.80 ? 67   SER A CA  1 
ATOM   495  C  C   . SER A 1 67  ? -8.493  3.609   8.146   1.00 10.99 ? 67   SER A C   1 
ATOM   496  O  O   . SER A 1 67  ? -7.789  4.500   7.666   1.00 9.13  ? 67   SER A O   1 
ATOM   497  C  CB  . SER A 1 67  ? -7.594  1.658   9.513   1.00 11.10 ? 67   SER A CB  1 
ATOM   498  O  OG  . SER A 1 67  ? -6.527  2.458   9.965   1.00 14.10 ? 67   SER A OG  1 
ATOM   499  N  N   . VAL A 1 68  ? -9.717  3.819   8.616   1.00 11.48 ? 68   VAL A N   1 
ATOM   500  C  CA  . VAL A 1 68  ? -10.233 5.160   8.793   1.00 12.16 ? 68   VAL A CA  1 
ATOM   501  C  C   . VAL A 1 68  ? -10.667 5.248   10.263  1.00 15.15 ? 68   VAL A C   1 
ATOM   502  O  O   . VAL A 1 68  ? -11.575 4.513   10.660  1.00 16.34 ? 68   VAL A O   1 
ATOM   503  C  CB  . VAL A 1 68  ? -11.438 5.385   7.890   1.00 13.25 ? 68   VAL A CB  1 
ATOM   504  C  CG1 . VAL A 1 68  ? -12.085 6.750   8.292   1.00 15.58 ? 68   VAL A CG1 1 
ATOM   505  C  CG2 . VAL A 1 68  ? -11.010 5.335   6.467   1.00 11.55 ? 68   VAL A CG2 1 
ATOM   506  N  N   . ASN A 1 69  ? -9.972  6.084   11.029  1.00 17.70 ? 69   ASN A N   1 
ATOM   507  C  CA  . ASN A 1 69  ? -10.264 6.295   12.468  1.00 20.35 ? 69   ASN A CA  1 
ATOM   508  C  C   . ASN A 1 69  ? -10.334 4.917   13.185  1.00 19.73 ? 69   ASN A C   1 
ATOM   509  O  O   . ASN A 1 69  ? -11.263 4.627   13.950  1.00 20.51 ? 69   ASN A O   1 
ATOM   510  C  CB  . ASN A 1 69  ? -11.579 7.085   12.600  1.00 22.01 ? 69   ASN A CB  1 
ATOM   511  C  CG  . ASN A 1 69  ? -11.504 8.518   11.975  1.00 30.38 ? 69   ASN A CG  1 
ATOM   512  O  OD1 . ASN A 1 69  ? -10.507 9.250   12.145  1.00 40.64 ? 69   ASN A OD1 1 
ATOM   513  N  ND2 . ASN A 1 69  ? -12.578 8.916   11.251  1.00 37.61 ? 69   ASN A ND2 1 
ATOM   514  N  N   . GLY A 1 70  ? -9.354  4.078   12.899  1.00 19.17 ? 70   GLY A N   1 
ATOM   515  C  CA  . GLY A 1 70  ? -9.234  2.784   13.536  1.00 19.23 ? 70   GLY A CA  1 
ATOM   516  C  C   . GLY A 1 70  ? -10.063 1.663   12.948  1.00 18.59 ? 70   GLY A C   1 
ATOM   517  O  O   . GLY A 1 70  ? -9.879  0.517   13.381  1.00 19.64 ? 70   GLY A O   1 
ATOM   518  N  N   . LYS A 1 71  ? -10.945 1.943   11.988  1.00 14.78 ? 71   LYS A N   1 
ATOM   519  C  CA  . LYS A 1 71  ? -11.771 0.911   11.390  1.00 14.49 ? 71   LYS A CA  1 
ATOM   520  C  C   . LYS A 1 71  ? -11.092 0.389   10.114  1.00 13.07 ? 71   LYS A C   1 
ATOM   521  O  O   . LYS A 1 71  ? -10.902 1.166   9.199   1.00 12.64 ? 71   LYS A O   1 
ATOM   522  C  CB  . LYS A 1 71  ? -13.125 1.465   10.992  1.00 15.19 ? 71   LYS A CB  1 
ATOM   523  C  CG  . LYS A 1 71  ? -14.029 0.357   10.552  1.00 20.50 ? 71   LYS A CG  1 
ATOM   524  C  CD  . LYS A 1 71  ? -15.391 0.774   9.996   1.00 29.87 ? 71   LYS A CD  1 
ATOM   525  C  CE  . LYS A 1 71  ? -16.073 -0.467  9.346   1.00 33.87 ? 71   LYS A CE  1 
ATOM   526  N  NZ  . LYS A 1 71  ? -17.536 -0.498  9.594   1.00 38.72 ? 71   LYS A NZ  1 
ATOM   527  N  N   . PRO A 1 72  ? -10.710 -0.868  10.036  1.00 13.29 ? 72   PRO A N   1 
ATOM   528  C  CA  . PRO A 1 72  ? -10.054 -1.353  8.818   1.00 11.86 ? 72   PRO A CA  1 
ATOM   529  C  C   . PRO A 1 72  ? -10.956 -1.272  7.604   1.00 11.66 ? 72   PRO A C   1 
ATOM   530  O  O   . PRO A 1 72  ? -12.146 -1.628  7.641   1.00 10.48 ? 72   PRO A O   1 
ATOM   531  C  CB  . PRO A 1 72  ? -9.765  -2.829  9.121   1.00 12.72 ? 72   PRO A CB  1 
ATOM   532  C  CG  . PRO A 1 72  ? -9.735  -2.880  10.614  1.00 16.40 ? 72   PRO A CG  1 
ATOM   533  C  CD  . PRO A 1 72  ? -10.842 -1.941  11.039  1.00 15.19 ? 72   PRO A CD  1 
ATOM   534  N  N   . SER A 1 73  ? -10.354 -0.819  6.502   1.00 9.27  ? 73   SER A N   1 
ATOM   535  C  CA  . SER A 1 73  ? -11.016 -0.793  5.234   1.00 8.74  ? 73   SER A CA  1 
ATOM   536  C  C   . SER A 1 73  ? -10.971 -2.177  4.561   1.00 9.00  ? 73   SER A C   1 
ATOM   537  O  O   . SER A 1 73  ? -10.195 -3.057  4.972   1.00 11.75 ? 73   SER A O   1 
ATOM   538  C  CB  . SER A 1 73  ? -10.355 0.221   4.324   1.00 8.52  ? 73   SER A CB  1 
ATOM   539  O  OG  . SER A 1 73  ? -10.469 1.507   4.887   1.00 8.72  ? 73   SER A OG  1 
ATOM   540  N  N   . ASP A 1 74  ? -11.752 -2.337  3.512   1.00 9.72  ? 74   ASP A N   1 
ATOM   541  C  CA  . ASP A 1 74  ? -11.739 -3.564  2.736   1.00 9.63  ? 74   ASP A CA  1 
ATOM   542  C  C   . ASP A 1 74  ? -10.653 -3.434  1.639   1.00 10.15 ? 74   ASP A C   1 
ATOM   543  O  O   . ASP A 1 74  ? -10.780 -2.569  0.784   1.00 10.07 ? 74   ASP A O   1 
ATOM   544  C  CB  . ASP A 1 74  ? -13.091 -3.833  2.116   1.00 10.01 ? 74   ASP A CB  1 
ATOM   545  C  CG  . ASP A 1 74  ? -13.137 -5.232  1.488   1.00 16.25 ? 74   ASP A CG  1 
ATOM   546  O  OD1 . ASP A 1 74  ? -12.743 -6.233  2.182   1.00 18.31 ? 74   ASP A OD1 1 
ATOM   547  O  OD2 . ASP A 1 74  ? -13.579 -5.387  0.392   1.00 20.93 ? 74   ASP A OD2 1 
ATOM   548  N  N   . LEU A 1 75  ? -9.638  -4.305  1.650   1.00 8.21  ? 75   LEU A N   1 
ATOM   549  C  CA  . LEU A 1 75  ? -8.530  -4.148  0.733   1.00 7.45  ? 75   LEU A CA  1 
ATOM   550  C  C   . LEU A 1 75  ? -8.661  -5.034  -0.504  1.00 7.53  ? 75   LEU A C   1 
ATOM   551  O  O   . LEU A 1 75  ? -9.258  -6.099  -0.463  1.00 6.67  ? 75   LEU A O   1 
ATOM   552  C  CB  . LEU A 1 75  ? -7.228  -4.512  1.433   1.00 7.76  ? 75   LEU A CB  1 
ATOM   553  C  CG  . LEU A 1 75  ? -6.931  -3.856  2.761   1.00 12.74 ? 75   LEU A CG  1 
ATOM   554  C  CD1 . LEU A 1 75  ? -5.486  -4.242  3.141   1.00 14.27 ? 75   LEU A CD1 1 
ATOM   555  C  CD2 . LEU A 1 75  ? -7.067  -2.398  2.708   1.00 13.91 ? 75   LEU A CD2 1 
ATOM   556  N  N   . VAL A 1 76  ? -8.042  -4.582  -1.584  1.00 7.79  ? 76   VAL A N   1 
ATOM   557  C  CA  . VAL A 1 76  ? -7.838  -5.400  -2.783  1.00 7.94  ? 76   VAL A CA  1 
ATOM   558  C  C   . VAL A 1 76  ? -6.393  -5.151  -3.259  1.00 7.81  ? 76   VAL A C   1 
ATOM   559  O  O   . VAL A 1 76  ? -5.871  -4.069  -3.119  1.00 7.60  ? 76   VAL A O   1 
ATOM   560  C  CB  . VAL A 1 76  ? -8.888  -5.045  -3.887  1.00 8.71  ? 76   VAL A CB  1 
ATOM   561  C  CG1 . VAL A 1 76  ? -8.727  -3.616  -4.423  1.00 9.40  ? 76   VAL A CG1 1 
ATOM   562  C  CG2 . VAL A 1 76  ? -8.808  -6.052  -4.972  1.00 13.18 ? 76   VAL A CG2 1 
ATOM   563  N  N   . SER A 1 77  ? -5.738  -6.183  -3.757  1.00 6.53  ? 77   SER A N   1 
ATOM   564  C  CA  . SER A 1 77  ? -4.328  -6.065  -4.120  1.00 7.27  ? 77   SER A CA  1 
ATOM   565  C  C   . SER A 1 77  ? -3.907  -7.033  -5.189  1.00 7.88  ? 77   SER A C   1 
ATOM   566  O  O   . SER A 1 77  ? -4.579  -8.029  -5.477  1.00 9.01  ? 77   SER A O   1 
ATOM   567  C  CB  . SER A 1 77  ? -3.462  -6.283  -2.898  1.00 8.27  ? 77   SER A CB  1 
ATOM   568  O  OG  . SER A 1 77  ? -3.687  -7.563  -2.317  1.00 7.59  ? 77   SER A OG  1 
ATOM   569  N  N   A ASN A 1 78  ? -2.779  -6.740  -5.803  0.50 7.87  ? 78   ASN A N   1 
ATOM   570  N  N   B ASN A 1 78  ? -2.728  -6.740  -5.723  0.50 8.03  ? 78   ASN A N   1 
ATOM   571  C  CA  A ASN A 1 78  ? -2.042  -7.766  -6.549  0.50 8.13  ? 78   ASN A CA  1 
ATOM   572  C  CA  B ASN A 1 78  ? -2.117  -7.524  -6.795  0.50 8.60  ? 78   ASN A CA  1 
ATOM   573  C  C   A ASN A 1 78  ? -0.595  -7.307  -6.743  0.50 7.72  ? 78   ASN A C   1 
ATOM   574  C  C   B ASN A 1 78  ? -0.628  -7.186  -6.933  0.50 7.99  ? 78   ASN A C   1 
ATOM   575  O  O   A ASN A 1 78  ? -0.189  -6.270  -6.265  0.50 6.72  ? 78   ASN A O   1 
ATOM   576  O  O   B ASN A 1 78  ? -0.229  -6.083  -6.637  0.50 7.67  ? 78   ASN A O   1 
ATOM   577  C  CB  A ASN A 1 78  ? -2.713  -8.103  -7.908  0.50 8.91  ? 78   ASN A CB  1 
ATOM   578  C  CB  B ASN A 1 78  ? -2.824  -7.190  -8.115  0.50 9.05  ? 78   ASN A CB  1 
ATOM   579  C  CG  A ASN A 1 78  ? -2.625  -6.957  -8.929  0.50 11.98 ? 78   ASN A CG  1 
ATOM   580  C  CG  B ASN A 1 78  ? -2.182  -7.874  -9.318  0.50 12.50 ? 78   ASN A CG  1 
ATOM   581  O  OD1 A ASN A 1 78  ? -2.011  -5.945  -8.689  0.50 14.80 ? 78   ASN A OD1 1 
ATOM   582  O  OD1 B ASN A 1 78  ? -1.601  -7.217  -10.175 0.50 13.49 ? 78   ASN A OD1 1 
ATOM   583  N  ND2 A ASN A 1 78  ? -3.225  -7.162  -10.099 0.50 19.26 ? 78   ASN A ND2 1 
ATOM   584  N  ND2 B ASN A 1 78  ? -2.320  -9.191  -9.389  0.50 15.22 ? 78   ASN A ND2 1 
ATOM   585  N  N   . GLN A 1 79  ? 0.171   -8.139  -7.439  1.00 7.86  ? 79   GLN A N   1 
ATOM   586  C  CA  . GLN A 1 79  ? 1.555   -7.851  -7.773  1.00 6.59  ? 79   GLN A CA  1 
ATOM   587  C  C   . GLN A 1 79  ? 1.748   -8.171  -9.251  1.00 6.92  ? 79   GLN A C   1 
ATOM   588  O  O   . GLN A 1 79  ? 1.238   -9.184  -9.762  1.00 7.25  ? 79   GLN A O   1 
ATOM   589  C  CB  . GLN A 1 79  ? 2.479   -8.701  -6.930  1.00 6.85  ? 79   GLN A CB  1 
ATOM   590  C  CG  . GLN A 1 79  ? 3.952   -8.498  -7.287  1.00 6.99  ? 79   GLN A CG  1 
ATOM   591  C  CD  . GLN A 1 79  ? 4.873   -9.347  -6.423  1.00 8.16  ? 79   GLN A CD  1 
ATOM   592  O  OE1 . GLN A 1 79  ? 4.418   -9.976  -5.458  1.00 10.36 ? 79   GLN A OE1 1 
ATOM   593  N  NE2 . GLN A 1 79  ? 6.156   -9.418  -6.796  1.00 8.86  ? 79   GLN A NE2 1 
ATOM   594  N  N   A THR A 1 80  ? 2.464   -7.306  -9.948  0.50 7.04  ? 80   THR A N   1 
ATOM   595  N  N   B THR A 1 80  ? 2.435   -7.259  -9.942  0.50 6.93  ? 80   THR A N   1 
ATOM   596  C  CA  A THR A 1 80  ? 2.742   -7.575  -11.354 0.50 7.54  ? 80   THR A CA  1 
ATOM   597  C  CA  B THR A 1 80  ? 2.745   -7.406  -11.372 0.50 7.62  ? 80   THR A CA  1 
ATOM   598  C  C   A THR A 1 80  ? 4.202   -7.297  -11.651 0.50 7.61  ? 80   THR A C   1 
ATOM   599  C  C   B THR A 1 80  ? 4.261   -7.360  -11.564 0.50 7.50  ? 80   THR A C   1 
ATOM   600  O  O   A THR A 1 80  ? 4.783   -6.376  -11.088 0.50 7.20  ? 80   THR A O   1 
ATOM   601  O  O   B THR A 1 80  ? 4.956   -6.664  -10.827 0.50 7.25  ? 80   THR A O   1 
ATOM   602  C  CB  A THR A 1 80  ? 1.787   -6.753  -12.240 0.50 8.70  ? 80   THR A CB  1 
ATOM   603  C  CB  B THR A 1 80  ? 2.076   -6.256  -12.178 0.50 8.36  ? 80   THR A CB  1 
ATOM   604  O  OG1 A THR A 1 80  ? 1.909   -7.150  -13.611 0.50 11.23 ? 80   THR A OG1 1 
ATOM   605  O  OG1 B THR A 1 80  ? 0.638   -6.363  -12.105 0.50 11.74 ? 80   THR A OG1 1 
ATOM   606  C  CG2 A THR A 1 80  ? 2.126   -5.280  -12.212 0.50 8.29  ? 80   THR A CG2 1 
ATOM   607  C  CG2 B THR A 1 80  ? 2.397   -6.372  -13.681 0.50 10.02 ? 80   THR A CG2 1 
ATOM   608  N  N   . ILE A 1 81  ? 4.775   -8.081  -12.561 1.00 7.32  ? 81   ILE A N   1 
ATOM   609  C  CA  . ILE A 1 81  ? 6.204   -8.036  -12.891 1.00 6.95  ? 81   ILE A CA  1 
ATOM   610  C  C   . ILE A 1 81  ? 6.322   -7.807  -14.400 1.00 7.58  ? 81   ILE A C   1 
ATOM   611  O  O   . ILE A 1 81  ? 5.763   -8.557  -15.195 1.00 7.41  ? 81   ILE A O   1 
ATOM   612  C  CB  . ILE A 1 81  ? 6.918   -9.336  -12.525 1.00 7.10  ? 81   ILE A CB  1 
ATOM   613  C  CG1 . ILE A 1 81  ? 6.591   -9.722  -11.084 1.00 8.79  ? 81   ILE A CG1 1 
ATOM   614  C  CG2 . ILE A 1 81  ? 8.398   -9.150  -12.725 1.00 7.37  ? 81   ILE A CG2 1 
ATOM   615  C  CD1 . ILE A 1 81  ? 7.267   -10.960 -10.569 1.00 13.47 ? 81   ILE A CD1 1 
ATOM   616  N  N   . LEU A 1 82  ? 7.072   -6.782  -14.746 1.00 7.23  ? 82   LEU A N   1 
ATOM   617  C  CA  . LEU A 1 82  ? 7.336   -6.369  -16.125 1.00 7.71  ? 82   LEU A CA  1 
ATOM   618  C  C   . LEU A 1 82  ? 8.790   -6.642  -16.470 1.00 8.75  ? 82   LEU A C   1 
ATOM   619  O  O   . LEU A 1 82  ? 9.712   -6.447  -15.670 1.00 7.88  ? 82   LEU A O   1 
ATOM   620  C  CB  . LEU A 1 82  ? 7.053   -4.889  -16.329 1.00 7.85  ? 82   LEU A CB  1 
ATOM   621  C  CG  . LEU A 1 82  ? 5.626   -4.365  -16.125 1.00 10.87 ? 82   LEU A CG  1 
ATOM   622  C  CD1 . LEU A 1 82  ? 5.201   -4.301  -14.676 1.00 18.84 ? 82   LEU A CD1 1 
ATOM   623  C  CD2 . LEU A 1 82  ? 5.480   -2.935  -16.637 1.00 11.82 ? 82   LEU A CD2 1 
ATOM   624  N  N   . ALA A 1 83  ? 8.980   -7.149  -17.687 1.00 8.79  ? 83   ALA A N   1 
ATOM   625  C  CA  . ALA A 1 83  ? 10.324  -7.465  -18.204 1.00 8.60  ? 83   ALA A CA  1 
ATOM   626  C  C   . ALA A 1 83  ? 11.113  -8.435  -17.293 1.00 9.39  ? 83   ALA A C   1 
ATOM   627  O  O   . ALA A 1 83  ? 12.339  -8.383  -17.238 1.00 10.57 ? 83   ALA A O   1 
ATOM   628  C  CB  . ALA A 1 83  ? 11.126  -6.234  -18.466 1.00 10.00 ? 83   ALA A CB  1 
ATOM   629  N  N   . ASN A 1 84  ? 10.383  -9.253  -16.551 1.00 8.17  ? 84   ASN A N   1 
ATOM   630  C  CA  . ASN A 1 84  ? 10.972  -10.182 -15.600 1.00 7.83  ? 84   ASN A CA  1 
ATOM   631  C  C   . ASN A 1 84  ? 11.920  -9.514  -14.606 1.00 8.07  ? 84   ASN A C   1 
ATOM   632  O  O   . ASN A 1 84  ? 12.842  -10.168 -14.070 1.00 8.92  ? 84   ASN A O   1 
ATOM   633  C  CB  . ASN A 1 84  ? 11.697  -11.343 -16.336 1.00 7.56  ? 84   ASN A CB  1 
ATOM   634  C  CG  . ASN A 1 84  ? 11.941  -12.523 -15.460 1.00 8.19  ? 84   ASN A CG  1 
ATOM   635  O  OD1 . ASN A 1 84  ? 11.064  -12.932 -14.688 1.00 6.82  ? 84   ASN A OD1 1 
ATOM   636  N  ND2 . ASN A 1 84  ? 13.132  -13.150 -15.625 1.00 8.95  ? 84   ASN A ND2 1 
ATOM   637  N  N   . LYS A 1 85  ? 11.649  -8.247  -14.273 1.00 9.52  ? 85   LYS A N   1 
ATOM   638  C  CA  . LYS A 1 85  ? 12.569  -7.482  -13.442 1.00 9.99  ? 85   LYS A CA  1 
ATOM   639  C  C   . LYS A 1 85  ? 11.901  -6.407  -12.592 1.00 9.10  ? 85   LYS A C   1 
ATOM   640  O  O   . LYS A 1 85  ? 12.202  -6.276  -11.426 1.00 11.75 ? 85   LYS A O   1 
ATOM   641  C  CB  . LYS A 1 85  ? 13.602  -6.804  -14.338 1.00 12.70 ? 85   LYS A CB  1 
ATOM   642  C  CG  . LYS A 1 85  ? 14.657  -6.017  -13.524 1.00 18.59 ? 85   LYS A CG  1 
ATOM   643  C  CD  . LYS A 1 85  ? 15.593  -6.864  -12.684 1.00 22.60 ? 85   LYS A CD  1 
ATOM   644  C  CE  . LYS A 1 85  ? 16.785  -6.020  -12.078 1.00 26.28 ? 85   LYS A CE  1 
ATOM   645  N  NZ  . LYS A 1 85  ? 17.585  -6.889  -11.167 1.00 33.62 ? 85   LYS A NZ  1 
ATOM   646  N  N   . LEU A 1 86  ? 10.981  -5.661  -13.172 1.00 8.01  ? 86   LEU A N   1 
ATOM   647  C  CA  . LEU A 1 86  ? 10.386  -4.487  -12.530 1.00 7.57  ? 86   LEU A CA  1 
ATOM   648  C  C   . LEU A 1 86  ? 9.100   -4.935  -11.852 1.00 7.66  ? 86   LEU A C   1 
ATOM   649  O  O   . LEU A 1 86  ? 8.183   -5.444  -12.511 1.00 7.55  ? 86   LEU A O   1 
ATOM   650  C  CB  . LEU A 1 86  ? 10.053  -3.436  -13.574 1.00 7.61  ? 86   LEU A CB  1 
ATOM   651  C  CG  . LEU A 1 86  ? 9.289   -2.195  -13.082 1.00 9.40  ? 86   LEU A CG  1 
ATOM   652  C  CD1 . LEU A 1 86  ? 10.033  -1.504  -11.951 1.00 12.31 ? 86   LEU A CD1 1 
ATOM   653  C  CD2 . LEU A 1 86  ? 9.022   -1.299  -14.293 1.00 11.83 ? 86   LEU A CD2 1 
ATOM   654  N  N   . ASN A 1 87  ? 9.048   -4.756  -10.532 1.00 6.73  ? 87   ASN A N   1 
ATOM   655  C  CA  . ASN A 1 87  ? 7.913   -5.212  -9.746  1.00 6.96  ? 87   ASN A CA  1 
ATOM   656  C  C   . ASN A 1 87  ? 7.071   -4.058  -9.260  1.00 6.68  ? 87   ASN A C   1 
ATOM   657  O  O   . ASN A 1 87  ? 7.629   -3.033  -8.738  1.00 6.28  ? 87   ASN A O   1 
ATOM   658  C  CB  . ASN A 1 87  ? 8.379   -5.961  -8.499  1.00 6.11  ? 87   ASN A CB  1 
ATOM   659  C  CG  . ASN A 1 87  ? 8.906   -7.359  -8.813  1.00 8.20  ? 87   ASN A CG  1 
ATOM   660  O  OD1 . ASN A 1 87  ? 8.311   -8.366  -8.466  1.00 10.34 ? 87   ASN A OD1 1 
ATOM   661  N  ND2 . ASN A 1 87  ? 10.074  -7.416  -9.446  1.00 8.62  ? 87   ASN A ND2 1 
ATOM   662  N  N   . PHE A 1 88  ? 5.750   -4.215  -9.344  1.00 6.51  ? 88   PHE A N   1 
ATOM   663  C  CA  . PHE A 1 88  ? 4.801   -3.320  -8.687  1.00 6.78  ? 88   PHE A CA  1 
ATOM   664  C  C   . PHE A 1 88  ? 3.871   -4.156  -7.821  1.00 6.85  ? 88   PHE A C   1 
ATOM   665  O  O   . PHE A 1 88  ? 3.408   -5.203  -8.230  1.00 8.65  ? 88   PHE A O   1 
ATOM   666  C  CB  . PHE A 1 88  ? 3.951   -2.517  -9.660  1.00 7.10  ? 88   PHE A CB  1 
ATOM   667  C  CG  . PHE A 1 88  ? 4.715   -1.553  -10.522 1.00 6.20  ? 88   PHE A CG  1 
ATOM   668  C  CD1 . PHE A 1 88  ? 5.026   -0.281  -10.071 1.00 9.86  ? 88   PHE A CD1 1 
ATOM   669  C  CD2 . PHE A 1 88  ? 5.199   -1.956  -11.773 1.00 7.92  ? 88   PHE A CD2 1 
ATOM   670  C  CE1 . PHE A 1 88  ? 5.746   0.604   -10.894 1.00 8.98  ? 88   PHE A CE1 1 
ATOM   671  C  CE2 . PHE A 1 88  ? 5.918   -1.082  -12.570 1.00 11.08 ? 88   PHE A CE2 1 
ATOM   672  C  CZ  . PHE A 1 88  ? 6.181   0.204   -12.128 1.00 10.28 ? 88   PHE A CZ  1 
ATOM   673  N  N   . ALA A 1 89  ? 3.614   -3.690  -6.609  1.00 6.72  ? 89   ALA A N   1 
ATOM   674  C  CA  . ALA A 1 89  ? 2.565   -4.278  -5.759  1.00 5.62  ? 89   ALA A CA  1 
ATOM   675  C  C   . ALA A 1 89  ? 1.567   -3.151  -5.476  1.00 7.57  ? 89   ALA A C   1 
ATOM   676  O  O   . ALA A 1 89  ? 1.963   -2.047  -5.038  1.00 7.65  ? 89   ALA A O   1 
ATOM   677  C  CB  . ALA A 1 89  ? 3.162   -4.859  -4.483  1.00 6.48  ? 89   ALA A CB  1 
ATOM   678  N  N   A MET A 1 90  ? 0.293   -3.383  -5.779  0.60 7.51  ? 90   MET A N   1 
ATOM   679  N  N   B MET A 1 90  ? 0.291   -3.417  -5.740  0.40 7.84  ? 90   MET A N   1 
ATOM   680  C  CA  A MET A 1 90  ? -0.741  -2.356  -5.697  0.60 8.73  ? 90   MET A CA  1 
ATOM   681  C  CA  B MET A 1 90  ? -0.745  -2.389  -5.719  0.40 9.12  ? 90   MET A CA  1 
ATOM   682  C  C   A MET A 1 90  ? -1.762  -2.758  -4.645  0.60 8.13  ? 90   MET A C   1 
ATOM   683  C  C   B MET A 1 90  ? -1.798  -2.756  -4.678  0.40 8.31  ? 90   MET A C   1 
ATOM   684  O  O   A MET A 1 90  ? -2.138  -3.936  -4.526  0.60 7.69  ? 90   MET A O   1 
ATOM   685  O  O   B MET A 1 90  ? -2.213  -3.920  -4.590  0.40 8.01  ? 90   MET A O   1 
ATOM   686  C  CB  A MET A 1 90  ? -1.477  -2.214  -7.034  0.60 9.38  ? 90   MET A CB  1 
ATOM   687  C  CB  B MET A 1 90  ? -1.389  -2.257  -7.114  0.40 9.77  ? 90   MET A CB  1 
ATOM   688  C  CG  A MET A 1 90  ? -0.695  -1.740  -8.227  0.60 11.14 ? 90   MET A CG  1 
ATOM   689  C  CG  B MET A 1 90  ? -0.465  -2.524  -8.311  0.40 13.48 ? 90   MET A CG  1 
ATOM   690  S  SD  A MET A 1 90  ? -1.164  -2.717  -9.832  0.60 14.00 ? 90   MET A SD  1 
ATOM   691  S  SD  B MET A 1 90  ? 0.794   -1.338  -8.347  0.40 16.86 ? 90   MET A SD  1 
ATOM   692  C  CE  A MET A 1 90  ? -0.002  -4.296  -9.744  0.60 9.56  ? 90   MET A CE  1 
ATOM   693  C  CE  B MET A 1 90  ? 0.583   -0.338  -9.993  0.40 13.54 ? 90   MET A CE  1 
ATOM   694  N  N   . VAL A 1 91  ? -2.214  -1.769  -3.880  1.00 7.75  ? 91   VAL A N   1 
ATOM   695  C  CA  . VAL A 1 91  ? -3.271  -1.960  -2.870  1.00 6.75  ? 91   VAL A CA  1 
ATOM   696  C  C   . VAL A 1 91  ? -4.309  -0.862  -3.075  1.00 8.32  ? 91   VAL A C   1 
ATOM   697  O  O   . VAL A 1 91  ? -3.949  0.313   -3.140  1.00 8.67  ? 91   VAL A O   1 
ATOM   698  C  CB  . VAL A 1 91  ? -2.750  -1.891  -1.431  1.00 8.18  ? 91   VAL A CB  1 
ATOM   699  C  CG1 . VAL A 1 91  ? -3.894  -2.092  -0.442  1.00 9.10  ? 91   VAL A CG1 1 
ATOM   700  C  CG2 . VAL A 1 91  ? -1.673  -2.908  -1.204  1.00 8.55  ? 91   VAL A CG2 1 
ATOM   701  N  N   . GLY A 1 92  ? -5.567  -1.239  -3.241  1.00 7.85  ? 92   GLY A N   1 
ATOM   702  C  CA  . GLY A 1 92  ? -6.650  -0.270  -3.143  1.00 9.05  ? 92   GLY A CA  1 
ATOM   703  C  C   . GLY A 1 92  ? -7.488  -0.635  -1.927  1.00 8.34  ? 92   GLY A C   1 
ATOM   704  O  O   . GLY A 1 92  ? -7.260  -1.669  -1.288  1.00 7.91  ? 92   GLY A O   1 
ATOM   705  N  N   . SER A 1 93  ? -8.480  0.196   -1.615  1.00 7.25  ? 93   SER A N   1 
ATOM   706  C  CA  . SER A 1 93  ? -9.274  -0.053  -0.430  1.00 6.80  ? 93   SER A CA  1 
ATOM   707  C  C   . SER A 1 93  ? -10.582 0.713   -0.508  1.00 7.43  ? 93   SER A C   1 
ATOM   708  O  O   . SER A 1 93  ? -10.660 1.753   -1.140  1.00 8.16  ? 93   SER A O   1 
ATOM   709  C  CB  . SER A 1 93  ? -8.521  0.382   0.821   1.00 7.77  ? 93   SER A CB  1 
ATOM   710  O  OG  . SER A 1 93  ? -8.253  1.776   0.858   1.00 7.04  ? 93   SER A OG  1 
ATOM   711  N  N   . GLU A 1 94  ? -11.582 0.170   0.182   1.00 7.67  ? 94   GLU A N   1 
ATOM   712  C  CA  . GLU A 1 94  ? -12.916 0.749   0.252   1.00 7.90  ? 94   GLU A CA  1 
ATOM   713  C  C   . GLU A 1 94  ? -13.299 0.970   1.721   1.00 8.34  ? 94   GLU A C   1 
ATOM   714  O  O   . GLU A 1 94  ? -13.308 0.044   2.523   1.00 8.36  ? 94   GLU A O   1 
ATOM   715  C  CB  . GLU A 1 94  ? -13.913 -0.184  -0.412  1.00 8.04  ? 94   GLU A CB  1 
ATOM   716  C  CG  . GLU A 1 94  ? -15.359 0.329   -0.430  1.00 7.89  ? 94   GLU A CG  1 
ATOM   717  C  CD  . GLU A 1 94  ? -15.463 1.740   -0.935  1.00 8.95  ? 94   GLU A CD  1 
ATOM   718  O  OE1 . GLU A 1 94  ? -14.956 2.005   -2.056  1.00 7.91  ? 94   GLU A OE1 1 
ATOM   719  O  OE2 . GLU A 1 94  ? -16.003 2.640   -0.244  1.00 9.02  ? 94   GLU A OE2 1 
ATOM   720  N  N   . ASP A 1 95  ? -13.578 2.227   2.049   1.00 8.50  ? 95   ASP A N   1 
ATOM   721  C  CA  . ASP A 1 95  ? -13.929 2.631   3.413   1.00 8.60  ? 95   ASP A CA  1 
ATOM   722  C  C   . ASP A 1 95  ? -15.442 2.787   3.651   1.00 8.78  ? 95   ASP A C   1 
ATOM   723  O  O   . ASP A 1 95  ? -15.870 3.123   4.768   1.00 8.95  ? 95   ASP A O   1 
ATOM   724  C  CB  . ASP A 1 95  ? -13.199 3.899   3.800   1.00 8.03  ? 95   ASP A CB  1 
ATOM   725  C  CG  . ASP A 1 95  ? -13.686 5.145   3.089   1.00 8.38  ? 95   ASP A CG  1 
ATOM   726  O  OD1 . ASP A 1 95  ? -14.763 5.108   2.411   1.00 8.85  ? 95   ASP A OD1 1 
ATOM   727  O  OD2 . ASP A 1 95  ? -13.008 6.212   3.140   1.00 9.96  ? 95   ASP A OD2 1 
ATOM   728  N  N   . GLY A 1 96  ? -16.209 2.540   2.602   1.00 9.15  ? 96   GLY A N   1 
ATOM   729  C  CA  . GLY A 1 96  ? -17.622 2.901   2.545   1.00 8.86  ? 96   GLY A CA  1 
ATOM   730  C  C   . GLY A 1 96  ? -18.454 1.944   1.734   1.00 9.51  ? 96   GLY A C   1 
ATOM   731  O  O   . GLY A 1 96  ? -18.282 0.692   1.801   1.00 10.93 ? 96   GLY A O   1 
ATOM   732  N  N   . THR A 1 97  ? -19.362 2.522   0.953   1.00 9.29  ? 97   THR A N   1 
ATOM   733  C  CA  . THR A 1 97  ? -20.356 1.743   0.238   1.00 9.98  ? 97   THR A CA  1 
ATOM   734  C  C   . THR A 1 97  ? -20.352 1.928   -1.270  1.00 10.14 ? 97   THR A C   1 
ATOM   735  O  O   . THR A 1 97  ? -21.042 1.182   -1.964  1.00 11.72 ? 97   THR A O   1 
ATOM   736  C  CB  . THR A 1 97  ? -21.777 2.109   0.751   1.00 10.40 ? 97   THR A CB  1 
ATOM   737  O  OG1 . THR A 1 97  ? -21.954 3.530   0.615   1.00 10.48 ? 97   THR A OG1 1 
ATOM   738  C  CG2 . THR A 1 97  ? -22.013 1.747   2.226   1.00 11.96 ? 97   THR A CG2 1 
ATOM   739  N  N   . ASP A 1 98  ? -19.663 2.920   -1.809  1.00 10.89 ? 98   ASP A N   1 
ATOM   740  C  CA  . ASP A 1 98  ? -19.700 3.160   -3.241  1.00 10.49 ? 98   ASP A CA  1 
ATOM   741  C  C   . ASP A 1 98  ? -18.822 2.191   -4.068  1.00 10.87 ? 98   ASP A C   1 
ATOM   742  O  O   . ASP A 1 98  ? -18.955 2.158   -5.276  1.00 12.39 ? 98   ASP A O   1 
ATOM   743  C  CB  . ASP A 1 98  ? -19.422 4.602   -3.649  1.00 11.34 ? 98   ASP A CB  1 
ATOM   744  C  CG  . ASP A 1 98  ? -18.000 5.047   -3.367  1.00 9.91  ? 98   ASP A CG  1 
ATOM   745  O  OD1 . ASP A 1 98  ? -17.257 4.310   -2.634  1.00 9.38  ? 98   ASP A OD1 1 
ATOM   746  O  OD2 . ASP A 1 98  ? -17.594 6.168   -3.789  1.00 9.25  ? 98   ASP A OD2 1 
ATOM   747  N  N   . ASN A 1 99  ? -17.947 1.437   -3.401  1.00 10.82 ? 99   ASN A N   1 
ATOM   748  C  CA  . ASN A 1 99  ? -17.120 0.402   -4.033  1.00 10.80 ? 99   ASN A CA  1 
ATOM   749  C  C   . ASN A 1 99  ? -16.292 0.916   -5.184  1.00 11.16 ? 99   ASN A C   1 
ATOM   750  O  O   . ASN A 1 99  ? -16.115 0.223   -6.210  1.00 11.96 ? 99   ASN A O   1 
ATOM   751  C  CB  . ASN A 1 99  ? -17.981 -0.804  -4.392  1.00 11.89 ? 99   ASN A CB  1 
ATOM   752  C  CG  . ASN A 1 99  ? -18.590 -1.447  -3.166  1.00 14.58 ? 99   ASN A CG  1 
ATOM   753  O  OD1 . ASN A 1 99  ? -18.109 -1.253  -2.013  1.00 17.32 ? 99   ASN A OD1 1 
ATOM   754  N  ND2 . ASN A 1 99  ? -19.701 -2.147  -3.368  1.00 19.86 ? 99   ASN A ND2 1 
ATOM   755  N  N   . ASP A 1 100 ? -15.739 2.121   -5.019  1.00 9.94  ? 100  ASP A N   1 
ATOM   756  C  CA  . ASP A 1 100 ? -14.711 2.590   -5.942  1.00 9.56  ? 100  ASP A CA  1 
ATOM   757  C  C   . ASP A 1 100 ? -13.316 2.044   -5.637  1.00 9.58  ? 100  ASP A C   1 
ATOM   758  O  O   . ASP A 1 100 ? -12.426 2.066   -6.522  1.00 9.22  ? 100  ASP A O   1 
ATOM   759  C  CB  . ASP A 1 100 ? -14.746 4.104   -6.167  1.00 10.11 ? 100  ASP A CB  1 
ATOM   760  C  CG  . ASP A 1 100 ? -14.492 4.917   -4.935  1.00 8.31  ? 100  ASP A CG  1 
ATOM   761  O  OD1 . ASP A 1 100 ? -14.270 4.352   -3.796  1.00 7.06  ? 100  ASP A OD1 1 
ATOM   762  O  OD2 . ASP A 1 100 ? -14.447 6.171   -5.077  1.00 8.55  ? 100  ASP A OD2 1 
ATOM   763  N  N   . TYR A 1 101 ? -13.099 1.571   -4.399  1.00 9.18  ? 101  TYR A N   1 
ATOM   764  C  CA  . TYR A 1 101 ? -11.837 0.890   -4.030  1.00 9.55  ? 101  TYR A CA  1 
ATOM   765  C  C   . TYR A 1 101 ? -10.601 1.762   -4.223  1.00 9.45  ? 101  TYR A C   1 
ATOM   766  O  O   . TYR A 1 101 ? -9.493  1.259   -4.321  1.00 7.88  ? 101  TYR A O   1 
ATOM   767  C  CB  . TYR A 1 101 ? -11.733 -0.503  -4.749  1.00 9.87  ? 101  TYR A CB  1 
ATOM   768  C  CG  . TYR A 1 101 ? -12.524 -1.516  -3.943  1.00 9.89  ? 101  TYR A CG  1 
ATOM   769  C  CD1 . TYR A 1 101 ? -11.971 -2.117  -2.845  1.00 11.64 ? 101  TYR A CD1 1 
ATOM   770  C  CD2 . TYR A 1 101 ? -13.856 -1.761  -4.213  1.00 12.49 ? 101  TYR A CD2 1 
ATOM   771  C  CE1 . TYR A 1 101 ? -12.728 -2.967  -2.037  1.00 12.44 ? 101  TYR A CE1 1 
ATOM   772  C  CE2 . TYR A 1 101 ? -14.590 -2.572  -3.425  1.00 12.65 ? 101  TYR A CE2 1 
ATOM   773  C  CZ  . TYR A 1 101 ? -14.029 -3.195  -2.354  1.00 13.21 ? 101  TYR A CZ  1 
ATOM   774  O  OH  . TYR A 1 101 ? -14.822 -4.017  -1.540  1.00 17.57 ? 101  TYR A OH  1 
ATOM   775  N  N   . ASN A 1 102 ? -10.781 3.085   -4.235  1.00 7.97  ? 102  ASN A N   1 
ATOM   776  C  CA  . ASN A 1 102 ? -9.678  4.004   -4.469  1.00 8.30  ? 102  ASN A CA  1 
ATOM   777  C  C   . ASN A 1 102 ? -9.390  4.871   -3.239  1.00 7.12  ? 102  ASN A C   1 
ATOM   778  O  O   . ASN A 1 102 ? -8.641  5.844   -3.309  1.00 7.64  ? 102  ASN A O   1 
ATOM   779  C  CB  . ASN A 1 102 ? -9.943  4.874   -5.721  1.00 8.01  ? 102  ASN A CB  1 
ATOM   780  C  CG  . ASN A 1 102 ? -11.048 5.853   -5.488  1.00 8.41  ? 102  ASN A CG  1 
ATOM   781  O  OD1 . ASN A 1 102 ? -11.578 5.879   -4.376  1.00 6.23  ? 102  ASN A OD1 1 
ATOM   782  N  ND2 . ASN A 1 102 ? -11.412 6.661   -6.494  1.00 7.38  ? 102  ASN A ND2 1 
ATOM   783  N  N   . ASP A 1 103 ? -10.032 4.552   -2.118  1.00 6.84  ? 103  ASP A N   1 
ATOM   784  C  CA  . ASP A 1 103 ? -10.098 5.514   -1.006  1.00 6.66  ? 103  ASP A CA  1 
ATOM   785  C  C   . ASP A 1 103 ? -8.726  5.768   -0.404  1.00 6.57  ? 103  ASP A C   1 
ATOM   786  O  O   . ASP A 1 103 ? -8.318  6.922   -0.174  1.00 7.20  ? 103  ASP A O   1 
ATOM   787  C  CB  . ASP A 1 103 ? -11.121 5.070   0.038   1.00 6.46  ? 103  ASP A CB  1 
ATOM   788  C  CG  . ASP A 1 103 ? -12.497 4.937   -0.514  1.00 7.27  ? 103  ASP A CG  1 
ATOM   789  O  OD1 . ASP A 1 103 ? -12.919 5.814   -1.333  1.00 7.60  ? 103  ASP A OD1 1 
ATOM   790  O  OD2 . ASP A 1 103 ? -13.255 3.990   -0.157  1.00 8.68  ? 103  ASP A OD2 1 
ATOM   791  N  N   . GLY A 1 104 ? -7.984  4.684   -0.168  1.00 6.40  ? 104  GLY A N   1 
ATOM   792  C  CA  . GLY A 1 104 ? -6.599  4.727   0.291   1.00 7.03  ? 104  GLY A CA  1 
ATOM   793  C  C   . GLY A 1 104 ? -5.829  3.721   -0.568  1.00 7.37  ? 104  GLY A C   1 
ATOM   794  O  O   . GLY A 1 104 ? -6.222  2.550   -0.671  1.00 8.13  ? 104  GLY A O   1 
ATOM   795  N  N   . ILE A 1 105 ? -4.821  4.196   -1.276  1.00 7.09  ? 105  ILE A N   1 
ATOM   796  C  CA  . ILE A 1 105 ? -4.073  3.388   -2.232  1.00 6.79  ? 105  ILE A CA  1 
ATOM   797  C  C   . ILE A 1 105 ? -2.607  3.388   -1.830  1.00 7.19  ? 105  ILE A C   1 
ATOM   798  O  O   . ILE A 1 105 ? -2.075  4.439   -1.404  1.00 7.49  ? 105  ILE A O   1 
ATOM   799  C  CB  . ILE A 1 105 ? -4.192  4.024   -3.666  1.00 6.90  ? 105  ILE A CB  1 
ATOM   800  C  CG1 . ILE A 1 105 ? -5.618  3.842   -4.180  1.00 5.92  ? 105  ILE A CG1 1 
ATOM   801  C  CG2 . ILE A 1 105 ? -3.141  3.439   -4.653  1.00 7.90  ? 105  ILE A CG2 1 
ATOM   802  C  CD1 . ILE A 1 105 ? -5.896  4.531   -5.491  1.00 8.16  ? 105  ILE A CD1 1 
ATOM   803  N  N   . ALA A 1 106 ? -1.956  2.220   -1.968  1.00 7.18  ? 106  ALA A N   1 
ATOM   804  C  CA  . ALA A 1 106 ? -0.510  2.149   -1.892  1.00 7.50  ? 106  ALA A CA  1 
ATOM   805  C  C   . ALA A 1 106 ? 0.031   1.497   -3.136  1.00 7.32  ? 106  ALA A C   1 
ATOM   806  O  O   . ALA A 1 106 ? -0.497  0.492   -3.605  1.00 7.51  ? 106  ALA A O   1 
ATOM   807  C  CB  . ALA A 1 106 ? -0.053  1.355   -0.693  1.00 7.85  ? 106  ALA A CB  1 
ATOM   808  N  N   . VAL A 1 107 ? 1.117   2.062   -3.657  1.00 7.62  ? 107  VAL A N   1 
ATOM   809  C  CA  . VAL A 1 107 ? 1.867   1.452   -4.747  1.00 7.58  ? 107  VAL A CA  1 
ATOM   810  C  C   . VAL A 1 107 ? 3.308   1.245   -4.286  1.00 7.05  ? 107  VAL A C   1 
ATOM   811  O  O   . VAL A 1 107 ? 3.955   2.198   -3.866  1.00 7.94  ? 107  VAL A O   1 
ATOM   812  C  CB  . VAL A 1 107 ? 1.845   2.330   -6.012  1.00 9.05  ? 107  VAL A CB  1 
ATOM   813  C  CG1 . VAL A 1 107 ? 2.712   1.706   -7.128  1.00 10.23 ? 107  VAL A CG1 1 
ATOM   814  C  CG2 . VAL A 1 107 ? 0.403   2.484   -6.490  1.00 10.57 ? 107  VAL A CG2 1 
ATOM   815  N  N   . LEU A 1 108 ? 3.769   0.000   -4.357  1.00 8.00  ? 108  LEU A N   1 
ATOM   816  C  CA  . LEU A 1 108 ? 5.144   -0.353  -4.030  1.00 7.53  ? 108  LEU A CA  1 
ATOM   817  C  C   . LEU A 1 108 ? 5.867   -0.706  -5.319  1.00 7.51  ? 108  LEU A C   1 
ATOM   818  O  O   . LEU A 1 108 ? 5.272   -1.301  -6.237  1.00 7.88  ? 108  LEU A O   1 
ATOM   819  C  CB  . LEU A 1 108 ? 5.194   -1.594  -3.129  1.00 8.04  ? 108  LEU A CB  1 
ATOM   820  C  CG  . LEU A 1 108 ? 4.684   -1.503  -1.700  1.00 9.24  ? 108  LEU A CG  1 
ATOM   821  C  CD1 . LEU A 1 108 ? 3.185   -1.251  -1.605  1.00 10.56 ? 108  LEU A CD1 1 
ATOM   822  C  CD2 . LEU A 1 108 ? 5.058   -2.766  -0.983  1.00 9.89  ? 108  LEU A CD2 1 
ATOM   823  N  N   . ASN A 1 109 ? 7.131   -0.349  -5.404  1.00 6.70  ? 109  ASN A N   1 
ATOM   824  C  CA  . ASN A 1 109 ? 7.944   -0.711  -6.574  1.00 6.60  ? 109  ASN A CA  1 
ATOM   825  C  C   . ASN A 1 109 ? 9.365   -1.076  -6.164  1.00 7.61  ? 109  ASN A C   1 
ATOM   826  O  O   . ASN A 1 109 ? 9.923   -0.521  -5.220  1.00 8.08  ? 109  ASN A O   1 
ATOM   827  C  CB  . ASN A 1 109 ? 7.894   0.394   -7.664  1.00 7.18  ? 109  ASN A CB  1 
ATOM   828  C  CG  . ASN A 1 109 ? 8.660   1.627   -7.328  1.00 8.49  ? 109  ASN A CG  1 
ATOM   829  O  OD1 . ASN A 1 109 ? 8.201   2.470   -6.546  1.00 10.90 ? 109  ASN A OD1 1 
ATOM   830  N  ND2 . ASN A 1 109 ? 9.853   1.783   -7.965  1.00 8.62  ? 109  ASN A ND2 1 
ATOM   831  N  N   . TRP A 1 110 ? 9.920   -2.064  -6.863  1.00 6.70  ? 110  TRP A N   1 
ATOM   832  C  CA  . TRP A 1 110 ? 11.290  -2.496  -6.646  1.00 8.37  ? 110  TRP A CA  1 
ATOM   833  C  C   . TRP A 1 110 ? 11.719  -3.266  -7.891  1.00 8.15  ? 110  TRP A C   1 
ATOM   834  O  O   . TRP A 1 110 ? 10.851  -3.706  -8.676  1.00 9.10  ? 110  TRP A O   1 
ATOM   835  C  CB  . TRP A 1 110 ? 11.392  -3.352  -5.371  1.00 8.12  ? 110  TRP A CB  1 
ATOM   836  C  CG  . TRP A 1 110 ? 10.803  -4.697  -5.456  1.00 8.42  ? 110  TRP A CG  1 
ATOM   837  C  CD1 . TRP A 1 110 ? 11.446  -5.845  -5.803  1.00 8.96  ? 110  TRP A CD1 1 
ATOM   838  C  CD2 . TRP A 1 110 ? 9.453   -5.067  -5.160  1.00 7.77  ? 110  TRP A CD2 1 
ATOM   839  N  NE1 . TRP A 1 110 ? 10.572  -6.896  -5.778  1.00 9.29  ? 110  TRP A NE1 1 
ATOM   840  C  CE2 . TRP A 1 110 ? 9.338   -6.450  -5.397  1.00 8.35  ? 110  TRP A CE2 1 
ATOM   841  C  CE3 . TRP A 1 110 ? 8.319   -4.356  -4.791  1.00 7.90  ? 110  TRP A CE3 1 
ATOM   842  C  CZ2 . TRP A 1 110 ? 8.137   -7.143  -5.213  1.00 8.33  ? 110  TRP A CZ2 1 
ATOM   843  C  CZ3 . TRP A 1 110 ? 7.127   -5.040  -4.609  1.00 10.50 ? 110  TRP A CZ3 1 
ATOM   844  C  CH2 . TRP A 1 110 ? 7.052   -6.416  -4.813  1.00 8.87  ? 110  TRP A CH2 1 
ATOM   845  N  N   . PRO A 1 111 ? 13.024  -3.442  -8.139  1.00 9.45  ? 111  PRO A N   1 
ATOM   846  C  CA  . PRO A 1 111 ? 14.143  -2.876  -7.377  1.00 10.22 ? 111  PRO A CA  1 
ATOM   847  C  C   . PRO A 1 111 ? 14.399  -1.435  -7.744  1.00 9.86  ? 111  PRO A C   1 
ATOM   848  O  O   . PRO A 1 111 ? 13.939  -0.930  -8.742  1.00 10.96 ? 111  PRO A O   1 
ATOM   849  C  CB  . PRO A 1 111 ? 15.311  -3.751  -7.837  1.00 10.48 ? 111  PRO A CB  1 
ATOM   850  C  CG  . PRO A 1 111 ? 14.992  -4.051  -9.264  1.00 11.71 ? 111  PRO A CG  1 
ATOM   851  C  CD  . PRO A 1 111 ? 13.502  -4.258  -9.268  1.00 11.31 ? 111  PRO A CD  1 
ATOM   852  N  N   . LEU A 1 112 ? 15.143  -0.772  -6.867  1.00 8.92  ? 112  LEU A N   1 
ATOM   853  C  CA  . LEU A 1 112 ? 15.522  0.600   -7.057  1.00 8.82  ? 112  LEU A CA  1 
ATOM   854  C  C   . LEU A 1 112 ? 16.940  0.578   -7.617  1.00 9.92  ? 112  LEU A C   1 
ATOM   855  O  O   . LEU A 1 112 ? 17.416  -0.473  -8.034  1.00 10.37 ? 112  LEU A O   1 
ATOM   856  C  CB  . LEU A 1 112 ? 15.379  1.358   -5.743  1.00 9.32  ? 112  LEU A CB  1 
ATOM   857  C  CG  . LEU A 1 112 ? 14.066  1.237   -4.976  1.00 7.91  ? 112  LEU A CG  1 
ATOM   858  C  CD1 . LEU A 1 112 ? 14.096  2.187   -3.768  1.00 10.02 ? 112  LEU A CD1 1 
ATOM   859  C  CD2 . LEU A 1 112 ? 12.926  1.590   -5.912  1.00 8.68  ? 112  LEU A CD2 1 
ATOM   860  N  N   . GLY A 1 113 ? 17.601  1.744   -7.648  1.00 10.81 ? 113  GLY A N   1 
ATOM   861  C  CA  . GLY A 1 113 ? 18.997  1.804   -8.119  1.00 10.80 ? 113  GLY A CA  1 
ATOM   862  C  C   . GLY A 1 113 ? 19.211  2.230   -9.568  1.00 11.56 ? 113  GLY A C   1 
ATOM   863  O  O   . GLY A 1 113 ? 18.352  1.867   -10.429 1.00 8.95  ? 113  GLY A O   1 
ATOM   864  O  OXT . GLY A 1 113 ? 20.239  2.939   -9.848  1.00 11.12 ? 113  GLY A OXT 1 
HETATM 865  CA CA  . CA  B 2 .   ? -13.242 7.203   -3.227  1.00 8.03  ? 1114 CA  A CA  1 
HETATM 866  CA CA  . CA  C 2 .   ? -15.146 4.418   -1.585  1.00 6.86  ? 1115 CA  A CA  1 
HETATM 867  C  C1  . MMA D 3 .   ? -16.220 10.013  -0.806  1.00 8.00  ? 1116 MMA A C1  1 
HETATM 868  C  C2  . MMA D 3 .   ? -15.733 9.063   -1.929  1.00 5.99  ? 1116 MMA A C2  1 
HETATM 869  C  C3  . MMA D 3 .   ? -16.075 7.646   -1.438  1.00 7.01  ? 1116 MMA A C3  1 
HETATM 870  C  C4  . MMA D 3 .   ? -15.502 7.370   -0.035  1.00 6.42  ? 1116 MMA A C4  1 
HETATM 871  C  C5  . MMA D 3 .   ? -16.036 8.472   0.925   1.00 2.00  ? 1116 MMA A C5  1 
HETATM 872  C  C6  . MMA D 3 .   ? -15.553 8.310   2.381   1.00 2.00  ? 1116 MMA A C6  1 
HETATM 873  C  C7  . MMA D 3 .   ? -18.094 11.282  0.015   1.00 10.93 ? 1116 MMA A C7  1 
HETATM 874  O  O1  . MMA D 3 .   ? -17.634 10.185  -0.848  1.00 10.67 ? 1116 MMA A O1  1 
HETATM 875  O  O2  . MMA D 3 .   ? -14.346 9.205   -2.196  1.00 7.75  ? 1116 MMA A O2  1 
HETATM 876  O  O3  . MMA D 3 .   ? -15.567 6.760   -2.418  1.00 8.00  ? 1116 MMA A O3  1 
HETATM 877  O  O4  . MMA D 3 .   ? -15.840 6.013   0.275   1.00 7.42  ? 1116 MMA A O4  1 
HETATM 878  O  O5  . MMA D 3 .   ? -15.639 9.757   0.450   1.00 8.32  ? 1116 MMA A O5  1 
HETATM 879  O  O6  . MMA D 3 .   ? -14.146 8.433   2.398   1.00 8.41  ? 1116 MMA A O6  1 
HETATM 880  O  O   . HOH E 4 .   ? -10.182 -12.121 -1.963  1.00 37.99 ? 2001 HOH A O   1 
HETATM 881  O  O   . HOH E 4 .   ? -9.251  -9.435  2.472   1.00 34.46 ? 2002 HOH A O   1 
HETATM 882  O  O   . HOH E 4 .   ? 11.950  -13.232 -3.610  1.00 45.21 ? 2003 HOH A O   1 
HETATM 883  O  O   . HOH E 4 .   ? -1.712  -14.008 2.257   1.00 20.17 ? 2004 HOH A O   1 
HETATM 884  O  O   . HOH E 4 .   ? -5.688  -15.799 2.504   1.00 28.25 ? 2005 HOH A O   1 
HETATM 885  O  O   . HOH E 4 .   ? -4.933  -9.737  7.106   1.00 44.61 ? 2006 HOH A O   1 
HETATM 886  O  O   . HOH E 4 .   ? -1.181  -11.460 8.404   1.00 46.52 ? 2007 HOH A O   1 
HETATM 887  O  O   . HOH E 4 .   ? 0.064   -13.740 6.099   1.00 47.04 ? 2008 HOH A O   1 
HETATM 888  O  O   . HOH E 4 .   ? -2.795  -12.731 0.234   1.00 21.35 ? 2009 HOH A O   1 
HETATM 889  O  O   . HOH E 4 .   ? -4.899  -5.855  6.727   1.00 33.64 ? 2010 HOH A O   1 
HETATM 890  O  O   . HOH E 4 .   ? 6.252   -16.046 -2.131  1.00 29.49 ? 2011 HOH A O   1 
HETATM 891  O  O   . HOH E 4 .   ? 8.770   -13.832 3.814   1.00 42.24 ? 2012 HOH A O   1 
HETATM 892  O  O   . HOH E 4 .   ? 10.665  -14.966 -2.150  1.00 41.80 ? 2013 HOH A O   1 
HETATM 893  O  O   . HOH E 4 .   ? 15.811  -14.705 1.359   1.00 46.64 ? 2014 HOH A O   1 
HETATM 894  O  O   . HOH E 4 .   ? -3.113  -6.481  4.722   1.00 14.31 ? 2015 HOH A O   1 
HETATM 895  O  O   . HOH E 4 .   ? -7.368  -9.838  -5.477  0.50 10.97 ? 2016 HOH A O   1 
HETATM 896  O  O   . HOH E 4 .   ? -7.203  -8.412  3.971   1.00 25.51 ? 2017 HOH A O   1 
HETATM 897  O  O   . HOH E 4 .   ? 18.615  -0.420  -4.258  1.00 36.67 ? 2018 HOH A O   1 
HETATM 898  O  O   . HOH E 4 .   ? 17.852  -4.213  -5.135  1.00 29.15 ? 2019 HOH A O   1 
HETATM 899  O  O   . HOH E 4 .   ? 15.416  -3.475  8.382   1.00 52.39 ? 2020 HOH A O   1 
HETATM 900  O  O   . HOH E 4 .   ? -1.967  -10.385 -0.663  1.00 10.81 ? 2021 HOH A O   1 
HETATM 901  O  O   . HOH E 4 .   ? 5.937   -12.833 3.203   1.00 24.14 ? 2022 HOH A O   1 
HETATM 902  O  O   . HOH E 4 .   ? 8.468   -10.610 -4.962  1.00 19.66 ? 2023 HOH A O   1 
HETATM 903  O  O   . HOH E 4 .   ? 5.615   -16.159 0.448   1.00 24.19 ? 2024 HOH A O   1 
HETATM 904  O  O   . HOH E 4 .   ? -14.219 15.824  0.682   1.00 46.83 ? 2025 HOH A O   1 
HETATM 905  O  O   . HOH E 4 .   ? -11.966 16.016  0.853   1.00 41.24 ? 2026 HOH A O   1 
HETATM 906  O  O   . HOH E 4 .   ? 15.135  -13.211 8.801   1.00 49.11 ? 2027 HOH A O   1 
HETATM 907  O  O   . HOH E 4 .   ? 11.680  -13.346 0.323   1.00 26.03 ? 2028 HOH A O   1 
HETATM 908  O  O   . HOH E 4 .   ? -5.233  14.537  7.739   1.00 36.70 ? 2029 HOH A O   1 
HETATM 909  O  O   . HOH E 4 .   ? -5.117  10.541  11.934  1.00 40.47 ? 2030 HOH A O   1 
HETATM 910  O  O   . HOH E 4 .   ? 14.590  -13.363 -0.504  1.00 27.54 ? 2031 HOH A O   1 
HETATM 911  O  O   . HOH E 4 .   ? 17.556  -10.864 -1.309  1.00 27.43 ? 2032 HOH A O   1 
HETATM 912  O  O   . HOH E 4 .   ? 20.144  -7.544  -0.974  1.00 42.78 ? 2033 HOH A O   1 
HETATM 913  O  O   . HOH E 4 .   ? 21.278  -9.504  1.640   1.00 41.47 ? 2034 HOH A O   1 
HETATM 914  O  O   . HOH E 4 .   ? 20.192  -4.298  5.585   1.00 51.05 ? 2035 HOH A O   1 
HETATM 915  O  O   . HOH E 4 .   ? 12.773  -3.242  8.919   1.00 28.00 ? 2036 HOH A O   1 
HETATM 916  O  O   . HOH E 4 .   ? 12.244  -3.302  12.851  1.00 39.30 ? 2037 HOH A O   1 
HETATM 917  O  O   . HOH E 4 .   ? 16.988  -7.845  -4.274  1.00 31.41 ? 2038 HOH A O   1 
HETATM 918  O  O   . HOH E 4 .   ? 1.132   -12.671 11.414  1.00 49.54 ? 2039 HOH A O   1 
HETATM 919  O  O   . HOH E 4 .   ? 5.135   -13.803 6.919   1.00 50.40 ? 2040 HOH A O   1 
HETATM 920  O  O   . HOH E 4 .   ? 17.439  -0.611  2.270   1.00 29.29 ? 2041 HOH A O   1 
HETATM 921  O  O   . HOH E 4 .   ? 18.448  -2.963  -2.096  1.00 16.80 ? 2042 HOH A O   1 
HETATM 922  O  O   . HOH E 4 .   ? 19.473  -2.341  0.151   1.00 44.89 ? 2043 HOH A O   1 
HETATM 923  O  O   . HOH E 4 .   ? 16.091  -2.157  -4.593  1.00 10.41 ? 2044 HOH A O   1 
HETATM 924  O  O   . HOH E 4 .   ? 13.015  2.736   7.733   1.00 35.49 ? 2045 HOH A O   1 
HETATM 925  O  O   . HOH E 4 .   ? -1.231  5.406   12.995  1.00 39.64 ? 2046 HOH A O   1 
HETATM 926  O  O   . HOH E 4 .   ? 2.298   2.921   14.537  1.00 47.31 ? 2047 HOH A O   1 
HETATM 927  O  O   . HOH E 4 .   ? 5.481   7.841   10.974  1.00 52.22 ? 2048 HOH A O   1 
HETATM 928  O  O   . HOH E 4 .   ? 6.068   3.708   -5.037  1.00 9.58  ? 2049 HOH A O   1 
HETATM 929  O  O   . HOH E 4 .   ? 5.506   13.904  -0.856  1.00 44.89 ? 2050 HOH A O   1 
HETATM 930  O  O   . HOH E 4 .   ? 11.711  8.900   -1.170  1.00 27.91 ? 2051 HOH A O   1 
HETATM 931  O  O   . HOH E 4 .   ? 16.143  0.110   7.169   1.00 47.03 ? 2052 HOH A O   1 
HETATM 932  O  O   . HOH E 4 .   ? 16.038  -12.943 5.788   1.00 49.48 ? 2053 HOH A O   1 
HETATM 933  O  O   . HOH E 4 .   ? -12.829 15.598  3.330   1.00 34.40 ? 2054 HOH A O   1 
HETATM 934  O  O   . HOH E 4 .   ? -9.067  13.364  10.663  1.00 36.58 ? 2055 HOH A O   1 
HETATM 935  O  O   . HOH E 4 .   ? -7.708  14.359  6.546   1.00 28.51 ? 2056 HOH A O   1 
HETATM 936  O  O   . HOH E 4 .   ? -12.288 11.178  8.699   1.00 19.60 ? 2057 HOH A O   1 
HETATM 937  O  O   . HOH E 4 .   ? -7.762  7.566   9.656   1.00 12.59 ? 2058 HOH A O   1 
HETATM 938  O  O   . HOH E 4 .   ? -15.925 4.303   8.396   1.00 43.76 ? 2059 HOH A O   1 
HETATM 939  O  O   . HOH E 4 .   ? -9.144  -6.093  8.362   1.00 35.64 ? 2060 HOH A O   1 
HETATM 940  O  O   . HOH E 4 .   ? -3.363  8.274   10.874  1.00 23.61 ? 2061 HOH A O   1 
HETATM 941  O  O   . HOH E 4 .   ? -16.459 -5.187  3.442   1.00 49.55 ? 2062 HOH A O   1 
HETATM 942  O  O   . HOH E 4 .   ? -4.227  1.328   8.843   1.00 14.51 ? 2063 HOH A O   1 
HETATM 943  O  O   . HOH E 4 .   ? -1.982  0.189   14.195  1.00 38.71 ? 2064 HOH A O   1 
HETATM 944  O  O   . HOH E 4 .   ? 13.995  -7.701  -7.319  1.00 42.96 ? 2065 HOH A O   1 
HETATM 945  O  O   . HOH E 4 .   ? 10.858  -4.561  10.609  1.00 16.10 ? 2066 HOH A O   1 
HETATM 946  O  O   . HOH E 4 .   ? 9.576   -13.204 -8.958  1.00 34.78 ? 2067 HOH A O   1 
HETATM 947  O  O   . HOH E 4 .   ? 12.926  -7.008  9.747   1.00 26.54 ? 2068 HOH A O   1 
HETATM 948  O  O   . HOH E 4 .   ? 7.988   -11.824 9.635   1.00 34.28 ? 2069 HOH A O   1 
HETATM 949  O  O   . HOH E 4 .   ? 11.001  -7.411  13.086  1.00 32.96 ? 2070 HOH A O   1 
HETATM 950  O  O   . HOH E 4 .   ? 0.528   -8.324  11.565  1.00 22.06 ? 2071 HOH A O   1 
HETATM 951  O  O   . HOH E 4 .   ? 1.554   -10.819 8.816   1.00 39.55 ? 2072 HOH A O   1 
HETATM 952  O  O   . HOH E 4 .   ? 3.847   -3.086  14.320  1.00 13.03 ? 2073 HOH A O   1 
HETATM 953  O  O   . HOH E 4 .   ? 3.638   -10.069 7.604   1.00 32.20 ? 2074 HOH A O   1 
HETATM 954  O  O   . HOH E 4 .   ? 4.709   -7.602  7.801   1.00 9.80  ? 2075 HOH A O   1 
HETATM 955  O  O   . HOH E 4 .   ? 3.340   -13.158 10.827  1.00 35.63 ? 2076 HOH A O   1 
HETATM 956  O  O   . HOH E 4 .   ? 5.628   -12.089 8.829   1.00 29.96 ? 2077 HOH A O   1 
HETATM 957  O  O   . HOH E 4 .   ? -19.756 1.273   5.545   1.00 46.70 ? 2078 HOH A O   1 
HETATM 958  O  O   . HOH E 4 .   ? -22.244 6.971   -3.564  1.00 34.06 ? 2079 HOH A O   1 
HETATM 959  O  O   . HOH E 4 .   ? -16.905 9.227   -6.645  1.00 38.10 ? 2080 HOH A O   1 
HETATM 960  O  O   . HOH E 4 .   ? 7.215   3.824   12.209  1.00 31.29 ? 2081 HOH A O   1 
HETATM 961  O  O   . HOH E 4 .   ? 11.056  2.851   12.090  1.00 39.01 ? 2082 HOH A O   1 
HETATM 962  O  O   . HOH E 4 .   ? 10.996  3.488   9.167   1.00 23.71 ? 2083 HOH A O   1 
HETATM 963  O  O   . HOH E 4 .   ? 5.089   5.045   11.131  1.00 20.67 ? 2084 HOH A O   1 
HETATM 964  O  O   . HOH E 4 .   ? 0.909   3.787   12.460  1.00 16.95 ? 2085 HOH A O   1 
HETATM 965  O  O   . HOH E 4 .   ? 3.674   10.314  6.156   1.00 32.53 ? 2086 HOH A O   1 
HETATM 966  O  O   . HOH E 4 .   ? 13.185  -11.679 -6.274  1.00 40.86 ? 2087 HOH A O   1 
HETATM 967  O  O   . HOH E 4 .   ? 1.131   9.777   9.099   1.00 28.80 ? 2088 HOH A O   1 
HETATM 968  O  O   . HOH E 4 .   ? 0.695   13.422  6.787   1.00 45.38 ? 2089 HOH A O   1 
HETATM 969  O  O   . HOH E 4 .   ? -1.961  14.826  4.280   1.00 44.36 ? 2090 HOH A O   1 
HETATM 970  O  O   . HOH E 4 .   ? 1.213   11.294  5.384   1.00 15.94 ? 2091 HOH A O   1 
HETATM 971  O  O   . HOH E 4 .   ? 24.391  4.645   -9.346  1.00 37.50 ? 2092 HOH A O   1 
HETATM 972  O  O   . HOH E 4 .   ? -9.927  16.606  2.265   1.00 37.38 ? 2093 HOH A O   1 
HETATM 973  O  O   . HOH E 4 .   ? -4.858  15.503  3.931   1.00 25.13 ? 2094 HOH A O   1 
HETATM 974  O  O   . HOH E 4 .   ? -10.104 17.041  -2.222  1.00 25.82 ? 2095 HOH A O   1 
HETATM 975  O  O   . HOH E 4 .   ? -12.102 13.786  -8.453  1.00 32.81 ? 2096 HOH A O   1 
HETATM 976  O  O   . HOH E 4 .   ? -4.946  16.813  -4.352  1.00 34.90 ? 2097 HOH A O   1 
HETATM 977  O  O   . HOH E 4 .   ? -10.162 17.647  -4.585  1.00 49.50 ? 2098 HOH A O   1 
HETATM 978  O  O   . HOH E 4 .   ? -7.230  15.794  -3.421  1.00 14.89 ? 2099 HOH A O   1 
HETATM 979  O  O   . HOH E 4 .   ? -10.277 14.845  -9.750  1.00 36.87 ? 2100 HOH A O   1 
HETATM 980  O  O   . HOH E 4 .   ? -6.757  18.124  -8.738  1.00 40.47 ? 2101 HOH A O   1 
HETATM 981  O  O   . HOH E 4 .   ? -4.247  16.299  -6.678  1.00 39.19 ? 2102 HOH A O   1 
HETATM 982  O  O   . HOH E 4 .   ? -1.688  13.539  -7.415  1.00 18.88 ? 2103 HOH A O   1 
HETATM 983  O  O   . HOH E 4 .   ? -1.386  15.648  -4.252  1.00 22.71 ? 2104 HOH A O   1 
HETATM 984  O  O   . HOH E 4 .   ? 0.626   16.127  -1.516  1.00 43.08 ? 2105 HOH A O   1 
HETATM 985  O  O   . HOH E 4 .   ? 3.492   14.713  0.255   1.00 50.12 ? 2106 HOH A O   1 
HETATM 986  O  O   . HOH E 4 .   ? 6.781   11.646  1.716   1.00 30.09 ? 2107 HOH A O   1 
HETATM 987  O  O   . HOH E 4 .   ? 9.431   10.821  2.879   1.00 43.66 ? 2108 HOH A O   1 
HETATM 988  O  O   . HOH E 4 .   ? 8.994   11.807  -1.299  1.00 39.27 ? 2109 HOH A O   1 
HETATM 989  O  O   . HOH E 4 .   ? 11.047  9.899   1.177   1.00 35.92 ? 2110 HOH A O   1 
HETATM 990  O  O   . HOH E 4 .   ? 8.735   6.188   8.178   1.00 23.52 ? 2111 HOH A O   1 
HETATM 991  O  O   . HOH E 4 .   ? 11.701  5.997   4.859   1.00 35.89 ? 2112 HOH A O   1 
HETATM 992  O  O   . HOH E 4 .   ? 6.041   7.323   8.017   1.00 23.12 ? 2113 HOH A O   1 
HETATM 993  O  O   . HOH E 4 .   ? 5.753   10.275  4.025   1.00 35.24 ? 2114 HOH A O   1 
HETATM 994  O  O   . HOH E 4 .   ? 15.889  2.542   3.461   1.00 52.38 ? 2115 HOH A O   1 
HETATM 995  O  O   . HOH E 4 .   ? 12.531  7.594   2.153   1.00 20.06 ? 2116 HOH A O   1 
HETATM 996  O  O   . HOH E 4 .   ? 13.695  0.655   6.383   1.00 17.41 ? 2117 HOH A O   1 
HETATM 997  O  O   . HOH E 4 .   ? 17.308  -6.283  6.331   1.00 28.27 ? 2118 HOH A O   1 
HETATM 998  O  O   . HOH E 4 .   ? 12.048  -1.674  7.038   1.00 19.81 ? 2119 HOH A O   1 
HETATM 999  O  O   . HOH E 4 .   ? 16.925  -9.546  6.217   1.00 53.05 ? 2120 HOH A O   1 
HETATM 1000 O  O   . HOH E 4 .   ? 9.641   -13.810 5.965   1.00 22.02 ? 2121 HOH A O   1 
HETATM 1001 O  O   . HOH E 4 .   ? 13.851  -14.106 4.179   1.00 20.09 ? 2122 HOH A O   1 
HETATM 1002 O  O   . HOH E 4 .   ? 3.877   -10.522 4.429   1.00 20.01 ? 2123 HOH A O   1 
HETATM 1003 O  O   . HOH E 4 .   ? -4.141  -6.336  9.585   1.00 44.14 ? 2124 HOH A O   1 
HETATM 1004 O  O   . HOH E 4 .   ? -1.079  -6.184  11.876  1.00 26.92 ? 2125 HOH A O   1 
HETATM 1005 O  O   . HOH E 4 .   ? -0.899  -2.810  13.373  1.00 33.97 ? 2126 HOH A O   1 
HETATM 1006 O  O   . HOH E 4 .   ? -6.219  -2.014  9.180   1.00 27.61 ? 2127 HOH A O   1 
HETATM 1007 O  O   . HOH E 4 .   ? -6.170  -3.007  6.788   1.00 15.57 ? 2128 HOH A O   1 
HETATM 1008 O  O   . HOH E 4 .   ? -14.180 4.989   11.033  1.00 27.82 ? 2129 HOH A O   1 
HETATM 1009 O  O   . HOH E 4 .   ? -10.352 7.818   14.823  1.00 32.12 ? 2130 HOH A O   1 
HETATM 1010 O  O   . HOH E 4 .   ? -7.819  9.548   11.430  1.00 30.02 ? 2131 HOH A O   1 
HETATM 1011 O  O   . HOH E 4 .   ? -14.837 9.706   9.465   1.00 38.43 ? 2132 HOH A O   1 
HETATM 1012 O  O   . HOH E 4 .   ? -6.989  4.737   11.557  1.00 24.16 ? 2133 HOH A O   1 
HETATM 1013 O  O   . HOH E 4 .   ? -12.326 1.893   6.933   1.00 9.46  ? 2134 HOH A O   1 
HETATM 1014 O  O   . HOH E 4 .   ? -14.235 -2.491  6.080   1.00 33.80 ? 2135 HOH A O   1 
HETATM 1015 O  O   . HOH E 4 .   ? -13.765 -3.110  9.350   1.00 39.89 ? 2136 HOH A O   1 
HETATM 1016 O  O   . HOH E 4 .   ? -9.958  3.005   2.738   1.00 8.14  ? 2137 HOH A O   1 
HETATM 1017 O  O   . HOH E 4 .   ? -8.415  -4.537  6.157   1.00 19.30 ? 2138 HOH A O   1 
HETATM 1018 O  O   . HOH E 4 .   ? -11.901 -6.550  4.954   1.00 38.09 ? 2139 HOH A O   1 
HETATM 1019 O  O   . HOH E 4 .   ? -13.764 -5.059  5.476   1.00 45.56 ? 2140 HOH A O   1 
HETATM 1020 O  O   . HOH E 4 .   ? -10.631 -7.764  1.161   1.00 18.52 ? 2141 HOH A O   1 
HETATM 1021 O  O   . HOH E 4 .   ? -9.300  -6.291  3.736   1.00 17.11 ? 2142 HOH A O   1 
HETATM 1022 O  O   . HOH E 4 .   ? -5.583  -9.708  -7.469  0.50 17.93 ? 2143 HOH A O   1 
HETATM 1023 O  O   . HOH E 4 .   ? -2.493  -9.790  -3.259  1.00 7.43  ? 2144 HOH A O   1 
HETATM 1024 O  O   . HOH E 4 .   ? 5.618   -12.010 -4.150  1.00 12.63 ? 2145 HOH A O   1 
HETATM 1025 O  O   . HOH E 4 .   ? 2.230   -10.875 -4.116  1.00 8.68  ? 2146 HOH A O   1 
HETATM 1026 O  O   . HOH E 4 .   ? -1.258  -7.636  -13.726 0.25 26.44 ? 2147 HOH A O   1 
HETATM 1027 O  O   . HOH E 4 .   ? 7.531   -10.237 -16.492 1.00 7.26  ? 2148 HOH A O   1 
HETATM 1028 O  O   . HOH E 4 .   ? 6.931   -7.279  -19.567 1.00 9.68  ? 2149 HOH A O   1 
HETATM 1029 O  O   . HOH E 4 .   ? 14.836  -7.967  -19.347 1.00 35.43 ? 2150 HOH A O   1 
HETATM 1030 O  O   . HOH E 4 .   ? 11.514  -11.889 -11.806 1.00 15.54 ? 2151 HOH A O   1 
HETATM 1031 O  O   . HOH E 4 .   ? 15.416  -11.974 -17.177 1.00 17.08 ? 2152 HOH A O   1 
HETATM 1032 O  O   . HOH E 4 .   ? 15.320  -10.880 -13.340 1.00 28.29 ? 2153 HOH A O   1 
HETATM 1033 O  O   . HOH E 4 .   ? 13.574  -8.037  -9.834  1.00 20.79 ? 2154 HOH A O   1 
HETATM 1034 O  O   . HOH E 4 .   ? 18.586  -4.230  -10.082 1.00 24.34 ? 2155 HOH A O   1 
HETATM 1035 O  O   . HOH E 4 .   ? 11.419  -10.006 -10.108 1.00 16.39 ? 2156 HOH A O   1 
HETATM 1036 O  O   . HOH E 4 .   ? 9.539   -10.662 -7.703  1.00 33.17 ? 2157 HOH A O   1 
HETATM 1037 O  O   . HOH E 4 .   ? -15.296 -1.049  4.369   1.00 31.91 ? 2158 HOH A O   1 
HETATM 1038 O  O   . HOH E 4 .   ? -14.895 1.313   6.849   1.00 26.36 ? 2159 HOH A O   1 
HETATM 1039 O  O   . HOH E 4 .   ? -15.262 5.526   6.063   1.00 14.18 ? 2160 HOH A O   1 
HETATM 1040 O  O   . HOH E 4 .   ? -17.389 -0.869  3.862   1.00 40.43 ? 2161 HOH A O   1 
HETATM 1041 O  O   . HOH E 4 .   ? -22.619 4.299   -1.981  1.00 22.48 ? 2162 HOH A O   1 
HETATM 1042 O  O   . HOH E 4 .   ? -22.591 -1.012  -1.246  1.00 31.81 ? 2163 HOH A O   1 
HETATM 1043 O  O   . HOH E 4 .   ? -22.212 0.669   -5.008  1.00 42.14 ? 2164 HOH A O   1 
HETATM 1044 O  O   . HOH E 4 .   ? -17.984 3.325   -7.683  1.00 41.25 ? 2165 HOH A O   1 
HETATM 1045 O  O   . HOH E 4 .   ? -18.854 8.361   -4.409  1.00 38.69 ? 2166 HOH A O   1 
HETATM 1046 O  O   . HOH E 4 .   ? -21.426 2.813   -6.526  1.00 41.05 ? 2167 HOH A O   1 
HETATM 1047 O  O   . HOH E 4 .   ? -18.717 -1.757  0.428   1.00 21.33 ? 2168 HOH A O   1 
HETATM 1048 O  O   . HOH E 4 .   ? -17.447 -1.724  -7.841  1.00 27.49 ? 2169 HOH A O   1 
HETATM 1049 O  O   . HOH E 4 .   ? -21.172 -3.759  -1.363  1.00 37.20 ? 2170 HOH A O   1 
HETATM 1050 O  O   . HOH E 4 .   ? -20.146 -2.945  -6.601  1.00 35.59 ? 2171 HOH A O   1 
HETATM 1051 O  O   . HOH E 4 .   ? -14.958 7.463   -7.418  1.00 15.67 ? 2172 HOH A O   1 
HETATM 1052 O  O   . HOH E 4 .   ? -16.674 -3.286  1.466   1.00 33.83 ? 2173 HOH A O   1 
HETATM 1053 O  O   . HOH E 4 .   ? 11.799  -9.512  -6.895  1.00 27.49 ? 2174 HOH A O   1 
HETATM 1054 O  O   . HOH E 4 .   ? 11.293  -0.253  -9.420  1.00 12.18 ? 2175 HOH A O   1 
HETATM 1055 O  O   . HOH E 4 .   ? 22.573  2.871   -8.697  1.00 23.83 ? 2176 HOH A O   1 
HETATM 1056 O  O   . HOH E 4 .   ? -18.702 5.314   0.185   1.00 9.28  ? 2177 HOH A O   1 
HETATM 1057 O  O   . HOH E 4 .   ? -20.306 8.660   -2.219  1.00 22.27 ? 2178 HOH A O   1 
# 
loop_
_pdbx_poly_seq_scheme.asym_id 
_pdbx_poly_seq_scheme.entity_id 
_pdbx_poly_seq_scheme.seq_id 
_pdbx_poly_seq_scheme.mon_id 
_pdbx_poly_seq_scheme.ndb_seq_num 
_pdbx_poly_seq_scheme.pdb_seq_num 
_pdbx_poly_seq_scheme.auth_seq_num 
_pdbx_poly_seq_scheme.pdb_mon_id 
_pdbx_poly_seq_scheme.auth_mon_id 
_pdbx_poly_seq_scheme.pdb_strand_id 
_pdbx_poly_seq_scheme.pdb_ins_code 
_pdbx_poly_seq_scheme.hetero 
A 1 1   ALA 1   1   1   ALA ALA A . n 
A 1 2   GLN 2   2   2   GLN GLN A . n 
A 1 3   GLN 3   3   3   GLN GLN A . n 
A 1 4   GLY 4   4   4   GLY GLY A . n 
A 1 5   VAL 5   5   5   VAL VAL A . n 
A 1 6   PHE 6   6   6   PHE PHE A . n 
A 1 7   THR 7   7   7   THR THR A . n 
A 1 8   LEU 8   8   8   LEU LEU A . n 
A 1 9   PRO 9   9   9   PRO PRO A . n 
A 1 10  ALA 10  10  10  ALA ALA A . n 
A 1 11  ASN 11  11  11  ASN ASN A . n 
A 1 12  THR 12  12  12  THR THR A . n 
A 1 13  SER 13  13  13  SER SER A . n 
A 1 14  PHE 14  14  14  PHE PHE A . n 
A 1 15  GLY 15  15  15  GLY GLY A . n 
A 1 16  VAL 16  16  16  VAL VAL A . n 
A 1 17  THR 17  17  17  THR THR A . n 
A 1 18  ALA 18  18  18  ALA ALA A . n 
A 1 19  PHE 19  19  19  PHE PHE A . n 
A 1 20  ALA 20  20  20  ALA ALA A . n 
A 1 21  ASN 21  21  21  ASN ASN A . n 
A 1 22  ALA 22  22  22  ALA ALA A . n 
A 1 23  ALA 23  23  23  ALA ALA A . n 
A 1 24  ASN 24  24  24  ASN ASN A . n 
A 1 25  THR 25  25  25  THR THR A . n 
A 1 26  GLN 26  26  26  GLN GLN A . n 
A 1 27  THR 27  27  27  THR THR A . n 
A 1 28  ILE 28  28  28  ILE ILE A . n 
A 1 29  GLN 29  29  29  GLN GLN A . n 
A 1 30  VAL 30  30  30  VAL VAL A . n 
A 1 31  LEU 31  31  31  LEU LEU A . n 
A 1 32  VAL 32  32  32  VAL VAL A . n 
A 1 33  ASP 33  33  33  ASP ASP A . n 
A 1 34  ASN 34  34  34  ASN ASN A . n 
A 1 35  VAL 35  35  35  VAL VAL A . n 
A 1 36  VAL 36  36  36  VAL VAL A . n 
A 1 37  LYS 37  37  37  LYS LYS A . n 
A 1 38  ALA 38  38  38  ALA ALA A . n 
A 1 39  THR 39  39  39  THR THR A . n 
A 1 40  PHE 40  40  40  PHE PHE A . n 
A 1 41  THR 41  41  41  THR THR A . n 
A 1 42  GLY 42  42  42  GLY GLY A . n 
A 1 43  SER 43  43  43  SER SER A . n 
A 1 44  GLY 44  44  44  GLY GLY A . n 
A 1 45  THR 45  45  45  THR THR A . n 
A 1 46  SER 46  46  46  SER SER A . n 
A 1 47  ASP 47  47  47  ASP ASP A . n 
A 1 48  LYS 48  48  48  LYS LYS A . n 
A 1 49  LEU 49  49  49  LEU LEU A . n 
A 1 50  LEU 50  50  50  LEU LEU A . n 
A 1 51  GLY 51  51  51  GLY GLY A . n 
A 1 52  SER 52  52  52  SER SER A . n 
A 1 53  GLN 53  53  53  GLN GLN A . n 
A 1 54  VAL 54  54  54  VAL VAL A . n 
A 1 55  LEU 55  55  55  LEU LEU A . n 
A 1 56  ASN 56  56  56  ASN ASN A . n 
A 1 57  SER 57  57  57  SER SER A . n 
A 1 58  GLY 58  58  58  GLY GLY A . n 
A 1 59  SER 59  59  59  SER SER A . n 
A 1 60  GLY 60  60  60  GLY GLY A . n 
A 1 61  ALA 61  61  61  ALA ALA A . n 
A 1 62  ILE 62  62  62  ILE ILE A . n 
A 1 63  LYS 63  63  63  LYS LYS A . n 
A 1 64  ILE 64  64  64  ILE ILE A . n 
A 1 65  GLN 65  65  65  GLN GLN A . n 
A 1 66  VAL 66  66  66  VAL VAL A . n 
A 1 67  SER 67  67  67  SER SER A . n 
A 1 68  VAL 68  68  68  VAL VAL A . n 
A 1 69  ASN 69  69  69  ASN ASN A . n 
A 1 70  GLY 70  70  70  GLY GLY A . n 
A 1 71  LYS 71  71  71  LYS LYS A . n 
A 1 72  PRO 72  72  72  PRO PRO A . n 
A 1 73  SER 73  73  73  SER SER A . n 
A 1 74  ASP 74  74  74  ASP ASP A . n 
A 1 75  LEU 75  75  75  LEU LEU A . n 
A 1 76  VAL 76  76  76  VAL VAL A . n 
A 1 77  SER 77  77  77  SER SER A . n 
A 1 78  ASN 78  78  78  ASN ASN A . n 
A 1 79  GLN 79  79  79  GLN GLN A . n 
A 1 80  THR 80  80  80  THR THR A . n 
A 1 81  ILE 81  81  81  ILE ILE A . n 
A 1 82  LEU 82  82  82  LEU LEU A . n 
A 1 83  ALA 83  83  83  ALA ALA A . n 
A 1 84  ASN 84  84  84  ASN ASN A . n 
A 1 85  LYS 85  85  85  LYS LYS A . n 
A 1 86  LEU 86  86  86  LEU LEU A . n 
A 1 87  ASN 87  87  87  ASN ASN A . n 
A 1 88  PHE 88  88  88  PHE PHE A . n 
A 1 89  ALA 89  89  89  ALA ALA A . n 
A 1 90  MET 90  90  90  MET MET A . n 
A 1 91  VAL 91  91  91  VAL VAL A . n 
A 1 92  GLY 92  92  92  GLY GLY A . n 
A 1 93  SER 93  93  93  SER SER A . n 
A 1 94  GLU 94  94  94  GLU GLU A . n 
A 1 95  ASP 95  95  95  ASP ASP A . n 
A 1 96  GLY 96  96  96  GLY GLY A . n 
A 1 97  THR 97  97  97  THR THR A . n 
A 1 98  ASP 98  98  98  ASP ASP A . n 
A 1 99  ASN 99  99  99  ASN ASN A . n 
A 1 100 ASP 100 100 100 ASP ASP A . n 
A 1 101 TYR 101 101 101 TYR TYR A . n 
A 1 102 ASN 102 102 102 ASN ASN A . n 
A 1 103 ASP 103 103 103 ASP ASP A . n 
A 1 104 GLY 104 104 104 GLY GLY A . n 
A 1 105 ILE 105 105 105 ILE ILE A . n 
A 1 106 ALA 106 106 106 ALA ALA A . n 
A 1 107 VAL 107 107 107 VAL VAL A . n 
A 1 108 LEU 108 108 108 LEU LEU A . n 
A 1 109 ASN 109 109 109 ASN ASN A . n 
A 1 110 TRP 110 110 110 TRP TRP A . n 
A 1 111 PRO 111 111 111 PRO PRO A . n 
A 1 112 LEU 112 112 112 LEU LEU A . n 
A 1 113 GLY 113 113 113 GLY GLY A . n 
# 
loop_
_pdbx_nonpoly_scheme.asym_id 
_pdbx_nonpoly_scheme.entity_id 
_pdbx_nonpoly_scheme.mon_id 
_pdbx_nonpoly_scheme.ndb_seq_num 
_pdbx_nonpoly_scheme.pdb_seq_num 
_pdbx_nonpoly_scheme.auth_seq_num 
_pdbx_nonpoly_scheme.pdb_mon_id 
_pdbx_nonpoly_scheme.auth_mon_id 
_pdbx_nonpoly_scheme.pdb_strand_id 
_pdbx_nonpoly_scheme.pdb_ins_code 
B 2 CA  1   1114 1114 CA  CA  A . 
C 2 CA  1   1115 1115 CA  CA  A . 
D 3 MMA 1   1116 1116 MMA MMA A . 
E 4 HOH 1   2001 2001 HOH HOH A . 
E 4 HOH 2   2002 2002 HOH HOH A . 
E 4 HOH 3   2003 2003 HOH HOH A . 
E 4 HOH 4   2004 2004 HOH HOH A . 
E 4 HOH 5   2005 2005 HOH HOH A . 
E 4 HOH 6   2006 2006 HOH HOH A . 
E 4 HOH 7   2007 2007 HOH HOH A . 
E 4 HOH 8   2008 2008 HOH HOH A . 
E 4 HOH 9   2009 2009 HOH HOH A . 
E 4 HOH 10  2010 2010 HOH HOH A . 
E 4 HOH 11  2011 2011 HOH HOH A . 
E 4 HOH 12  2012 2012 HOH HOH A . 
E 4 HOH 13  2013 2013 HOH HOH A . 
E 4 HOH 14  2014 2014 HOH HOH A . 
E 4 HOH 15  2015 2015 HOH HOH A . 
E 4 HOH 16  2016 2016 HOH HOH A . 
E 4 HOH 17  2017 2017 HOH HOH A . 
E 4 HOH 18  2018 2018 HOH HOH A . 
E 4 HOH 19  2019 2019 HOH HOH A . 
E 4 HOH 20  2020 2020 HOH HOH A . 
E 4 HOH 21  2021 2021 HOH HOH A . 
E 4 HOH 22  2022 2022 HOH HOH A . 
E 4 HOH 23  2023 2023 HOH HOH A . 
E 4 HOH 24  2024 2024 HOH HOH A . 
E 4 HOH 25  2025 2025 HOH HOH A . 
E 4 HOH 26  2026 2026 HOH HOH A . 
E 4 HOH 27  2027 2027 HOH HOH A . 
E 4 HOH 28  2028 2028 HOH HOH A . 
E 4 HOH 29  2029 2029 HOH HOH A . 
E 4 HOH 30  2030 2030 HOH HOH A . 
E 4 HOH 31  2031 2031 HOH HOH A . 
E 4 HOH 32  2032 2032 HOH HOH A . 
E 4 HOH 33  2033 2033 HOH HOH A . 
E 4 HOH 34  2034 2034 HOH HOH A . 
E 4 HOH 35  2035 2035 HOH HOH A . 
E 4 HOH 36  2036 2036 HOH HOH A . 
E 4 HOH 37  2037 2037 HOH HOH A . 
E 4 HOH 38  2038 2038 HOH HOH A . 
E 4 HOH 39  2039 2039 HOH HOH A . 
E 4 HOH 40  2040 2040 HOH HOH A . 
E 4 HOH 41  2041 2041 HOH HOH A . 
E 4 HOH 42  2042 2042 HOH HOH A . 
E 4 HOH 43  2043 2043 HOH HOH A . 
E 4 HOH 44  2044 2044 HOH HOH A . 
E 4 HOH 45  2045 2045 HOH HOH A . 
E 4 HOH 46  2046 2046 HOH HOH A . 
E 4 HOH 47  2047 2047 HOH HOH A . 
E 4 HOH 48  2048 2048 HOH HOH A . 
E 4 HOH 49  2049 2049 HOH HOH A . 
E 4 HOH 50  2050 2050 HOH HOH A . 
E 4 HOH 51  2051 2051 HOH HOH A . 
E 4 HOH 52  2052 2052 HOH HOH A . 
E 4 HOH 53  2053 2053 HOH HOH A . 
E 4 HOH 54  2054 2054 HOH HOH A . 
E 4 HOH 55  2055 2055 HOH HOH A . 
E 4 HOH 56  2056 2056 HOH HOH A . 
E 4 HOH 57  2057 2057 HOH HOH A . 
E 4 HOH 58  2058 2058 HOH HOH A . 
E 4 HOH 59  2059 2059 HOH HOH A . 
E 4 HOH 60  2060 2060 HOH HOH A . 
E 4 HOH 61  2061 2061 HOH HOH A . 
E 4 HOH 62  2062 2062 HOH HOH A . 
E 4 HOH 63  2063 2063 HOH HOH A . 
E 4 HOH 64  2064 2064 HOH HOH A . 
E 4 HOH 65  2065 2065 HOH HOH A . 
E 4 HOH 66  2066 2066 HOH HOH A . 
E 4 HOH 67  2067 2067 HOH HOH A . 
E 4 HOH 68  2068 2068 HOH HOH A . 
E 4 HOH 69  2069 2069 HOH HOH A . 
E 4 HOH 70  2070 2070 HOH HOH A . 
E 4 HOH 71  2071 2071 HOH HOH A . 
E 4 HOH 72  2072 2072 HOH HOH A . 
E 4 HOH 73  2073 2073 HOH HOH A . 
E 4 HOH 74  2074 2074 HOH HOH A . 
E 4 HOH 75  2075 2075 HOH HOH A . 
E 4 HOH 76  2076 2076 HOH HOH A . 
E 4 HOH 77  2077 2077 HOH HOH A . 
E 4 HOH 78  2078 2078 HOH HOH A . 
E 4 HOH 79  2079 2079 HOH HOH A . 
E 4 HOH 80  2080 2080 HOH HOH A . 
E 4 HOH 81  2081 2081 HOH HOH A . 
E 4 HOH 82  2082 2082 HOH HOH A . 
E 4 HOH 83  2083 2083 HOH HOH A . 
E 4 HOH 84  2084 2084 HOH HOH A . 
E 4 HOH 85  2085 2085 HOH HOH A . 
E 4 HOH 86  2086 2086 HOH HOH A . 
E 4 HOH 87  2087 2087 HOH HOH A . 
E 4 HOH 88  2088 2088 HOH HOH A . 
E 4 HOH 89  2089 2089 HOH HOH A . 
E 4 HOH 90  2090 2090 HOH HOH A . 
E 4 HOH 91  2091 2091 HOH HOH A . 
E 4 HOH 92  2092 2092 HOH HOH A . 
E 4 HOH 93  2093 2093 HOH HOH A . 
E 4 HOH 94  2094 2094 HOH HOH A . 
E 4 HOH 95  2095 2095 HOH HOH A . 
E 4 HOH 96  2096 2096 HOH HOH A . 
E 4 HOH 97  2097 2097 HOH HOH A . 
E 4 HOH 98  2098 2098 HOH HOH A . 
E 4 HOH 99  2099 2099 HOH HOH A . 
E 4 HOH 100 2100 2100 HOH HOH A . 
E 4 HOH 101 2101 2101 HOH HOH A . 
E 4 HOH 102 2102 2102 HOH HOH A . 
E 4 HOH 103 2103 2103 HOH HOH A . 
E 4 HOH 104 2104 2104 HOH HOH A . 
E 4 HOH 105 2105 2105 HOH HOH A . 
E 4 HOH 106 2106 2106 HOH HOH A . 
E 4 HOH 107 2107 2107 HOH HOH A . 
E 4 HOH 108 2108 2108 HOH HOH A . 
E 4 HOH 109 2109 2109 HOH HOH A . 
E 4 HOH 110 2110 2110 HOH HOH A . 
E 4 HOH 111 2111 2111 HOH HOH A . 
E 4 HOH 112 2112 2112 HOH HOH A . 
E 4 HOH 113 2113 2113 HOH HOH A . 
E 4 HOH 114 2114 2114 HOH HOH A . 
E 4 HOH 115 2115 2115 HOH HOH A . 
E 4 HOH 116 2116 2116 HOH HOH A . 
E 4 HOH 117 2117 2117 HOH HOH A . 
E 4 HOH 118 2118 2118 HOH HOH A . 
E 4 HOH 119 2119 2119 HOH HOH A . 
E 4 HOH 120 2120 2120 HOH HOH A . 
E 4 HOH 121 2121 2121 HOH HOH A . 
E 4 HOH 122 2122 2122 HOH HOH A . 
E 4 HOH 123 2123 2123 HOH HOH A . 
E 4 HOH 124 2124 2124 HOH HOH A . 
E 4 HOH 125 2125 2125 HOH HOH A . 
E 4 HOH 126 2126 2126 HOH HOH A . 
E 4 HOH 127 2127 2127 HOH HOH A . 
E 4 HOH 128 2128 2128 HOH HOH A . 
E 4 HOH 129 2129 2129 HOH HOH A . 
E 4 HOH 130 2130 2130 HOH HOH A . 
E 4 HOH 131 2131 2131 HOH HOH A . 
E 4 HOH 132 2132 2132 HOH HOH A . 
E 4 HOH 133 2133 2133 HOH HOH A . 
E 4 HOH 134 2134 2134 HOH HOH A . 
E 4 HOH 135 2135 2135 HOH HOH A . 
E 4 HOH 136 2136 2136 HOH HOH A . 
E 4 HOH 137 2137 2137 HOH HOH A . 
E 4 HOH 138 2138 2138 HOH HOH A . 
E 4 HOH 139 2139 2139 HOH HOH A . 
E 4 HOH 140 2140 2140 HOH HOH A . 
E 4 HOH 141 2141 2141 HOH HOH A . 
E 4 HOH 142 2142 2142 HOH HOH A . 
E 4 HOH 143 2143 2143 HOH HOH A . 
E 4 HOH 144 2144 2144 HOH HOH A . 
E 4 HOH 145 2145 2145 HOH HOH A . 
E 4 HOH 146 2146 2146 HOH HOH A . 
E 4 HOH 147 2147 2147 HOH HOH A . 
E 4 HOH 148 2148 2148 HOH HOH A . 
E 4 HOH 149 2149 2149 HOH HOH A . 
E 4 HOH 150 2150 2150 HOH HOH A . 
E 4 HOH 151 2151 2151 HOH HOH A . 
E 4 HOH 152 2152 2152 HOH HOH A . 
E 4 HOH 153 2153 2153 HOH HOH A . 
E 4 HOH 154 2154 2154 HOH HOH A . 
E 4 HOH 155 2155 2155 HOH HOH A . 
E 4 HOH 156 2156 2156 HOH HOH A . 
E 4 HOH 157 2157 2157 HOH HOH A . 
E 4 HOH 158 2158 2158 HOH HOH A . 
E 4 HOH 159 2159 2159 HOH HOH A . 
E 4 HOH 160 2160 2160 HOH HOH A . 
E 4 HOH 161 2161 2161 HOH HOH A . 
E 4 HOH 162 2162 2162 HOH HOH A . 
E 4 HOH 163 2163 2163 HOH HOH A . 
E 4 HOH 164 2164 2164 HOH HOH A . 
E 4 HOH 165 2165 2165 HOH HOH A . 
E 4 HOH 166 2166 2166 HOH HOH A . 
E 4 HOH 167 2167 2167 HOH HOH A . 
E 4 HOH 168 2168 2168 HOH HOH A . 
E 4 HOH 169 2169 2169 HOH HOH A . 
E 4 HOH 170 2170 2170 HOH HOH A . 
E 4 HOH 171 2171 2171 HOH HOH A . 
E 4 HOH 172 2172 2172 HOH HOH A . 
E 4 HOH 173 2173 2173 HOH HOH A . 
E 4 HOH 174 2174 2174 HOH HOH A . 
E 4 HOH 175 2175 2175 HOH HOH A . 
E 4 HOH 176 2176 2176 HOH HOH A . 
E 4 HOH 177 2177 2177 HOH HOH A . 
E 4 HOH 178 2178 2178 HOH HOH A . 
# 
_pdbx_struct_assembly.id                   1 
_pdbx_struct_assembly.details              author_and_software_defined_assembly 
_pdbx_struct_assembly.method_details       PQS 
_pdbx_struct_assembly.oligomeric_details   tetrameric 
_pdbx_struct_assembly.oligomeric_count     4 
# 
_pdbx_struct_assembly_gen.assembly_id       1 
_pdbx_struct_assembly_gen.oper_expression   1,2,3,4 
_pdbx_struct_assembly_gen.asym_id_list      A,B,C,D,E 
# 
loop_
_pdbx_struct_oper_list.id 
_pdbx_struct_oper_list.type 
_pdbx_struct_oper_list.name 
_pdbx_struct_oper_list.symmetry_operation 
_pdbx_struct_oper_list.matrix[1][1] 
_pdbx_struct_oper_list.matrix[1][2] 
_pdbx_struct_oper_list.matrix[1][3] 
_pdbx_struct_oper_list.vector[1] 
_pdbx_struct_oper_list.matrix[2][1] 
_pdbx_struct_oper_list.matrix[2][2] 
_pdbx_struct_oper_list.matrix[2][3] 
_pdbx_struct_oper_list.vector[2] 
_pdbx_struct_oper_list.matrix[3][1] 
_pdbx_struct_oper_list.matrix[3][2] 
_pdbx_struct_oper_list.matrix[3][3] 
_pdbx_struct_oper_list.vector[3] 
1 'identity operation'         1_555 x,y,z   1.0000000000  0.0000000000  0.0000000000  0.0000000000   0.0000000000  1.0000000000  0.0000000000  0.0000000000   0.0000000000  0.0000000000  1.0000000000  0.0000000000   
2 'crystal symmetry operation' 4_555 x,-y,-z 0.1189941737  -0.6755533432 0.7276455642  3.7210192186   -0.6755533432 -0.5921584488 -0.4392903959 -19.0362416226 0.7276455642  -0.4392903959 -0.5268357249 -23.3957249721 
3 'crystal symmetry operation' 3_555 -x,y,-z -0.8604333008 0.4622177126  0.2144978345  4.1333421939   0.4622177126  0.5307749992  0.7103750322  6.7489097246   0.2144978345  0.7103750322  -0.6703416984 -17.2325401341 
4 'crystal symmetry operation' 2_555 -x,-y,z -0.2585608729 0.2133356306  -0.9421433987 -12.8855670583 0.2133356306  -0.9386165504 -0.2710846363 -18.2548692958 -0.9421433987 -0.2710846363 0.1971774233  -14.2741303118 
# 
_pdbx_struct_special_symmetry.id              1 
_pdbx_struct_special_symmetry.PDB_model_num   1 
_pdbx_struct_special_symmetry.auth_asym_id    A 
_pdbx_struct_special_symmetry.auth_comp_id    HOH 
_pdbx_struct_special_symmetry.auth_seq_id     2147 
_pdbx_struct_special_symmetry.PDB_ins_code    ? 
_pdbx_struct_special_symmetry.label_asym_id   E 
_pdbx_struct_special_symmetry.label_comp_id   HOH 
_pdbx_struct_special_symmetry.label_seq_id    . 
# 
loop_
_pdbx_struct_conn_angle.id 
_pdbx_struct_conn_angle.ptnr1_label_atom_id 
_pdbx_struct_conn_angle.ptnr1_label_alt_id 
_pdbx_struct_conn_angle.ptnr1_label_asym_id 
_pdbx_struct_conn_angle.ptnr1_label_comp_id 
_pdbx_struct_conn_angle.ptnr1_label_seq_id 
_pdbx_struct_conn_angle.ptnr1_auth_atom_id 
_pdbx_struct_conn_angle.ptnr1_auth_asym_id 
_pdbx_struct_conn_angle.ptnr1_auth_comp_id 
_pdbx_struct_conn_angle.ptnr1_auth_seq_id 
_pdbx_struct_conn_angle.ptnr1_PDB_ins_code 
_pdbx_struct_conn_angle.ptnr1_symmetry 
_pdbx_struct_conn_angle.ptnr2_label_atom_id 
_pdbx_struct_conn_angle.ptnr2_label_alt_id 
_pdbx_struct_conn_angle.ptnr2_label_asym_id 
_pdbx_struct_conn_angle.ptnr2_label_comp_id 
_pdbx_struct_conn_angle.ptnr2_label_seq_id 
_pdbx_struct_conn_angle.ptnr2_auth_atom_id 
_pdbx_struct_conn_angle.ptnr2_auth_asym_id 
_pdbx_struct_conn_angle.ptnr2_auth_comp_id 
_pdbx_struct_conn_angle.ptnr2_auth_seq_id 
_pdbx_struct_conn_angle.ptnr2_PDB_ins_code 
_pdbx_struct_conn_angle.ptnr2_symmetry 
_pdbx_struct_conn_angle.ptnr3_label_atom_id 
_pdbx_struct_conn_angle.ptnr3_label_alt_id 
_pdbx_struct_conn_angle.ptnr3_label_asym_id 
_pdbx_struct_conn_angle.ptnr3_label_comp_id 
_pdbx_struct_conn_angle.ptnr3_label_seq_id 
_pdbx_struct_conn_angle.ptnr3_auth_atom_id 
_pdbx_struct_conn_angle.ptnr3_auth_asym_id 
_pdbx_struct_conn_angle.ptnr3_auth_comp_id 
_pdbx_struct_conn_angle.ptnr3_auth_seq_id 
_pdbx_struct_conn_angle.ptnr3_PDB_ins_code 
_pdbx_struct_conn_angle.ptnr3_symmetry 
_pdbx_struct_conn_angle.value 
_pdbx_struct_conn_angle.value_esd 
1  O   ? A ASN 21  ? A ASN 21   ? 1_555 CA ? B CA . ? A CA 1114 ? 1_555 OD1 ? A ASP 100 ? A ASP 100  ? 1_555 143.5 ? 
2  O   ? A ASN 21  ? A ASN 21   ? 1_555 CA ? B CA . ? A CA 1114 ? 1_555 OD2 ? A ASP 100 ? A ASP 100  ? 1_555 152.1 ? 
3  OD1 ? A ASP 100 ? A ASP 100  ? 1_555 CA ? B CA . ? A CA 1114 ? 1_555 OD2 ? A ASP 100 ? A ASP 100  ? 1_555 45.9  ? 
4  O   ? A ASN 21  ? A ASN 21   ? 1_555 CA ? B CA . ? A CA 1114 ? 1_555 OD1 ? A ASN 102 ? A ASN 102  ? 1_555 86.1  ? 
5  OD1 ? A ASP 100 ? A ASP 100  ? 1_555 CA ? B CA . ? A CA 1114 ? 1_555 OD1 ? A ASN 102 ? A ASN 102  ? 1_555 68.6  ? 
6  OD2 ? A ASP 100 ? A ASP 100  ? 1_555 CA ? B CA . ? A CA 1114 ? 1_555 OD1 ? A ASN 102 ? A ASN 102  ? 1_555 75.4  ? 
7  O   ? A ASN 21  ? A ASN 21   ? 1_555 CA ? B CA . ? A CA 1114 ? 1_555 OD1 ? A ASP 103 ? A ASP 103  ? 1_555 84.1  ? 
8  OD1 ? A ASP 100 ? A ASP 100  ? 1_555 CA ? B CA . ? A CA 1114 ? 1_555 OD1 ? A ASP 103 ? A ASP 103  ? 1_555 69.6  ? 
9  OD2 ? A ASP 100 ? A ASP 100  ? 1_555 CA ? B CA . ? A CA 1114 ? 1_555 OD1 ? A ASP 103 ? A ASP 103  ? 1_555 115.2 ? 
10 OD1 ? A ASN 102 ? A ASN 102  ? 1_555 CA ? B CA . ? A CA 1114 ? 1_555 OD1 ? A ASP 103 ? A ASP 103  ? 1_555 88.0  ? 
11 O   ? A ASN 21  ? A ASN 21   ? 1_555 CA ? B CA . ? A CA 1114 ? 1_555 O   ? A GLY 113 ? A GLY 113  ? 1_555 55.0  ? 
12 OD1 ? A ASP 100 ? A ASP 100  ? 1_555 CA ? B CA . ? A CA 1114 ? 1_555 O   ? A GLY 113 ? A GLY 113  ? 1_555 97.5  ? 
13 OD2 ? A ASP 100 ? A ASP 100  ? 1_555 CA ? B CA . ? A CA 1114 ? 1_555 O   ? A GLY 113 ? A GLY 113  ? 1_555 103.9 ? 
14 OD1 ? A ASN 102 ? A ASN 102  ? 1_555 CA ? B CA . ? A CA 1114 ? 1_555 O   ? A GLY 113 ? A GLY 113  ? 1_555 31.2  ? 
15 OD1 ? A ASP 103 ? A ASP 103  ? 1_555 CA ? B CA . ? A CA 1114 ? 1_555 O   ? A GLY 113 ? A GLY 113  ? 1_555 87.1  ? 
16 O   ? A ASN 21  ? A ASN 21   ? 1_555 CA ? B CA . ? A CA 1114 ? 1_555 O2  ? D MMA .   ? A MMA 1116 ? 1_555 76.8  ? 
17 OD1 ? A ASP 100 ? A ASP 100  ? 1_555 CA ? B CA . ? A CA 1114 ? 1_555 O2  ? D MMA .   ? A MMA 1116 ? 1_555 131.8 ? 
18 OD2 ? A ASP 100 ? A ASP 100  ? 1_555 CA ? B CA . ? A CA 1114 ? 1_555 O2  ? D MMA .   ? A MMA 1116 ? 1_555 115.6 ? 
19 OD1 ? A ASN 102 ? A ASN 102  ? 1_555 CA ? B CA . ? A CA 1114 ? 1_555 O2  ? D MMA .   ? A MMA 1116 ? 1_555 159.4 ? 
20 OD1 ? A ASP 103 ? A ASP 103  ? 1_555 CA ? B CA . ? A CA 1114 ? 1_555 O2  ? D MMA .   ? A MMA 1116 ? 1_555 101.5 ? 
21 O   ? A GLY 113 ? A GLY 113  ? 1_555 CA ? B CA . ? A CA 1114 ? 1_555 O2  ? D MMA .   ? A MMA 1116 ? 1_555 130.1 ? 
22 O   ? A ASN 21  ? A ASN 21   ? 1_555 CA ? B CA . ? A CA 1114 ? 1_555 O3  ? D MMA .   ? A MMA 1116 ? 1_555 133.3 ? 
23 OD1 ? A ASP 100 ? A ASP 100  ? 1_555 CA ? B CA . ? A CA 1114 ? 1_555 O3  ? D MMA .   ? A MMA 1116 ? 1_555 65.6  ? 
24 OD2 ? A ASP 100 ? A ASP 100  ? 1_555 CA ? B CA . ? A CA 1114 ? 1_555 O3  ? D MMA .   ? A MMA 1116 ? 1_555 73.2  ? 
25 OD1 ? A ASN 102 ? A ASN 102  ? 1_555 CA ? B CA . ? A CA 1114 ? 1_555 O3  ? D MMA .   ? A MMA 1116 ? 1_555 134.2 ? 
26 OD1 ? A ASP 103 ? A ASP 103  ? 1_555 CA ? B CA . ? A CA 1114 ? 1_555 O3  ? D MMA .   ? A MMA 1116 ? 1_555 76.4  ? 
27 O   ? A GLY 113 ? A GLY 113  ? 1_555 CA ? B CA . ? A CA 1114 ? 1_555 O3  ? D MMA .   ? A MMA 1116 ? 1_555 159.5 ? 
28 O2  ? D MMA .   ? A MMA 1116 ? 1_555 CA ? B CA . ? A CA 1114 ? 1_555 O3  ? D MMA .   ? A MMA 1116 ? 1_555 66.4  ? 
29 OE1 ? A GLU 94  ? A GLU 94   ? 1_555 CA ? C CA . ? A CA 1115 ? 1_555 OE2 ? A GLU 94  ? A GLU 94   ? 1_555 53.6  ? 
30 OE1 ? A GLU 94  ? A GLU 94   ? 1_555 CA ? C CA . ? A CA 1115 ? 1_555 OD1 ? A ASP 98  ? A ASP 98   ? 1_555 86.5  ? 
31 OE2 ? A GLU 94  ? A GLU 94   ? 1_555 CA ? C CA . ? A CA 1115 ? 1_555 OD1 ? A ASP 98  ? A ASP 98   ? 1_555 83.9  ? 
32 OE1 ? A GLU 94  ? A GLU 94   ? 1_555 CA ? C CA . ? A CA 1115 ? 1_555 OD1 ? A ASP 100 ? A ASP 100  ? 1_555 76.5  ? 
33 OE2 ? A GLU 94  ? A GLU 94   ? 1_555 CA ? C CA . ? A CA 1115 ? 1_555 OD1 ? A ASP 100 ? A ASP 100  ? 1_555 129.3 ? 
34 OD1 ? A ASP 98  ? A ASP 98   ? 1_555 CA ? C CA . ? A CA 1115 ? 1_555 OD1 ? A ASP 100 ? A ASP 100  ? 1_555 85.1  ? 
35 OE1 ? A GLU 94  ? A GLU 94   ? 1_555 CA ? C CA . ? A CA 1115 ? 1_555 OD1 ? A ASP 103 ? A ASP 103  ? 1_555 118.1 ? 
36 OE2 ? A GLU 94  ? A GLU 94   ? 1_555 CA ? C CA . ? A CA 1115 ? 1_555 OD1 ? A ASP 103 ? A ASP 103  ? 1_555 130.0 ? 
37 OD1 ? A ASP 98  ? A ASP 98   ? 1_555 CA ? C CA . ? A CA 1115 ? 1_555 OD1 ? A ASP 103 ? A ASP 103  ? 1_555 145.2 ? 
38 OD1 ? A ASP 100 ? A ASP 100  ? 1_555 CA ? C CA . ? A CA 1115 ? 1_555 OD1 ? A ASP 103 ? A ASP 103  ? 1_555 78.1  ? 
39 OE1 ? A GLU 94  ? A GLU 94   ? 1_555 CA ? C CA . ? A CA 1115 ? 1_555 OD2 ? A ASP 103 ? A ASP 103  ? 1_555 83.1  ? 
40 OE2 ? A GLU 94  ? A GLU 94   ? 1_555 CA ? C CA . ? A CA 1115 ? 1_555 OD2 ? A ASP 103 ? A ASP 103  ? 1_555 79.4  ? 
41 OD1 ? A ASP 98  ? A ASP 98   ? 1_555 CA ? C CA . ? A CA 1115 ? 1_555 OD2 ? A ASP 103 ? A ASP 103  ? 1_555 163.3 ? 
42 OD1 ? A ASP 100 ? A ASP 100  ? 1_555 CA ? C CA . ? A CA 1115 ? 1_555 OD2 ? A ASP 103 ? A ASP 103  ? 1_555 104.9 ? 
43 OD1 ? A ASP 103 ? A ASP 103  ? 1_555 CA ? C CA . ? A CA 1115 ? 1_555 OD2 ? A ASP 103 ? A ASP 103  ? 1_555 51.3  ? 
44 OE1 ? A GLU 94  ? A GLU 94   ? 1_555 CA ? C CA . ? A CA 1115 ? 1_555 O3  ? D MMA .   ? A MMA 1116 ? 1_555 149.2 ? 
45 OE2 ? A GLU 94  ? A GLU 94   ? 1_555 CA ? C CA . ? A CA 1115 ? 1_555 O3  ? D MMA .   ? A MMA 1116 ? 1_555 144.9 ? 
46 OD1 ? A ASP 98  ? A ASP 98   ? 1_555 CA ? C CA . ? A CA 1115 ? 1_555 O3  ? D MMA .   ? A MMA 1116 ? 1_555 75.3  ? 
47 OD1 ? A ASP 100 ? A ASP 100  ? 1_555 CA ? C CA . ? A CA 1115 ? 1_555 O3  ? D MMA .   ? A MMA 1116 ? 1_555 77.3  ? 
48 OD1 ? A ASP 103 ? A ASP 103  ? 1_555 CA ? C CA . ? A CA 1115 ? 1_555 O3  ? D MMA .   ? A MMA 1116 ? 1_555 71.4  ? 
49 OD2 ? A ASP 103 ? A ASP 103  ? 1_555 CA ? C CA . ? A CA 1115 ? 1_555 O3  ? D MMA .   ? A MMA 1116 ? 1_555 119.5 ? 
50 OE1 ? A GLU 94  ? A GLU 94   ? 1_555 CA ? C CA . ? A CA 1115 ? 1_555 O4  ? D MMA .   ? A MMA 1116 ? 1_555 140.7 ? 
51 OE2 ? A GLU 94  ? A GLU 94   ? 1_555 CA ? C CA . ? A CA 1115 ? 1_555 O4  ? D MMA .   ? A MMA 1116 ? 1_555 87.6  ? 
52 OD1 ? A ASP 98  ? A ASP 98   ? 1_555 CA ? C CA . ? A CA 1115 ? 1_555 O4  ? D MMA .   ? A MMA 1116 ? 1_555 96.3  ? 
53 OD1 ? A ASP 100 ? A ASP 100  ? 1_555 CA ? C CA . ? A CA 1115 ? 1_555 O4  ? D MMA .   ? A MMA 1116 ? 1_555 142.8 ? 
54 OD1 ? A ASP 103 ? A ASP 103  ? 1_555 CA ? C CA . ? A CA 1115 ? 1_555 O4  ? D MMA .   ? A MMA 1116 ? 1_555 80.1  ? 
55 OD2 ? A ASP 103 ? A ASP 103  ? 1_555 CA ? C CA . ? A CA 1115 ? 1_555 O4  ? D MMA .   ? A MMA 1116 ? 1_555 83.8  ? 
56 O3  ? D MMA .   ? A MMA 1116 ? 1_555 CA ? C CA . ? A CA 1115 ? 1_555 O4  ? D MMA .   ? A MMA 1116 ? 1_555 67.3  ? 
# 
loop_
_pdbx_audit_revision_history.ordinal 
_pdbx_audit_revision_history.data_content_type 
_pdbx_audit_revision_history.major_revision 
_pdbx_audit_revision_history.minor_revision 
_pdbx_audit_revision_history.revision_date 
1 'Structure model' 1 0 2004-04-28 
2 'Structure model' 1 1 2011-05-08 
3 'Structure model' 1 2 2011-07-13 
4 'Structure model' 1 3 2018-06-27 
5 'Structure model' 1 4 2020-07-29 
6 'Structure model' 1 5 2023-12-13 
# 
loop_
_pdbx_audit_revision_details.ordinal 
_pdbx_audit_revision_details.revision_ordinal 
_pdbx_audit_revision_details.data_content_type 
_pdbx_audit_revision_details.provider 
_pdbx_audit_revision_details.type 
_pdbx_audit_revision_details.description 
_pdbx_audit_revision_details.details 
1 1 'Structure model' repository 'Initial release' ?                          ? 
2 5 'Structure model' repository Remediation       'Carbohydrate remediation' ? 
# 
loop_
_pdbx_audit_revision_group.ordinal 
_pdbx_audit_revision_group.revision_ordinal 
_pdbx_audit_revision_group.data_content_type 
_pdbx_audit_revision_group.group 
1  2 'Structure model' 'Version format compliance' 
2  3 'Structure model' 'Version format compliance' 
3  4 'Structure model' 'Data collection'           
4  4 'Structure model' 'Derived calculations'      
5  5 'Structure model' 'Data collection'           
6  5 'Structure model' 'Derived calculations'      
7  5 'Structure model' Other                       
8  5 'Structure model' 'Structure summary'         
9  6 'Structure model' 'Data collection'           
10 6 'Structure model' 'Database references'       
11 6 'Structure model' 'Refinement description'    
12 6 'Structure model' 'Structure summary'         
# 
loop_
_pdbx_audit_revision_category.ordinal 
_pdbx_audit_revision_category.revision_ordinal 
_pdbx_audit_revision_category.data_content_type 
_pdbx_audit_revision_category.category 
1  4 'Structure model' pdbx_struct_conn_angle        
2  4 'Structure model' struct_conn                   
3  5 'Structure model' chem_comp                     
4  5 'Structure model' entity                        
5  5 'Structure model' pdbx_chem_comp_identifier     
6  5 'Structure model' pdbx_database_status          
7  5 'Structure model' pdbx_entity_nonpoly           
8  5 'Structure model' pdbx_struct_conn_angle        
9  5 'Structure model' struct_conn                   
10 5 'Structure model' struct_site                   
11 5 'Structure model' struct_site_gen               
12 6 'Structure model' chem_comp                     
13 6 'Structure model' chem_comp_atom                
14 6 'Structure model' chem_comp_bond                
15 6 'Structure model' database_2                    
16 6 'Structure model' pdbx_initial_refinement_model 
# 
loop_
_pdbx_audit_revision_item.ordinal 
_pdbx_audit_revision_item.revision_ordinal 
_pdbx_audit_revision_item.data_content_type 
_pdbx_audit_revision_item.item 
1  4 'Structure model' '_pdbx_struct_conn_angle.ptnr1_auth_comp_id'  
2  4 'Structure model' '_pdbx_struct_conn_angle.ptnr1_auth_seq_id'   
3  4 'Structure model' '_pdbx_struct_conn_angle.ptnr1_label_asym_id' 
4  4 'Structure model' '_pdbx_struct_conn_angle.ptnr1_label_atom_id' 
5  4 'Structure model' '_pdbx_struct_conn_angle.ptnr1_label_comp_id' 
6  4 'Structure model' '_pdbx_struct_conn_angle.ptnr1_label_seq_id'  
7  4 'Structure model' '_pdbx_struct_conn_angle.ptnr1_symmetry'      
8  4 'Structure model' '_pdbx_struct_conn_angle.ptnr3_auth_comp_id'  
9  4 'Structure model' '_pdbx_struct_conn_angle.ptnr3_auth_seq_id'   
10 4 'Structure model' '_pdbx_struct_conn_angle.ptnr3_label_asym_id' 
11 4 'Structure model' '_pdbx_struct_conn_angle.ptnr3_label_atom_id' 
12 4 'Structure model' '_pdbx_struct_conn_angle.ptnr3_label_comp_id' 
13 4 'Structure model' '_pdbx_struct_conn_angle.ptnr3_label_seq_id'  
14 4 'Structure model' '_pdbx_struct_conn_angle.ptnr3_symmetry'      
15 4 'Structure model' '_pdbx_struct_conn_angle.value'               
16 4 'Structure model' '_struct_conn.pdbx_dist_value'                
17 4 'Structure model' '_struct_conn.ptnr1_auth_comp_id'             
18 4 'Structure model' '_struct_conn.ptnr1_auth_seq_id'              
19 4 'Structure model' '_struct_conn.ptnr1_label_asym_id'            
20 4 'Structure model' '_struct_conn.ptnr1_label_atom_id'            
21 4 'Structure model' '_struct_conn.ptnr1_label_comp_id'            
22 4 'Structure model' '_struct_conn.ptnr1_label_seq_id'             
23 4 'Structure model' '_struct_conn.ptnr2_auth_comp_id'             
24 4 'Structure model' '_struct_conn.ptnr2_auth_seq_id'              
25 4 'Structure model' '_struct_conn.ptnr2_label_asym_id'            
26 4 'Structure model' '_struct_conn.ptnr2_label_atom_id'            
27 4 'Structure model' '_struct_conn.ptnr2_label_comp_id'            
28 4 'Structure model' '_struct_conn.ptnr2_label_seq_id'             
29 4 'Structure model' '_struct_conn.ptnr2_symmetry'                 
30 5 'Structure model' '_chem_comp.mon_nstd_flag'                    
31 5 'Structure model' '_chem_comp.name'                             
32 5 'Structure model' '_chem_comp.type'                             
33 5 'Structure model' '_entity.pdbx_description'                    
34 5 'Structure model' '_pdbx_database_status.status_code_sf'        
35 5 'Structure model' '_pdbx_entity_nonpoly.name'                   
36 5 'Structure model' '_pdbx_struct_conn_angle.ptnr1_auth_comp_id'  
37 5 'Structure model' '_pdbx_struct_conn_angle.ptnr1_auth_seq_id'   
38 5 'Structure model' '_pdbx_struct_conn_angle.ptnr1_label_asym_id' 
39 5 'Structure model' '_pdbx_struct_conn_angle.ptnr1_label_atom_id' 
40 5 'Structure model' '_pdbx_struct_conn_angle.ptnr1_label_comp_id' 
41 5 'Structure model' '_pdbx_struct_conn_angle.ptnr1_label_seq_id'  
42 5 'Structure model' '_pdbx_struct_conn_angle.ptnr3_auth_comp_id'  
43 5 'Structure model' '_pdbx_struct_conn_angle.ptnr3_auth_seq_id'   
44 5 'Structure model' '_pdbx_struct_conn_angle.ptnr3_label_asym_id' 
45 5 'Structure model' '_pdbx_struct_conn_angle.ptnr3_label_atom_id' 
46 5 'Structure model' '_pdbx_struct_conn_angle.ptnr3_label_comp_id' 
47 5 'Structure model' '_pdbx_struct_conn_angle.ptnr3_label_seq_id'  
48 5 'Structure model' '_pdbx_struct_conn_angle.value'               
49 5 'Structure model' '_struct_conn.pdbx_dist_value'                
50 5 'Structure model' '_struct_conn.ptnr1_auth_comp_id'             
51 5 'Structure model' '_struct_conn.ptnr1_auth_seq_id'              
52 5 'Structure model' '_struct_conn.ptnr1_label_asym_id'            
53 5 'Structure model' '_struct_conn.ptnr1_label_atom_id'            
54 5 'Structure model' '_struct_conn.ptnr1_label_comp_id'            
55 5 'Structure model' '_struct_conn.ptnr1_label_seq_id'             
56 5 'Structure model' '_struct_conn.ptnr2_auth_comp_id'             
57 5 'Structure model' '_struct_conn.ptnr2_auth_seq_id'              
58 5 'Structure model' '_struct_conn.ptnr2_label_asym_id'            
59 5 'Structure model' '_struct_conn.ptnr2_label_atom_id'            
60 5 'Structure model' '_struct_conn.ptnr2_label_comp_id'            
61 5 'Structure model' '_struct_conn.ptnr2_symmetry'                 
62 6 'Structure model' '_chem_comp.pdbx_synonyms'                    
63 6 'Structure model' '_database_2.pdbx_DOI'                        
64 6 'Structure model' '_database_2.pdbx_database_accession'         
# 
loop_
_software.name 
_software.classification 
_software.version 
_software.citation_id 
_software.pdbx_ordinal 
REFMAC refinement       5.1.24 ? 1 
MOSFLM 'data reduction' .      ? 2 
SCALA  'data scaling'   .      ? 3 
MOLREP phasing          .      ? 4 
# 
_pdbx_database_remark.id     700 
_pdbx_database_remark.text   
;
SHEET
DETERMINATION METHOD: AUTHOR PROVIDED.
;
# 
_pdbx_entry_details.entry_id                 1UQX 
_pdbx_entry_details.compound_details         ? 
_pdbx_entry_details.source_details           ? 
_pdbx_entry_details.nonpolymer_details       ? 
_pdbx_entry_details.sequence_details         'SEQUENCE WITHOUT INITIATING METHIONINE' 
_pdbx_entry_details.has_ligand_of_interest   ? 
# 
_pdbx_validate_close_contact.id               1 
_pdbx_validate_close_contact.PDB_model_num    1 
_pdbx_validate_close_contact.auth_atom_id_1   O 
_pdbx_validate_close_contact.auth_asym_id_1   A 
_pdbx_validate_close_contact.auth_comp_id_1   HOH 
_pdbx_validate_close_contact.auth_seq_id_1    2158 
_pdbx_validate_close_contact.PDB_ins_code_1   ? 
_pdbx_validate_close_contact.label_alt_id_1   ? 
_pdbx_validate_close_contact.auth_atom_id_2   O 
_pdbx_validate_close_contact.auth_asym_id_2   A 
_pdbx_validate_close_contact.auth_comp_id_2   HOH 
_pdbx_validate_close_contact.auth_seq_id_2    2161 
_pdbx_validate_close_contact.PDB_ins_code_2   ? 
_pdbx_validate_close_contact.label_alt_id_2   ? 
_pdbx_validate_close_contact.dist             2.16 
# 
_pdbx_validate_symm_contact.id                1 
_pdbx_validate_symm_contact.PDB_model_num     1 
_pdbx_validate_symm_contact.auth_atom_id_1    O 
_pdbx_validate_symm_contact.auth_asym_id_1    A 
_pdbx_validate_symm_contact.auth_comp_id_1    HOH 
_pdbx_validate_symm_contact.auth_seq_id_1     2059 
_pdbx_validate_symm_contact.PDB_ins_code_1    ? 
_pdbx_validate_symm_contact.label_alt_id_1    ? 
_pdbx_validate_symm_contact.site_symmetry_1   1_555 
_pdbx_validate_symm_contact.auth_atom_id_2    O 
_pdbx_validate_symm_contact.auth_asym_id_2    A 
_pdbx_validate_symm_contact.auth_comp_id_2    HOH 
_pdbx_validate_symm_contact.auth_seq_id_2     2070 
_pdbx_validate_symm_contact.PDB_ins_code_2    ? 
_pdbx_validate_symm_contact.label_alt_id_2    ? 
_pdbx_validate_symm_contact.site_symmetry_2   8_455 
_pdbx_validate_symm_contact.dist              2.11 
# 
loop_
_pdbx_validate_torsion.id 
_pdbx_validate_torsion.PDB_model_num 
_pdbx_validate_torsion.auth_comp_id 
_pdbx_validate_torsion.auth_asym_id 
_pdbx_validate_torsion.auth_seq_id 
_pdbx_validate_torsion.PDB_ins_code 
_pdbx_validate_torsion.label_alt_id 
_pdbx_validate_torsion.phi 
_pdbx_validate_torsion.psi 
1 1 SER A 46 ? A -116.67 64.60  
2 1 SER A 46 ? B -119.34 63.59  
3 1 LYS A 85 ? ? -150.93 -43.87 
# 
_pdbx_distant_solvent_atoms.id                                1 
_pdbx_distant_solvent_atoms.PDB_model_num                     1 
_pdbx_distant_solvent_atoms.auth_atom_id                      O 
_pdbx_distant_solvent_atoms.label_alt_id                      ? 
_pdbx_distant_solvent_atoms.auth_asym_id                      A 
_pdbx_distant_solvent_atoms.auth_comp_id                      HOH 
_pdbx_distant_solvent_atoms.auth_seq_id                       2040 
_pdbx_distant_solvent_atoms.PDB_ins_code                      ? 
_pdbx_distant_solvent_atoms.neighbor_macromolecule_distance   5.81 
_pdbx_distant_solvent_atoms.neighbor_ligand_distance          . 
# 
loop_
_chem_comp_atom.comp_id 
_chem_comp_atom.atom_id 
_chem_comp_atom.type_symbol 
_chem_comp_atom.pdbx_aromatic_flag 
_chem_comp_atom.pdbx_stereo_config 
_chem_comp_atom.pdbx_ordinal 
ALA N    N  N N 1   
ALA CA   C  N S 2   
ALA C    C  N N 3   
ALA O    O  N N 4   
ALA CB   C  N N 5   
ALA OXT  O  N N 6   
ALA H    H  N N 7   
ALA H2   H  N N 8   
ALA HA   H  N N 9   
ALA HB1  H  N N 10  
ALA HB2  H  N N 11  
ALA HB3  H  N N 12  
ALA HXT  H  N N 13  
ASN N    N  N N 14  
ASN CA   C  N S 15  
ASN C    C  N N 16  
ASN O    O  N N 17  
ASN CB   C  N N 18  
ASN CG   C  N N 19  
ASN OD1  O  N N 20  
ASN ND2  N  N N 21  
ASN OXT  O  N N 22  
ASN H    H  N N 23  
ASN H2   H  N N 24  
ASN HA   H  N N 25  
ASN HB2  H  N N 26  
ASN HB3  H  N N 27  
ASN HD21 H  N N 28  
ASN HD22 H  N N 29  
ASN HXT  H  N N 30  
ASP N    N  N N 31  
ASP CA   C  N S 32  
ASP C    C  N N 33  
ASP O    O  N N 34  
ASP CB   C  N N 35  
ASP CG   C  N N 36  
ASP OD1  O  N N 37  
ASP OD2  O  N N 38  
ASP OXT  O  N N 39  
ASP H    H  N N 40  
ASP H2   H  N N 41  
ASP HA   H  N N 42  
ASP HB2  H  N N 43  
ASP HB3  H  N N 44  
ASP HD2  H  N N 45  
ASP HXT  H  N N 46  
CA  CA   CA N N 47  
GLN N    N  N N 48  
GLN CA   C  N S 49  
GLN C    C  N N 50  
GLN O    O  N N 51  
GLN CB   C  N N 52  
GLN CG   C  N N 53  
GLN CD   C  N N 54  
GLN OE1  O  N N 55  
GLN NE2  N  N N 56  
GLN OXT  O  N N 57  
GLN H    H  N N 58  
GLN H2   H  N N 59  
GLN HA   H  N N 60  
GLN HB2  H  N N 61  
GLN HB3  H  N N 62  
GLN HG2  H  N N 63  
GLN HG3  H  N N 64  
GLN HE21 H  N N 65  
GLN HE22 H  N N 66  
GLN HXT  H  N N 67  
GLU N    N  N N 68  
GLU CA   C  N S 69  
GLU C    C  N N 70  
GLU O    O  N N 71  
GLU CB   C  N N 72  
GLU CG   C  N N 73  
GLU CD   C  N N 74  
GLU OE1  O  N N 75  
GLU OE2  O  N N 76  
GLU OXT  O  N N 77  
GLU H    H  N N 78  
GLU H2   H  N N 79  
GLU HA   H  N N 80  
GLU HB2  H  N N 81  
GLU HB3  H  N N 82  
GLU HG2  H  N N 83  
GLU HG3  H  N N 84  
GLU HE2  H  N N 85  
GLU HXT  H  N N 86  
GLY N    N  N N 87  
GLY CA   C  N N 88  
GLY C    C  N N 89  
GLY O    O  N N 90  
GLY OXT  O  N N 91  
GLY H    H  N N 92  
GLY H2   H  N N 93  
GLY HA2  H  N N 94  
GLY HA3  H  N N 95  
GLY HXT  H  N N 96  
HOH O    O  N N 97  
HOH H1   H  N N 98  
HOH H2   H  N N 99  
ILE N    N  N N 100 
ILE CA   C  N S 101 
ILE C    C  N N 102 
ILE O    O  N N 103 
ILE CB   C  N S 104 
ILE CG1  C  N N 105 
ILE CG2  C  N N 106 
ILE CD1  C  N N 107 
ILE OXT  O  N N 108 
ILE H    H  N N 109 
ILE H2   H  N N 110 
ILE HA   H  N N 111 
ILE HB   H  N N 112 
ILE HG12 H  N N 113 
ILE HG13 H  N N 114 
ILE HG21 H  N N 115 
ILE HG22 H  N N 116 
ILE HG23 H  N N 117 
ILE HD11 H  N N 118 
ILE HD12 H  N N 119 
ILE HD13 H  N N 120 
ILE HXT  H  N N 121 
LEU N    N  N N 122 
LEU CA   C  N S 123 
LEU C    C  N N 124 
LEU O    O  N N 125 
LEU CB   C  N N 126 
LEU CG   C  N N 127 
LEU CD1  C  N N 128 
LEU CD2  C  N N 129 
LEU OXT  O  N N 130 
LEU H    H  N N 131 
LEU H2   H  N N 132 
LEU HA   H  N N 133 
LEU HB2  H  N N 134 
LEU HB3  H  N N 135 
LEU HG   H  N N 136 
LEU HD11 H  N N 137 
LEU HD12 H  N N 138 
LEU HD13 H  N N 139 
LEU HD21 H  N N 140 
LEU HD22 H  N N 141 
LEU HD23 H  N N 142 
LEU HXT  H  N N 143 
LYS N    N  N N 144 
LYS CA   C  N S 145 
LYS C    C  N N 146 
LYS O    O  N N 147 
LYS CB   C  N N 148 
LYS CG   C  N N 149 
LYS CD   C  N N 150 
LYS CE   C  N N 151 
LYS NZ   N  N N 152 
LYS OXT  O  N N 153 
LYS H    H  N N 154 
LYS H2   H  N N 155 
LYS HA   H  N N 156 
LYS HB2  H  N N 157 
LYS HB3  H  N N 158 
LYS HG2  H  N N 159 
LYS HG3  H  N N 160 
LYS HD2  H  N N 161 
LYS HD3  H  N N 162 
LYS HE2  H  N N 163 
LYS HE3  H  N N 164 
LYS HZ1  H  N N 165 
LYS HZ2  H  N N 166 
LYS HZ3  H  N N 167 
LYS HXT  H  N N 168 
MET N    N  N N 169 
MET CA   C  N S 170 
MET C    C  N N 171 
MET O    O  N N 172 
MET CB   C  N N 173 
MET CG   C  N N 174 
MET SD   S  N N 175 
MET CE   C  N N 176 
MET OXT  O  N N 177 
MET H    H  N N 178 
MET H2   H  N N 179 
MET HA   H  N N 180 
MET HB2  H  N N 181 
MET HB3  H  N N 182 
MET HG2  H  N N 183 
MET HG3  H  N N 184 
MET HE1  H  N N 185 
MET HE2  H  N N 186 
MET HE3  H  N N 187 
MET HXT  H  N N 188 
MMA C1   C  N S 189 
MMA C2   C  N S 190 
MMA C3   C  N S 191 
MMA C4   C  N S 192 
MMA C5   C  N R 193 
MMA C6   C  N N 194 
MMA C7   C  N N 195 
MMA O1   O  N N 196 
MMA O2   O  N N 197 
MMA O3   O  N N 198 
MMA O4   O  N N 199 
MMA O5   O  N N 200 
MMA O6   O  N N 201 
MMA H1   H  N N 202 
MMA H2   H  N N 203 
MMA H3   H  N N 204 
MMA H4   H  N N 205 
MMA H5   H  N N 206 
MMA H61  H  N N 207 
MMA H62  H  N N 208 
MMA H71  H  N N 209 
MMA H72  H  N N 210 
MMA H73  H  N N 211 
MMA HO2  H  N N 212 
MMA HO3  H  N N 213 
MMA HO4  H  N N 214 
MMA HO6  H  N N 215 
PHE N    N  N N 216 
PHE CA   C  N S 217 
PHE C    C  N N 218 
PHE O    O  N N 219 
PHE CB   C  N N 220 
PHE CG   C  Y N 221 
PHE CD1  C  Y N 222 
PHE CD2  C  Y N 223 
PHE CE1  C  Y N 224 
PHE CE2  C  Y N 225 
PHE CZ   C  Y N 226 
PHE OXT  O  N N 227 
PHE H    H  N N 228 
PHE H2   H  N N 229 
PHE HA   H  N N 230 
PHE HB2  H  N N 231 
PHE HB3  H  N N 232 
PHE HD1  H  N N 233 
PHE HD2  H  N N 234 
PHE HE1  H  N N 235 
PHE HE2  H  N N 236 
PHE HZ   H  N N 237 
PHE HXT  H  N N 238 
PRO N    N  N N 239 
PRO CA   C  N S 240 
PRO C    C  N N 241 
PRO O    O  N N 242 
PRO CB   C  N N 243 
PRO CG   C  N N 244 
PRO CD   C  N N 245 
PRO OXT  O  N N 246 
PRO H    H  N N 247 
PRO HA   H  N N 248 
PRO HB2  H  N N 249 
PRO HB3  H  N N 250 
PRO HG2  H  N N 251 
PRO HG3  H  N N 252 
PRO HD2  H  N N 253 
PRO HD3  H  N N 254 
PRO HXT  H  N N 255 
SER N    N  N N 256 
SER CA   C  N S 257 
SER C    C  N N 258 
SER O    O  N N 259 
SER CB   C  N N 260 
SER OG   O  N N 261 
SER OXT  O  N N 262 
SER H    H  N N 263 
SER H2   H  N N 264 
SER HA   H  N N 265 
SER HB2  H  N N 266 
SER HB3  H  N N 267 
SER HG   H  N N 268 
SER HXT  H  N N 269 
THR N    N  N N 270 
THR CA   C  N S 271 
THR C    C  N N 272 
THR O    O  N N 273 
THR CB   C  N R 274 
THR OG1  O  N N 275 
THR CG2  C  N N 276 
THR OXT  O  N N 277 
THR H    H  N N 278 
THR H2   H  N N 279 
THR HA   H  N N 280 
THR HB   H  N N 281 
THR HG1  H  N N 282 
THR HG21 H  N N 283 
THR HG22 H  N N 284 
THR HG23 H  N N 285 
THR HXT  H  N N 286 
TRP N    N  N N 287 
TRP CA   C  N S 288 
TRP C    C  N N 289 
TRP O    O  N N 290 
TRP CB   C  N N 291 
TRP CG   C  Y N 292 
TRP CD1  C  Y N 293 
TRP CD2  C  Y N 294 
TRP NE1  N  Y N 295 
TRP CE2  C  Y N 296 
TRP CE3  C  Y N 297 
TRP CZ2  C  Y N 298 
TRP CZ3  C  Y N 299 
TRP CH2  C  Y N 300 
TRP OXT  O  N N 301 
TRP H    H  N N 302 
TRP H2   H  N N 303 
TRP HA   H  N N 304 
TRP HB2  H  N N 305 
TRP HB3  H  N N 306 
TRP HD1  H  N N 307 
TRP HE1  H  N N 308 
TRP HE3  H  N N 309 
TRP HZ2  H  N N 310 
TRP HZ3  H  N N 311 
TRP HH2  H  N N 312 
TRP HXT  H  N N 313 
TYR N    N  N N 314 
TYR CA   C  N S 315 
TYR C    C  N N 316 
TYR O    O  N N 317 
TYR CB   C  N N 318 
TYR CG   C  Y N 319 
TYR CD1  C  Y N 320 
TYR CD2  C  Y N 321 
TYR CE1  C  Y N 322 
TYR CE2  C  Y N 323 
TYR CZ   C  Y N 324 
TYR OH   O  N N 325 
TYR OXT  O  N N 326 
TYR H    H  N N 327 
TYR H2   H  N N 328 
TYR HA   H  N N 329 
TYR HB2  H  N N 330 
TYR HB3  H  N N 331 
TYR HD1  H  N N 332 
TYR HD2  H  N N 333 
TYR HE1  H  N N 334 
TYR HE2  H  N N 335 
TYR HH   H  N N 336 
TYR HXT  H  N N 337 
VAL N    N  N N 338 
VAL CA   C  N S 339 
VAL C    C  N N 340 
VAL O    O  N N 341 
VAL CB   C  N N 342 
VAL CG1  C  N N 343 
VAL CG2  C  N N 344 
VAL OXT  O  N N 345 
VAL H    H  N N 346 
VAL H2   H  N N 347 
VAL HA   H  N N 348 
VAL HB   H  N N 349 
VAL HG11 H  N N 350 
VAL HG12 H  N N 351 
VAL HG13 H  N N 352 
VAL HG21 H  N N 353 
VAL HG22 H  N N 354 
VAL HG23 H  N N 355 
VAL HXT  H  N N 356 
# 
loop_
_chem_comp_bond.comp_id 
_chem_comp_bond.atom_id_1 
_chem_comp_bond.atom_id_2 
_chem_comp_bond.value_order 
_chem_comp_bond.pdbx_aromatic_flag 
_chem_comp_bond.pdbx_stereo_config 
_chem_comp_bond.pdbx_ordinal 
ALA N   CA   sing N N 1   
ALA N   H    sing N N 2   
ALA N   H2   sing N N 3   
ALA CA  C    sing N N 4   
ALA CA  CB   sing N N 5   
ALA CA  HA   sing N N 6   
ALA C   O    doub N N 7   
ALA C   OXT  sing N N 8   
ALA CB  HB1  sing N N 9   
ALA CB  HB2  sing N N 10  
ALA CB  HB3  sing N N 11  
ALA OXT HXT  sing N N 12  
ASN N   CA   sing N N 13  
ASN N   H    sing N N 14  
ASN N   H2   sing N N 15  
ASN CA  C    sing N N 16  
ASN CA  CB   sing N N 17  
ASN CA  HA   sing N N 18  
ASN C   O    doub N N 19  
ASN C   OXT  sing N N 20  
ASN CB  CG   sing N N 21  
ASN CB  HB2  sing N N 22  
ASN CB  HB3  sing N N 23  
ASN CG  OD1  doub N N 24  
ASN CG  ND2  sing N N 25  
ASN ND2 HD21 sing N N 26  
ASN ND2 HD22 sing N N 27  
ASN OXT HXT  sing N N 28  
ASP N   CA   sing N N 29  
ASP N   H    sing N N 30  
ASP N   H2   sing N N 31  
ASP CA  C    sing N N 32  
ASP CA  CB   sing N N 33  
ASP CA  HA   sing N N 34  
ASP C   O    doub N N 35  
ASP C   OXT  sing N N 36  
ASP CB  CG   sing N N 37  
ASP CB  HB2  sing N N 38  
ASP CB  HB3  sing N N 39  
ASP CG  OD1  doub N N 40  
ASP CG  OD2  sing N N 41  
ASP OD2 HD2  sing N N 42  
ASP OXT HXT  sing N N 43  
GLN N   CA   sing N N 44  
GLN N   H    sing N N 45  
GLN N   H2   sing N N 46  
GLN CA  C    sing N N 47  
GLN CA  CB   sing N N 48  
GLN CA  HA   sing N N 49  
GLN C   O    doub N N 50  
GLN C   OXT  sing N N 51  
GLN CB  CG   sing N N 52  
GLN CB  HB2  sing N N 53  
GLN CB  HB3  sing N N 54  
GLN CG  CD   sing N N 55  
GLN CG  HG2  sing N N 56  
GLN CG  HG3  sing N N 57  
GLN CD  OE1  doub N N 58  
GLN CD  NE2  sing N N 59  
GLN NE2 HE21 sing N N 60  
GLN NE2 HE22 sing N N 61  
GLN OXT HXT  sing N N 62  
GLU N   CA   sing N N 63  
GLU N   H    sing N N 64  
GLU N   H2   sing N N 65  
GLU CA  C    sing N N 66  
GLU CA  CB   sing N N 67  
GLU CA  HA   sing N N 68  
GLU C   O    doub N N 69  
GLU C   OXT  sing N N 70  
GLU CB  CG   sing N N 71  
GLU CB  HB2  sing N N 72  
GLU CB  HB3  sing N N 73  
GLU CG  CD   sing N N 74  
GLU CG  HG2  sing N N 75  
GLU CG  HG3  sing N N 76  
GLU CD  OE1  doub N N 77  
GLU CD  OE2  sing N N 78  
GLU OE2 HE2  sing N N 79  
GLU OXT HXT  sing N N 80  
GLY N   CA   sing N N 81  
GLY N   H    sing N N 82  
GLY N   H2   sing N N 83  
GLY CA  C    sing N N 84  
GLY CA  HA2  sing N N 85  
GLY CA  HA3  sing N N 86  
GLY C   O    doub N N 87  
GLY C   OXT  sing N N 88  
GLY OXT HXT  sing N N 89  
HOH O   H1   sing N N 90  
HOH O   H2   sing N N 91  
ILE N   CA   sing N N 92  
ILE N   H    sing N N 93  
ILE N   H2   sing N N 94  
ILE CA  C    sing N N 95  
ILE CA  CB   sing N N 96  
ILE CA  HA   sing N N 97  
ILE C   O    doub N N 98  
ILE C   OXT  sing N N 99  
ILE CB  CG1  sing N N 100 
ILE CB  CG2  sing N N 101 
ILE CB  HB   sing N N 102 
ILE CG1 CD1  sing N N 103 
ILE CG1 HG12 sing N N 104 
ILE CG1 HG13 sing N N 105 
ILE CG2 HG21 sing N N 106 
ILE CG2 HG22 sing N N 107 
ILE CG2 HG23 sing N N 108 
ILE CD1 HD11 sing N N 109 
ILE CD1 HD12 sing N N 110 
ILE CD1 HD13 sing N N 111 
ILE OXT HXT  sing N N 112 
LEU N   CA   sing N N 113 
LEU N   H    sing N N 114 
LEU N   H2   sing N N 115 
LEU CA  C    sing N N 116 
LEU CA  CB   sing N N 117 
LEU CA  HA   sing N N 118 
LEU C   O    doub N N 119 
LEU C   OXT  sing N N 120 
LEU CB  CG   sing N N 121 
LEU CB  HB2  sing N N 122 
LEU CB  HB3  sing N N 123 
LEU CG  CD1  sing N N 124 
LEU CG  CD2  sing N N 125 
LEU CG  HG   sing N N 126 
LEU CD1 HD11 sing N N 127 
LEU CD1 HD12 sing N N 128 
LEU CD1 HD13 sing N N 129 
LEU CD2 HD21 sing N N 130 
LEU CD2 HD22 sing N N 131 
LEU CD2 HD23 sing N N 132 
LEU OXT HXT  sing N N 133 
LYS N   CA   sing N N 134 
LYS N   H    sing N N 135 
LYS N   H2   sing N N 136 
LYS CA  C    sing N N 137 
LYS CA  CB   sing N N 138 
LYS CA  HA   sing N N 139 
LYS C   O    doub N N 140 
LYS C   OXT  sing N N 141 
LYS CB  CG   sing N N 142 
LYS CB  HB2  sing N N 143 
LYS CB  HB3  sing N N 144 
LYS CG  CD   sing N N 145 
LYS CG  HG2  sing N N 146 
LYS CG  HG3  sing N N 147 
LYS CD  CE   sing N N 148 
LYS CD  HD2  sing N N 149 
LYS CD  HD3  sing N N 150 
LYS CE  NZ   sing N N 151 
LYS CE  HE2  sing N N 152 
LYS CE  HE3  sing N N 153 
LYS NZ  HZ1  sing N N 154 
LYS NZ  HZ2  sing N N 155 
LYS NZ  HZ3  sing N N 156 
LYS OXT HXT  sing N N 157 
MET N   CA   sing N N 158 
MET N   H    sing N N 159 
MET N   H2   sing N N 160 
MET CA  C    sing N N 161 
MET CA  CB   sing N N 162 
MET CA  HA   sing N N 163 
MET C   O    doub N N 164 
MET C   OXT  sing N N 165 
MET CB  CG   sing N N 166 
MET CB  HB2  sing N N 167 
MET CB  HB3  sing N N 168 
MET CG  SD   sing N N 169 
MET CG  HG2  sing N N 170 
MET CG  HG3  sing N N 171 
MET SD  CE   sing N N 172 
MET CE  HE1  sing N N 173 
MET CE  HE2  sing N N 174 
MET CE  HE3  sing N N 175 
MET OXT HXT  sing N N 176 
MMA C1  C2   sing N N 177 
MMA C1  O1   sing N N 178 
MMA C1  O5   sing N N 179 
MMA C1  H1   sing N N 180 
MMA C2  C3   sing N N 181 
MMA C2  O2   sing N N 182 
MMA C2  H2   sing N N 183 
MMA C3  C4   sing N N 184 
MMA C3  O3   sing N N 185 
MMA C3  H3   sing N N 186 
MMA C4  C5   sing N N 187 
MMA C4  O4   sing N N 188 
MMA C4  H4   sing N N 189 
MMA C5  C6   sing N N 190 
MMA C5  O5   sing N N 191 
MMA C5  H5   sing N N 192 
MMA C6  O6   sing N N 193 
MMA C6  H61  sing N N 194 
MMA C6  H62  sing N N 195 
MMA C7  O1   sing N N 196 
MMA C7  H71  sing N N 197 
MMA C7  H72  sing N N 198 
MMA C7  H73  sing N N 199 
MMA O2  HO2  sing N N 200 
MMA O3  HO3  sing N N 201 
MMA O4  HO4  sing N N 202 
MMA O6  HO6  sing N N 203 
PHE N   CA   sing N N 204 
PHE N   H    sing N N 205 
PHE N   H2   sing N N 206 
PHE CA  C    sing N N 207 
PHE CA  CB   sing N N 208 
PHE CA  HA   sing N N 209 
PHE C   O    doub N N 210 
PHE C   OXT  sing N N 211 
PHE CB  CG   sing N N 212 
PHE CB  HB2  sing N N 213 
PHE CB  HB3  sing N N 214 
PHE CG  CD1  doub Y N 215 
PHE CG  CD2  sing Y N 216 
PHE CD1 CE1  sing Y N 217 
PHE CD1 HD1  sing N N 218 
PHE CD2 CE2  doub Y N 219 
PHE CD2 HD2  sing N N 220 
PHE CE1 CZ   doub Y N 221 
PHE CE1 HE1  sing N N 222 
PHE CE2 CZ   sing Y N 223 
PHE CE2 HE2  sing N N 224 
PHE CZ  HZ   sing N N 225 
PHE OXT HXT  sing N N 226 
PRO N   CA   sing N N 227 
PRO N   CD   sing N N 228 
PRO N   H    sing N N 229 
PRO CA  C    sing N N 230 
PRO CA  CB   sing N N 231 
PRO CA  HA   sing N N 232 
PRO C   O    doub N N 233 
PRO C   OXT  sing N N 234 
PRO CB  CG   sing N N 235 
PRO CB  HB2  sing N N 236 
PRO CB  HB3  sing N N 237 
PRO CG  CD   sing N N 238 
PRO CG  HG2  sing N N 239 
PRO CG  HG3  sing N N 240 
PRO CD  HD2  sing N N 241 
PRO CD  HD3  sing N N 242 
PRO OXT HXT  sing N N 243 
SER N   CA   sing N N 244 
SER N   H    sing N N 245 
SER N   H2   sing N N 246 
SER CA  C    sing N N 247 
SER CA  CB   sing N N 248 
SER CA  HA   sing N N 249 
SER C   O    doub N N 250 
SER C   OXT  sing N N 251 
SER CB  OG   sing N N 252 
SER CB  HB2  sing N N 253 
SER CB  HB3  sing N N 254 
SER OG  HG   sing N N 255 
SER OXT HXT  sing N N 256 
THR N   CA   sing N N 257 
THR N   H    sing N N 258 
THR N   H2   sing N N 259 
THR CA  C    sing N N 260 
THR CA  CB   sing N N 261 
THR CA  HA   sing N N 262 
THR C   O    doub N N 263 
THR C   OXT  sing N N 264 
THR CB  OG1  sing N N 265 
THR CB  CG2  sing N N 266 
THR CB  HB   sing N N 267 
THR OG1 HG1  sing N N 268 
THR CG2 HG21 sing N N 269 
THR CG2 HG22 sing N N 270 
THR CG2 HG23 sing N N 271 
THR OXT HXT  sing N N 272 
TRP N   CA   sing N N 273 
TRP N   H    sing N N 274 
TRP N   H2   sing N N 275 
TRP CA  C    sing N N 276 
TRP CA  CB   sing N N 277 
TRP CA  HA   sing N N 278 
TRP C   O    doub N N 279 
TRP C   OXT  sing N N 280 
TRP CB  CG   sing N N 281 
TRP CB  HB2  sing N N 282 
TRP CB  HB3  sing N N 283 
TRP CG  CD1  doub Y N 284 
TRP CG  CD2  sing Y N 285 
TRP CD1 NE1  sing Y N 286 
TRP CD1 HD1  sing N N 287 
TRP CD2 CE2  doub Y N 288 
TRP CD2 CE3  sing Y N 289 
TRP NE1 CE2  sing Y N 290 
TRP NE1 HE1  sing N N 291 
TRP CE2 CZ2  sing Y N 292 
TRP CE3 CZ3  doub Y N 293 
TRP CE3 HE3  sing N N 294 
TRP CZ2 CH2  doub Y N 295 
TRP CZ2 HZ2  sing N N 296 
TRP CZ3 CH2  sing Y N 297 
TRP CZ3 HZ3  sing N N 298 
TRP CH2 HH2  sing N N 299 
TRP OXT HXT  sing N N 300 
TYR N   CA   sing N N 301 
TYR N   H    sing N N 302 
TYR N   H2   sing N N 303 
TYR CA  C    sing N N 304 
TYR CA  CB   sing N N 305 
TYR CA  HA   sing N N 306 
TYR C   O    doub N N 307 
TYR C   OXT  sing N N 308 
TYR CB  CG   sing N N 309 
TYR CB  HB2  sing N N 310 
TYR CB  HB3  sing N N 311 
TYR CG  CD1  doub Y N 312 
TYR CG  CD2  sing Y N 313 
TYR CD1 CE1  sing Y N 314 
TYR CD1 HD1  sing N N 315 
TYR CD2 CE2  doub Y N 316 
TYR CD2 HD2  sing N N 317 
TYR CE1 CZ   doub Y N 318 
TYR CE1 HE1  sing N N 319 
TYR CE2 CZ   sing Y N 320 
TYR CE2 HE2  sing N N 321 
TYR CZ  OH   sing N N 322 
TYR OH  HH   sing N N 323 
TYR OXT HXT  sing N N 324 
VAL N   CA   sing N N 325 
VAL N   H    sing N N 326 
VAL N   H2   sing N N 327 
VAL CA  C    sing N N 328 
VAL CA  CB   sing N N 329 
VAL CA  HA   sing N N 330 
VAL C   O    doub N N 331 
VAL C   OXT  sing N N 332 
VAL CB  CG1  sing N N 333 
VAL CB  CG2  sing N N 334 
VAL CB  HB   sing N N 335 
VAL CG1 HG11 sing N N 336 
VAL CG1 HG12 sing N N 337 
VAL CG1 HG13 sing N N 338 
VAL CG2 HG21 sing N N 339 
VAL CG2 HG22 sing N N 340 
VAL CG2 HG23 sing N N 341 
VAL OXT HXT  sing N N 342 
# 
loop_
_pdbx_chem_comp_identifier.comp_id 
_pdbx_chem_comp_identifier.type 
_pdbx_chem_comp_identifier.program 
_pdbx_chem_comp_identifier.program_version 
_pdbx_chem_comp_identifier.identifier 
MMA 'CONDENSED IUPAC CARBOHYDRATE SYMBOL' GMML     1.0 'DManp[1Me]a'              
MMA 'COMMON NAME'                         GMML     1.0 1-methyl-a-D-mannopyranose 
MMA 'IUPAC CARBOHYDRATE SYMBOL'           PDB-CARE 1.0 o1-methyl-mannose          
# 
loop_
_pdbx_entity_nonpoly.entity_id 
_pdbx_entity_nonpoly.name 
_pdbx_entity_nonpoly.comp_id 
2 'CALCIUM ION'                    CA  
3 'methyl alpha-D-mannopyranoside' MMA 
4 water                            HOH 
# 
_pdbx_initial_refinement_model.id               1 
_pdbx_initial_refinement_model.entity_id_list   ? 
_pdbx_initial_refinement_model.type             'experimental model' 
_pdbx_initial_refinement_model.source_name      PDB 
_pdbx_initial_refinement_model.accession_code   1GZT 
_pdbx_initial_refinement_model.details          'PDB ENTRY 1GZT' 
# 
